data_7JLE
# 
_entry.id   7JLE 
# 
_audit_conform.dict_name       mmcif_pdbx.dic 
_audit_conform.dict_version    5.380 
_audit_conform.dict_location   http://mmcif.pdb.org/dictionaries/ascii/mmcif_pdbx.dic 
# 
loop_
_database_2.database_id 
_database_2.database_code 
_database_2.pdbx_database_accession 
_database_2.pdbx_DOI 
PDB   7JLE         pdb_00007jle 10.2210/pdb7jle/pdb 
WWPDB D_1000250909 ?            ?                   
# 
_pdbx_database_status.status_code                     REL 
_pdbx_database_status.status_code_sf                  REL 
_pdbx_database_status.status_code_mr                  ? 
_pdbx_database_status.entry_id                        7JLE 
_pdbx_database_status.recvd_initial_deposition_date   2020-07-29 
_pdbx_database_status.SG_entry                        N 
_pdbx_database_status.deposit_site                    RCSB 
_pdbx_database_status.process_site                    RCSB 
_pdbx_database_status.status_code_cs                  ? 
_pdbx_database_status.status_code_nmr_data            ? 
_pdbx_database_status.methods_development_category    ? 
_pdbx_database_status.pdb_format_compatible           Y 
# 
loop_
_audit_author.name 
_audit_author.pdbx_ordinal 
_audit_author.identifier_ORCID 
'Simmons, C.R.'      1 0000-0002-2290-6132 
'MacCulloch, T.'     2 0000-0001-5875-3361 
'Stephanopoulos, N.' 3 0000-0001-7859-410X 
'Yan, H.'            4 0000-0001-7397-9852 
# 
_citation.abstract                  ? 
_citation.abstract_id_CAS           ? 
_citation.book_id_ISBN              ? 
_citation.book_publisher            ? 
_citation.book_publisher_city       ? 
_citation.book_title                ? 
_citation.coordinate_linkage        ? 
_citation.country                   UK 
_citation.database_id_Medline       ? 
_citation.details                   ? 
_citation.id                        primary 
_citation.journal_abbrev            'Nat Commun' 
_citation.journal_id_ASTM           ? 
_citation.journal_id_CSD            ? 
_citation.journal_id_ISSN           2041-1723 
_citation.journal_full              ? 
_citation.journal_issue             ? 
_citation.journal_volume            13 
_citation.language                  ? 
_citation.page_first                3112 
_citation.page_last                 3112 
_citation.title                     'The influence of Holliday junction sequence and dynamics on DNA crystal self-assembly.' 
_citation.year                      2022 
_citation.database_id_CSD           ? 
_citation.pdbx_database_id_DOI      10.1038/s41467-022-30779-6 
_citation.pdbx_database_id_PubMed   35662248 
_citation.unpublished_flag          ? 
# 
loop_
_citation_author.citation_id 
_citation_author.name 
_citation_author.ordinal 
_citation_author.identifier_ORCID 
primary 'Simmons, C.R.'      1  ?                   
primary 'MacCulloch, T.'     2  ?                   
primary 'Krepl, M.'          3  0000-0002-9833-4281 
primary 'Matthies, M.'       4  ?                   
primary 'Buchberger, A.'     5  ?                   
primary 'Crawford, I.'       6  ?                   
primary 'Sponer, J.'         7  0000-0001-6558-6186 
primary 'Sulc, P.'           8  0000-0003-1565-6769 
primary 'Stephanopoulos, N.' 9  0000-0001-7859-410X 
primary 'Yan, H.'            10 0000-0001-7397-9852 
# 
_cell.angle_alpha                  90.000 
_cell.angle_alpha_esd              ? 
_cell.angle_beta                   90.000 
_cell.angle_beta_esd               ? 
_cell.angle_gamma                  120.000 
_cell.angle_gamma_esd              ? 
_cell.entry_id                     7JLE 
_cell.details                      ? 
_cell.formula_units_Z              ? 
_cell.length_a                     114.257 
_cell.length_a_esd                 ? 
_cell.length_b                     114.257 
_cell.length_b_esd                 ? 
_cell.length_c                     51.464 
_cell.length_c_esd                 ? 
_cell.volume                       ? 
_cell.volume_esd                   ? 
_cell.Z_PDB                        9 
_cell.reciprocal_angle_alpha       ? 
_cell.reciprocal_angle_beta        ? 
_cell.reciprocal_angle_gamma       ? 
_cell.reciprocal_angle_alpha_esd   ? 
_cell.reciprocal_angle_beta_esd    ? 
_cell.reciprocal_angle_gamma_esd   ? 
_cell.reciprocal_length_a          ? 
_cell.reciprocal_length_b          ? 
_cell.reciprocal_length_c          ? 
_cell.reciprocal_length_a_esd      ? 
_cell.reciprocal_length_b_esd      ? 
_cell.reciprocal_length_c_esd      ? 
_cell.pdbx_unique_axis             ? 
# 
_symmetry.entry_id                         7JLE 
_symmetry.cell_setting                     ? 
_symmetry.Int_Tables_number                146 
_symmetry.space_group_name_Hall            ? 
_symmetry.space_group_name_H-M             'H 3' 
_symmetry.pdbx_full_space_group_name_H-M   ? 
# 
loop_
_entity.id 
_entity.type 
_entity.src_method 
_entity.pdbx_description 
_entity.formula_weight 
_entity.pdbx_number_of_molecules 
_entity.pdbx_ec 
_entity.pdbx_mutation 
_entity.pdbx_fragment 
_entity.details 
1 polymer     syn 
;DNA (5'-D(*GP*AP*AP*CP*GP*AP*CP*AP*CP*TP*GP*AP*CP*GP*AP*CP*GP*AP*CP*TP*C)-3')
;
6426.177 1 ? ? ? ? 
2 polymer     syn 
;DNA (5'-D(*TP*CP*GP*AP*GP*TP*CP*G)-3')
;
2442.616 1 ? ? ? ? 
3 polymer     syn 
;DNA (5'-D(P*GP*TP*GP*TP*CP*GP*T)-3')
;
2144.420 1 ? ? ? ? 
4 polymer     syn 
;DNA (5'-D(P*TP*CP*GP*TP*CP*A)-3')
;
1784.204 1 ? ? ? ? 
5 non-polymer syn 'MAGNESIUM ION'                                                                 24.305   3 ? ? ? ? 
# 
loop_
_entity_poly.entity_id 
_entity_poly.type 
_entity_poly.nstd_linkage 
_entity_poly.nstd_monomer 
_entity_poly.pdbx_seq_one_letter_code 
_entity_poly.pdbx_seq_one_letter_code_can 
_entity_poly.pdbx_strand_id 
_entity_poly.pdbx_target_identifier 
1 polydeoxyribonucleotide no no 
;(DG)(DA)(DA)(DC)(DG)(DA)(DC)(DA)(DC)(DT)(DG)(DA)(DC)(DG)(DA)(DC)(DG)(DA)(DC)(DT)
(DC)
;
GAACGACACTGACGACGACTC B ? 
2 polydeoxyribonucleotide no no '(DT)(DC)(DG)(DA)(DG)(DT)(DC)(DG)'                                                      TCGAGTCG C 
? 
3 polydeoxyribonucleotide no no '(DG)(DT)(DG)(DT)(DC)(DG)(DT)'                                                          GTGTCGT D 
? 
4 polydeoxyribonucleotide no no '(DT)(DC)(DG)(DT)(DC)(DA)'                                                              TCGTCA A ? 
# 
loop_
_entity_poly_seq.entity_id 
_entity_poly_seq.num 
_entity_poly_seq.mon_id 
_entity_poly_seq.hetero 
1 1  DG n 
1 2  DA n 
1 3  DA n 
1 4  DC n 
1 5  DG n 
1 6  DA n 
1 7  DC n 
1 8  DA n 
1 9  DC n 
1 10 DT n 
1 11 DG n 
1 12 DA n 
1 13 DC n 
1 14 DG n 
1 15 DA n 
1 16 DC n 
1 17 DG n 
1 18 DA n 
1 19 DC n 
1 20 DT n 
1 21 DC n 
2 1  DT n 
2 2  DC n 
2 3  DG n 
2 4  DA n 
2 5  DG n 
2 6  DT n 
2 7  DC n 
2 8  DG n 
3 1  DG n 
3 2  DT n 
3 3  DG n 
3 4  DT n 
3 5  DC n 
3 6  DG n 
3 7  DT n 
4 1  DT n 
4 2  DC n 
4 3  DG n 
4 4  DT n 
4 5  DC n 
4 6  DA n 
# 
loop_
_pdbx_entity_src_syn.entity_id 
_pdbx_entity_src_syn.pdbx_src_id 
_pdbx_entity_src_syn.pdbx_alt_source_flag 
_pdbx_entity_src_syn.pdbx_beg_seq_num 
_pdbx_entity_src_syn.pdbx_end_seq_num 
_pdbx_entity_src_syn.organism_scientific 
_pdbx_entity_src_syn.organism_common_name 
_pdbx_entity_src_syn.ncbi_taxonomy_id 
_pdbx_entity_src_syn.details 
1 1 sample 1 21 'synthetic construct' ? 32630 ? 
2 1 sample 1 8  'synthetic construct' ? 32630 ? 
3 1 sample 1 7  'synthetic construct' ? 32630 ? 
4 1 sample 1 6  'synthetic construct' ? 32630 ? 
# 
loop_
_struct_ref.id 
_struct_ref.db_name 
_struct_ref.db_code 
_struct_ref.pdbx_db_accession 
_struct_ref.pdbx_db_isoform 
_struct_ref.entity_id 
_struct_ref.pdbx_seq_one_letter_code 
_struct_ref.pdbx_align_begin 
1 PDB 7JLE 7JLE ? 1 ? 1 
2 PDB 7JLE 7JLE ? 2 ? 1 
3 PDB 7JLE 7JLE ? 3 ? 1 
4 PDB 7JLE 7JLE ? 4 ? 1 
# 
loop_
_struct_ref_seq.align_id 
_struct_ref_seq.ref_id 
_struct_ref_seq.pdbx_PDB_id_code 
_struct_ref_seq.pdbx_strand_id 
_struct_ref_seq.seq_align_beg 
_struct_ref_seq.pdbx_seq_align_beg_ins_code 
_struct_ref_seq.seq_align_end 
_struct_ref_seq.pdbx_seq_align_end_ins_code 
_struct_ref_seq.pdbx_db_accession 
_struct_ref_seq.db_align_beg 
_struct_ref_seq.pdbx_db_align_beg_ins_code 
_struct_ref_seq.db_align_end 
_struct_ref_seq.pdbx_db_align_end_ins_code 
_struct_ref_seq.pdbx_auth_seq_align_beg 
_struct_ref_seq.pdbx_auth_seq_align_end 
1 1 7JLE B 1 ? 21 ? 7JLE 7  ? 27 ? 7  27 
2 2 7JLE C 1 ? 8  ? 7JLE 28 ? 35 ? 28 35 
3 3 7JLE D 1 ? 7  ? 7JLE 36 ? 42 ? 36 42 
4 4 7JLE A 1 ? 6  ? 7JLE 1  ? 6  ? 1  6  
# 
loop_
_chem_comp.id 
_chem_comp.type 
_chem_comp.mon_nstd_flag 
_chem_comp.name 
_chem_comp.pdbx_synonyms 
_chem_comp.formula 
_chem_comp.formula_weight 
DA 'DNA linking' y "2'-DEOXYADENOSINE-5'-MONOPHOSPHATE" ? 'C10 H14 N5 O6 P' 331.222 
DC 'DNA linking' y "2'-DEOXYCYTIDINE-5'-MONOPHOSPHATE"  ? 'C9 H14 N3 O7 P'  307.197 
DG 'DNA linking' y "2'-DEOXYGUANOSINE-5'-MONOPHOSPHATE" ? 'C10 H14 N5 O7 P' 347.221 
DT 'DNA linking' y "THYMIDINE-5'-MONOPHOSPHATE"         ? 'C10 H15 N2 O8 P' 322.208 
MG non-polymer   . 'MAGNESIUM ION'                      ? 'Mg 2'            24.305  
# 
_exptl.absorpt_coefficient_mu     ? 
_exptl.absorpt_correction_T_max   ? 
_exptl.absorpt_correction_T_min   ? 
_exptl.absorpt_correction_type    ? 
_exptl.absorpt_process_details    ? 
_exptl.entry_id                   7JLE 
_exptl.crystals_number            1 
_exptl.details                    ? 
_exptl.method                     'X-RAY DIFFRACTION' 
_exptl.method_details             ? 
# 
_exptl_crystal.colour                      ? 
_exptl_crystal.density_diffrn              ? 
_exptl_crystal.density_Matthews            5.05 
_exptl_crystal.density_method              ? 
_exptl_crystal.density_percent_sol         75.65 
_exptl_crystal.description                 ? 
_exptl_crystal.F_000                       ? 
_exptl_crystal.id                          1 
_exptl_crystal.preparation                 ? 
_exptl_crystal.size_max                    ? 
_exptl_crystal.size_mid                    ? 
_exptl_crystal.size_min                    ? 
_exptl_crystal.size_rad                    ? 
_exptl_crystal.colour_lustre               ? 
_exptl_crystal.colour_modifier             ? 
_exptl_crystal.colour_primary              ? 
_exptl_crystal.density_meas                ? 
_exptl_crystal.density_meas_esd            ? 
_exptl_crystal.density_meas_gt             ? 
_exptl_crystal.density_meas_lt             ? 
_exptl_crystal.density_meas_temp           ? 
_exptl_crystal.density_meas_temp_esd       ? 
_exptl_crystal.density_meas_temp_gt        ? 
_exptl_crystal.density_meas_temp_lt        ? 
_exptl_crystal.pdbx_crystal_image_url      ? 
_exptl_crystal.pdbx_crystal_image_format   ? 
_exptl_crystal.pdbx_mosaicity              ? 
_exptl_crystal.pdbx_mosaicity_esd          ? 
# 
_exptl_crystal_grow.apparatus       ? 
_exptl_crystal_grow.atmosphere      ? 
_exptl_crystal_grow.crystal_id      1 
_exptl_crystal_grow.details         ? 
_exptl_crystal_grow.method          'VAPOR DIFFUSION, SITTING DROP' 
_exptl_crystal_grow.method_ref      ? 
_exptl_crystal_grow.pH              ? 
_exptl_crystal_grow.pressure        ? 
_exptl_crystal_grow.pressure_esd    ? 
_exptl_crystal_grow.seeding         ? 
_exptl_crystal_grow.seeding_ref     ? 
_exptl_crystal_grow.temp            298 
_exptl_crystal_grow.temp_details    'temperature gradient generated from 60 to 25 C at 0.3 degrees per hour' 
_exptl_crystal_grow.temp_esd        ? 
_exptl_crystal_grow.time            ? 
_exptl_crystal_grow.pdbx_details    
;0.5 mL of0.05 M HEPES pH 7.5 with 80 mM MgCl2 and 2.5 mM spermine was added to the reservoir with 2 uL added to the drop containing 4 uL of DNA stock
;
_exptl_crystal_grow.pdbx_pH_range   ? 
# 
_diffrn.ambient_environment              ? 
_diffrn.ambient_temp                     100 
_diffrn.ambient_temp_details             ? 
_diffrn.ambient_temp_esd                 ? 
_diffrn.crystal_id                       1 
_diffrn.crystal_support                  ? 
_diffrn.crystal_treatment                ? 
_diffrn.details                          ? 
_diffrn.id                               1 
_diffrn.ambient_pressure                 ? 
_diffrn.ambient_pressure_esd             ? 
_diffrn.ambient_pressure_gt              ? 
_diffrn.ambient_pressure_lt              ? 
_diffrn.ambient_temp_gt                  ? 
_diffrn.ambient_temp_lt                  ? 
_diffrn.pdbx_serial_crystal_experiment   N 
# 
_diffrn_detector.details                      ? 
_diffrn_detector.detector                     PIXEL 
_diffrn_detector.diffrn_id                    1 
_diffrn_detector.type                         'DECTRIS PILATUS3 6M' 
_diffrn_detector.area_resol_mean              ? 
_diffrn_detector.dtime                        ? 
_diffrn_detector.pdbx_frames_total            ? 
_diffrn_detector.pdbx_collection_time_total   ? 
_diffrn_detector.pdbx_collection_date         2019-08-15 
_diffrn_detector.pdbx_frequency               ? 
# 
_diffrn_radiation.collimation                      ? 
_diffrn_radiation.diffrn_id                        1 
_diffrn_radiation.filter_edge                      ? 
_diffrn_radiation.inhomogeneity                    ? 
_diffrn_radiation.monochromator                    ? 
_diffrn_radiation.polarisn_norm                    ? 
_diffrn_radiation.polarisn_ratio                   ? 
_diffrn_radiation.probe                            ? 
_diffrn_radiation.type                             ? 
_diffrn_radiation.xray_symbol                      ? 
_diffrn_radiation.wavelength_id                    1 
_diffrn_radiation.pdbx_monochromatic_or_laue_m_l   M 
_diffrn_radiation.pdbx_wavelength_list             ? 
_diffrn_radiation.pdbx_wavelength                  ? 
_diffrn_radiation.pdbx_diffrn_protocol             'SINGLE WAVELENGTH' 
_diffrn_radiation.pdbx_analyzer                    ? 
_diffrn_radiation.pdbx_scattering_type             x-ray 
# 
_diffrn_radiation_wavelength.id           1 
_diffrn_radiation_wavelength.wavelength   1 
_diffrn_radiation_wavelength.wt           1.0 
# 
_diffrn_source.current                     ? 
_diffrn_source.details                     ? 
_diffrn_source.diffrn_id                   1 
_diffrn_source.power                       ? 
_diffrn_source.size                        ? 
_diffrn_source.source                      SYNCHROTRON 
_diffrn_source.target                      ? 
_diffrn_source.type                        'APS BEAMLINE 19-ID' 
_diffrn_source.voltage                     ? 
_diffrn_source.take-off_angle              ? 
_diffrn_source.pdbx_wavelength_list        1 
_diffrn_source.pdbx_wavelength             ? 
_diffrn_source.pdbx_synchrotron_beamline   19-ID 
_diffrn_source.pdbx_synchrotron_site       APS 
# 
_reflns.B_iso_Wilson_estimate            94.460 
_reflns.entry_id                         7JLE 
_reflns.data_reduction_details           ? 
_reflns.data_reduction_method            ? 
_reflns.d_resolution_high                3.000 
_reflns.d_resolution_low                 50.000 
_reflns.details                          ? 
_reflns.limit_h_max                      ? 
_reflns.limit_h_min                      ? 
_reflns.limit_k_max                      ? 
_reflns.limit_k_min                      ? 
_reflns.limit_l_max                      ? 
_reflns.limit_l_min                      ? 
_reflns.number_all                       ? 
_reflns.number_obs                       4894 
_reflns.observed_criterion               ? 
_reflns.observed_criterion_F_max         ? 
_reflns.observed_criterion_F_min         ? 
_reflns.observed_criterion_I_max         ? 
_reflns.observed_criterion_I_min         ? 
_reflns.observed_criterion_sigma_F       ? 
_reflns.observed_criterion_sigma_I       ? 
_reflns.percent_possible_obs             99.700 
_reflns.R_free_details                   ? 
_reflns.Rmerge_F_all                     ? 
_reflns.Rmerge_F_obs                     ? 
_reflns.Friedel_coverage                 ? 
_reflns.number_gt                        ? 
_reflns.threshold_expression             ? 
_reflns.pdbx_redundancy                  10.400 
_reflns.pdbx_Rmerge_I_obs                0.102 
_reflns.pdbx_Rmerge_I_all                ? 
_reflns.pdbx_Rsym_value                  ? 
_reflns.pdbx_netI_over_av_sigmaI         ? 
_reflns.pdbx_netI_over_sigmaI            8.700 
_reflns.pdbx_res_netI_over_av_sigmaI_2   ? 
_reflns.pdbx_res_netI_over_sigmaI_2      ? 
_reflns.pdbx_chi_squared                 4.645 
_reflns.pdbx_scaling_rejects             ? 
_reflns.pdbx_d_res_high_opt              ? 
_reflns.pdbx_d_res_low_opt               ? 
_reflns.pdbx_d_res_opt_method            ? 
_reflns.phase_calculation_details        ? 
_reflns.pdbx_Rrim_I_all                  0.107 
_reflns.pdbx_Rpim_I_all                  0.034 
_reflns.pdbx_d_opt                       ? 
_reflns.pdbx_number_measured_all         ? 
_reflns.pdbx_diffrn_id                   1 
_reflns.pdbx_ordinal                     1 
_reflns.pdbx_CC_half                     1 
_reflns.pdbx_CC_star                     ? 
_reflns.pdbx_R_split                     ? 
# 
loop_
_reflns_shell.d_res_high 
_reflns_shell.d_res_low 
_reflns_shell.meanI_over_sigI_all 
_reflns_shell.meanI_over_sigI_obs 
_reflns_shell.number_measured_all 
_reflns_shell.number_measured_obs 
_reflns_shell.number_possible 
_reflns_shell.number_unique_all 
_reflns_shell.number_unique_obs 
_reflns_shell.percent_possible_all 
_reflns_shell.percent_possible_obs 
_reflns_shell.Rmerge_F_all 
_reflns_shell.Rmerge_F_obs 
_reflns_shell.Rmerge_I_all 
_reflns_shell.Rmerge_I_obs 
_reflns_shell.meanI_over_sigI_gt 
_reflns_shell.meanI_over_uI_all 
_reflns_shell.meanI_over_uI_gt 
_reflns_shell.number_measured_gt 
_reflns_shell.number_unique_gt 
_reflns_shell.percent_possible_gt 
_reflns_shell.Rmerge_F_gt 
_reflns_shell.Rmerge_I_gt 
_reflns_shell.pdbx_redundancy 
_reflns_shell.pdbx_Rsym_value 
_reflns_shell.pdbx_chi_squared 
_reflns_shell.pdbx_netI_over_sigmaI_all 
_reflns_shell.pdbx_netI_over_sigmaI_obs 
_reflns_shell.pdbx_Rrim_I_all 
_reflns_shell.pdbx_Rpim_I_all 
_reflns_shell.pdbx_rejects 
_reflns_shell.pdbx_ordinal 
_reflns_shell.pdbx_diffrn_id 
_reflns_shell.pdbx_CC_half 
_reflns_shell.pdbx_CC_star 
_reflns_shell.pdbx_R_split 
3.000 3.050  ? ? ? ? ? ? 255 100.000 ? ? ? ? 0.667 ? ? ? ? ? ? ? ? 9.300  ? 0.477  ? ? 0.705 0.225 ? 1  1 0.920 ? ? 
3.050 3.110  ? ? ? ? ? ? 247 100.000 ? ? ? ? 0.378 ? ? ? ? ? ? ? ? 10.200 ? 0.548  ? ? 0.397 0.121 ? 2  1 0.980 ? ? 
3.110 3.170  ? ? ? ? ? ? 240 100.000 ? ? ? ? 0.145 ? ? ? ? ? ? ? ? 10.100 ? 0.744  ? ? 0.152 0.046 ? 3  1 0.997 ? ? 
3.170 3.230  ? ? ? ? ? ? 251 100.000 ? ? ? ? 0.114 ? ? ? ? ? ? ? ? 10.700 ? 0.861  ? ? 0.119 0.035 ? 4  1 0.999 ? ? 
3.230 3.300  ? ? ? ? ? ? 225 100.000 ? ? ? ? 0.132 ? ? ? ? ? ? ? ? 10.600 ? 1.007  ? ? 0.138 0.041 ? 5  1 0.997 ? ? 
3.300 3.380  ? ? ? ? ? ? 272 100.000 ? ? ? ? 0.109 ? ? ? ? ? ? ? ? 10.300 ? 1.182  ? ? 0.115 0.036 ? 6  1 0.997 ? ? 
3.380 3.460  ? ? ? ? ? ? 224 100.000 ? ? ? ? 0.116 ? ? ? ? ? ? ? ? 10.600 ? 1.189  ? ? 0.122 0.037 ? 7  1 0.998 ? ? 
3.460 3.560  ? ? ? ? ? ? 257 100.000 ? ? ? ? 0.121 ? ? ? ? ? ? ? ? 10.400 ? 1.806  ? ? 0.127 0.039 ? 8  1 0.996 ? ? 
3.560 3.660  ? ? ? ? ? ? 236 98.700  ? ? ? ? 0.172 ? ? ? ? ? ? ? ? 9.700  ? 2.038  ? ? 0.181 0.058 ? 9  1 0.991 ? ? 
3.660 3.780  ? ? ? ? ? ? 247 99.600  ? ? ? ? 0.165 ? ? ? ? ? ? ? ? 10.000 ? 1.478  ? ? 0.174 0.055 ? 10 1 0.989 ? ? 
3.780 3.910  ? ? ? ? ? ? 245 100.000 ? ? ? ? 0.145 ? ? ? ? ? ? ? ? 10.800 ? 1.724  ? ? 0.152 0.046 ? 11 1 0.991 ? ? 
3.910 4.070  ? ? ? ? ? ? 234 100.000 ? ? ? ? 0.118 ? ? ? ? ? ? ? ? 10.900 ? 2.230  ? ? 0.124 0.037 ? 12 1 0.995 ? ? 
4.070 4.260  ? ? ? ? ? ? 259 100.000 ? ? ? ? 0.120 ? ? ? ? ? ? ? ? 10.500 ? 3.276  ? ? 0.126 0.039 ? 13 1 0.992 ? ? 
4.260 4.480  ? ? ? ? ? ? 242 100.000 ? ? ? ? 0.119 ? ? ? ? ? ? ? ? 10.800 ? 3.854  ? ? 0.124 0.037 ? 14 1 0.988 ? ? 
4.480 4.760  ? ? ? ? ? ? 241 100.000 ? ? ? ? 0.109 ? ? ? ? ? ? ? ? 10.000 ? 4.916  ? ? 0.115 0.036 ? 15 1 0.991 ? ? 
4.760 5.130  ? ? ? ? ? ? 249 99.600  ? ? ? ? 0.111 ? ? ? ? ? ? ? ? 10.000 ? 8.620  ? ? 0.117 0.036 ? 16 1 0.991 ? ? 
5.130 5.640  ? ? ? ? ? ? 254 100.000 ? ? ? ? 0.094 ? ? ? ? ? ? ? ? 11.200 ? 5.477  ? ? 0.099 0.030 ? 17 1 0.993 ? ? 
5.640 6.460  ? ? ? ? ? ? 232 100.000 ? ? ? ? 0.093 ? ? ? ? ? ? ? ? 10.800 ? 9.869  ? ? 0.097 0.030 ? 18 1 0.986 ? ? 
6.460 8.130  ? ? ? ? ? ? 240 98.400  ? ? ? ? 0.069 ? ? ? ? ? ? ? ? 10.300 ? 7.602  ? ? 0.072 0.022 ? 19 1 0.996 ? ? 
8.130 50.000 ? ? ? ? ? ? 244 98.400  ? ? ? ? 0.099 ? ? ? ? ? ? ? ? 10.600 ? 33.078 ? ? 0.105 0.034 ? 20 1 0.989 ? ? 
# 
_refine.aniso_B[1][1]                            ? 
_refine.aniso_B[1][2]                            ? 
_refine.aniso_B[1][3]                            ? 
_refine.aniso_B[2][2]                            ? 
_refine.aniso_B[2][3]                            ? 
_refine.aniso_B[3][3]                            ? 
_refine.B_iso_max                                159.560 
_refine.B_iso_mean                               92.4162 
_refine.B_iso_min                                54.510 
_refine.correlation_coeff_Fo_to_Fc               ? 
_refine.correlation_coeff_Fo_to_Fc_free          ? 
_refine.details                                  ? 
_refine.diff_density_max                         ? 
_refine.diff_density_max_esd                     ? 
_refine.diff_density_min                         ? 
_refine.diff_density_min_esd                     ? 
_refine.diff_density_rms                         ? 
_refine.diff_density_rms_esd                     ? 
_refine.entry_id                                 7JLE 
_refine.pdbx_refine_id                           'X-RAY DIFFRACTION' 
_refine.ls_abs_structure_details                 ? 
_refine.ls_abs_structure_Flack                   ? 
_refine.ls_abs_structure_Flack_esd               ? 
_refine.ls_abs_structure_Rogers                  ? 
_refine.ls_abs_structure_Rogers_esd              ? 
_refine.ls_d_res_high                            3.0170 
_refine.ls_d_res_low                             35.6660 
_refine.ls_extinction_coef                       ? 
_refine.ls_extinction_coef_esd                   ? 
_refine.ls_extinction_expression                 ? 
_refine.ls_extinction_method                     ? 
_refine.ls_goodness_of_fit_all                   ? 
_refine.ls_goodness_of_fit_all_esd               ? 
_refine.ls_goodness_of_fit_obs                   ? 
_refine.ls_goodness_of_fit_obs_esd               ? 
_refine.ls_hydrogen_treatment                    ? 
_refine.ls_matrix_type                           ? 
_refine.ls_number_constraints                    ? 
_refine.ls_number_parameters                     ? 
_refine.ls_number_reflns_all                     ? 
_refine.ls_number_reflns_obs                     4821 
_refine.ls_number_reflns_R_free                  241 
_refine.ls_number_reflns_R_work                  4580 
_refine.ls_number_restraints                     ? 
_refine.ls_percent_reflns_obs                    97.7300 
_refine.ls_percent_reflns_R_free                 5.0000 
_refine.ls_R_factor_all                          ? 
_refine.ls_R_factor_obs                          0.2050 
_refine.ls_R_factor_R_free                       0.2283 
_refine.ls_R_factor_R_free_error                 ? 
_refine.ls_R_factor_R_free_error_details         ? 
_refine.ls_R_factor_R_work                       0.2037 
_refine.ls_R_Fsqd_factor_obs                     ? 
_refine.ls_R_I_factor_obs                        ? 
_refine.ls_redundancy_reflns_all                 ? 
_refine.ls_redundancy_reflns_obs                 ? 
_refine.ls_restrained_S_all                      ? 
_refine.ls_restrained_S_obs                      ? 
_refine.ls_shift_over_esd_max                    ? 
_refine.ls_shift_over_esd_mean                   ? 
_refine.ls_structure_factor_coef                 ? 
_refine.ls_weighting_details                     ? 
_refine.ls_weighting_scheme                      ? 
_refine.ls_wR_factor_all                         ? 
_refine.ls_wR_factor_obs                         ? 
_refine.ls_wR_factor_R_free                      ? 
_refine.ls_wR_factor_R_work                      ? 
_refine.occupancy_max                            ? 
_refine.occupancy_min                            ? 
_refine.solvent_model_details                    'FLAT BULK SOLVENT MODEL' 
_refine.solvent_model_param_bsol                 ? 
_refine.solvent_model_param_ksol                 ? 
_refine.pdbx_R_complete                          ? 
_refine.ls_R_factor_gt                           ? 
_refine.ls_goodness_of_fit_gt                    ? 
_refine.ls_goodness_of_fit_ref                   ? 
_refine.ls_shift_over_su_max                     ? 
_refine.ls_shift_over_su_max_lt                  ? 
_refine.ls_shift_over_su_mean                    ? 
_refine.ls_shift_over_su_mean_lt                 ? 
_refine.pdbx_ls_sigma_I                          ? 
_refine.pdbx_ls_sigma_F                          2.030 
_refine.pdbx_ls_sigma_Fsqd                       ? 
_refine.pdbx_data_cutoff_high_absF               ? 
_refine.pdbx_data_cutoff_high_rms_absF           ? 
_refine.pdbx_data_cutoff_low_absF                ? 
_refine.pdbx_isotropic_thermal_model             ? 
_refine.pdbx_ls_cross_valid_method               THROUGHOUT 
_refine.pdbx_method_to_determine_struct          'MOLECULAR REPLACEMENT' 
_refine.pdbx_starting_model                      5VY6 
_refine.pdbx_stereochemistry_target_values       ML 
_refine.pdbx_R_Free_selection_details            ? 
_refine.pdbx_stereochem_target_val_spec_case     ? 
_refine.pdbx_overall_ESU_R                       ? 
_refine.pdbx_overall_ESU_R_Free                  ? 
_refine.pdbx_solvent_vdw_probe_radii             1.1100 
_refine.pdbx_solvent_ion_probe_radii             ? 
_refine.pdbx_solvent_shrinkage_radii             0.9000 
_refine.pdbx_real_space_R                        ? 
_refine.pdbx_density_correlation                 ? 
_refine.pdbx_pd_number_of_powder_patterns        ? 
_refine.pdbx_pd_number_of_points                 ? 
_refine.pdbx_pd_meas_number_of_points            ? 
_refine.pdbx_pd_proc_ls_prof_R_factor            ? 
_refine.pdbx_pd_proc_ls_prof_wR_factor           ? 
_refine.pdbx_pd_Marquardt_correlation_coeff      ? 
_refine.pdbx_pd_Fsqrd_R_factor                   ? 
_refine.pdbx_pd_ls_matrix_band_width             ? 
_refine.pdbx_overall_phase_error                 24.3000 
_refine.pdbx_overall_SU_R_free_Cruickshank_DPI   ? 
_refine.pdbx_overall_SU_R_free_Blow_DPI          ? 
_refine.pdbx_overall_SU_R_Blow_DPI               ? 
_refine.pdbx_TLS_residual_ADP_flag               ? 
_refine.pdbx_diffrn_id                           1 
_refine.overall_SU_B                             ? 
_refine.overall_SU_ML                            0.3600 
_refine.overall_SU_R_Cruickshank_DPI             ? 
_refine.overall_SU_R_free                        ? 
_refine.overall_FOM_free_R_set                   ? 
_refine.overall_FOM_work_R_set                   ? 
_refine.pdbx_average_fsc_overall                 ? 
_refine.pdbx_average_fsc_work                    ? 
_refine.pdbx_average_fsc_free                    ? 
# 
_refine_hist.pdbx_refine_id                   'X-RAY DIFFRACTION' 
_refine_hist.cycle_id                         final 
_refine_hist.details                          ? 
_refine_hist.d_res_high                       3.0170 
_refine_hist.d_res_low                        35.6660 
_refine_hist.number_atoms_solvent             0 
_refine_hist.number_atoms_total               858 
_refine_hist.number_reflns_all                ? 
_refine_hist.number_reflns_obs                ? 
_refine_hist.number_reflns_R_free             ? 
_refine_hist.number_reflns_R_work             ? 
_refine_hist.R_factor_all                     ? 
_refine_hist.R_factor_obs                     ? 
_refine_hist.R_factor_R_free                  ? 
_refine_hist.R_factor_R_work                  ? 
_refine_hist.pdbx_number_residues_total       42 
_refine_hist.pdbx_B_iso_mean_ligand           91.01 
_refine_hist.pdbx_B_iso_mean_solvent          ? 
_refine_hist.pdbx_number_atoms_protein        0 
_refine_hist.pdbx_number_atoms_nucleic_acid   855 
_refine_hist.pdbx_number_atoms_ligand         3 
_refine_hist.pdbx_number_atoms_lipid          ? 
_refine_hist.pdbx_number_atoms_carb           ? 
_refine_hist.pdbx_pseudo_atom_details         ? 
# 
loop_
_refine_ls_restr.pdbx_refine_id 
_refine_ls_restr.criterion 
_refine_ls_restr.dev_ideal 
_refine_ls_restr.dev_ideal_target 
_refine_ls_restr.number 
_refine_ls_restr.rejects 
_refine_ls_restr.type 
_refine_ls_restr.weight 
_refine_ls_restr.pdbx_restraint_function 
'X-RAY DIFFRACTION' ? 0.008  ? 956  ? f_bond_d           ? ? 
'X-RAY DIFFRACTION' ? 0.881  ? 1467 ? f_angle_d          ? ? 
'X-RAY DIFFRACTION' ? 0.046  ? 166  ? f_chiral_restr     ? ? 
'X-RAY DIFFRACTION' ? 0.006  ? 42   ? f_plane_restr      ? ? 
'X-RAY DIFFRACTION' ? 35.248 ? 406  ? f_dihedral_angle_d ? ? 
# 
loop_
_refine_ls_shell.pdbx_refine_id 
_refine_ls_shell.d_res_high 
_refine_ls_shell.d_res_low 
_refine_ls_shell.number_reflns_all 
_refine_ls_shell.number_reflns_obs 
_refine_ls_shell.number_reflns_R_free 
_refine_ls_shell.number_reflns_R_work 
_refine_ls_shell.percent_reflns_obs 
_refine_ls_shell.percent_reflns_R_free 
_refine_ls_shell.R_factor_all 
_refine_ls_shell.R_factor_obs 
_refine_ls_shell.R_factor_R_free 
_refine_ls_shell.R_factor_R_free_error 
_refine_ls_shell.R_factor_R_work 
_refine_ls_shell.redundancy_reflns_all 
_refine_ls_shell.redundancy_reflns_obs 
_refine_ls_shell.wR_factor_all 
_refine_ls_shell.wR_factor_obs 
_refine_ls_shell.wR_factor_R_free 
_refine_ls_shell.wR_factor_R_work 
_refine_ls_shell.pdbx_R_complete 
_refine_ls_shell.pdbx_total_number_of_bins_used 
_refine_ls_shell.pdbx_phase_error 
_refine_ls_shell.pdbx_fsc_work 
_refine_ls_shell.pdbx_fsc_free 
'X-RAY DIFFRACTION' 3.0174 3.8009 . . 113 2261 96.0000 . . . 0.2839 0.0000 0.2712 . . . . . . . . . . . 
'X-RAY DIFFRACTION' 3.8009 35.666 . . 128 2319 99.0000 . . . 0.2139 0.0000 0.1832 . . . . . . . . . . . 
# 
_struct.entry_id                     7JLE 
_struct.title                        
;Self-assembly of a 3D DNA crystal lattice (4x6 scramble duplex version) containing the J23 immobile Holliday junction with R3 symmetry
;
_struct.pdbx_model_details           ? 
_struct.pdbx_formula_weight          ? 
_struct.pdbx_formula_weight_method   ? 
_struct.pdbx_model_type_details      ? 
_struct.pdbx_CASP_flag               N 
# 
_struct_keywords.entry_id        7JLE 
_struct_keywords.text            
'Structural DNA nanotechnology, immobile Holliday junctions, 3D DNA self-assembly, designer DNA crystals, DNA' 
_struct_keywords.pdbx_keywords   DNA 
# 
loop_
_struct_asym.id 
_struct_asym.pdbx_blank_PDB_chainid_flag 
_struct_asym.pdbx_modified 
_struct_asym.entity_id 
_struct_asym.details 
A N N 1 ? 
B N N 2 ? 
C N N 3 ? 
D N N 4 ? 
E N N 5 ? 
F N N 5 ? 
G N N 5 ? 
# 
loop_
_struct_conn.id 
_struct_conn.conn_type_id 
_struct_conn.pdbx_leaving_atom_flag 
_struct_conn.pdbx_PDB_id 
_struct_conn.ptnr1_label_asym_id 
_struct_conn.ptnr1_label_comp_id 
_struct_conn.ptnr1_label_seq_id 
_struct_conn.ptnr1_label_atom_id 
_struct_conn.pdbx_ptnr1_label_alt_id 
_struct_conn.pdbx_ptnr1_PDB_ins_code 
_struct_conn.pdbx_ptnr1_standard_comp_id 
_struct_conn.ptnr1_symmetry 
_struct_conn.ptnr2_label_asym_id 
_struct_conn.ptnr2_label_comp_id 
_struct_conn.ptnr2_label_seq_id 
_struct_conn.ptnr2_label_atom_id 
_struct_conn.pdbx_ptnr2_label_alt_id 
_struct_conn.pdbx_ptnr2_PDB_ins_code 
_struct_conn.ptnr1_auth_asym_id 
_struct_conn.ptnr1_auth_comp_id 
_struct_conn.ptnr1_auth_seq_id 
_struct_conn.ptnr2_auth_asym_id 
_struct_conn.ptnr2_auth_comp_id 
_struct_conn.ptnr2_auth_seq_id 
_struct_conn.ptnr2_symmetry 
_struct_conn.pdbx_ptnr3_label_atom_id 
_struct_conn.pdbx_ptnr3_label_seq_id 
_struct_conn.pdbx_ptnr3_label_comp_id 
_struct_conn.pdbx_ptnr3_label_asym_id 
_struct_conn.pdbx_ptnr3_label_alt_id 
_struct_conn.pdbx_ptnr3_PDB_ins_code 
_struct_conn.details 
_struct_conn.pdbx_dist_value 
_struct_conn.pdbx_value_order 
_struct_conn.pdbx_role 
hydrog1  hydrog ? ? A DA 3  N1 ? ? ? 1_555 C DT 7 N3 ? ? B DA 9  D DT 42 1_555 ? ? ? ? ? ? WATSON-CRICK ? ? ? 
hydrog2  hydrog ? ? A DA 3  N6 ? ? ? 1_555 C DT 7 O4 ? ? B DA 9  D DT 42 1_555 ? ? ? ? ? ? WATSON-CRICK ? ? ? 
hydrog3  hydrog ? ? A DC 4  N3 ? ? ? 1_555 C DG 6 N1 ? ? B DC 10 D DG 41 1_555 ? ? ? ? ? ? WATSON-CRICK ? ? ? 
hydrog4  hydrog ? ? A DC 4  N4 ? ? ? 1_555 C DG 6 O6 ? ? B DC 10 D DG 41 1_555 ? ? ? ? ? ? WATSON-CRICK ? ? ? 
hydrog5  hydrog ? ? A DC 4  O2 ? ? ? 1_555 C DG 6 N2 ? ? B DC 10 D DG 41 1_555 ? ? ? ? ? ? WATSON-CRICK ? ? ? 
hydrog6  hydrog ? ? A DG 5  N1 ? ? ? 1_555 C DC 5 N3 ? ? B DG 11 D DC 40 1_555 ? ? ? ? ? ? WATSON-CRICK ? ? ? 
hydrog7  hydrog ? ? A DG 5  N2 ? ? ? 1_555 C DC 5 O2 ? ? B DG 11 D DC 40 1_555 ? ? ? ? ? ? WATSON-CRICK ? ? ? 
hydrog8  hydrog ? ? A DG 5  O6 ? ? ? 1_555 C DC 5 N4 ? ? B DG 11 D DC 40 1_555 ? ? ? ? ? ? WATSON-CRICK ? ? ? 
hydrog9  hydrog ? ? A DA 6  N1 ? ? ? 1_555 C DT 4 N3 ? ? B DA 12 D DT 39 1_555 ? ? ? ? ? ? WATSON-CRICK ? ? ? 
hydrog10 hydrog ? ? A DA 6  N6 ? ? ? 1_555 C DT 4 O4 ? ? B DA 12 D DT 39 1_555 ? ? ? ? ? ? WATSON-CRICK ? ? ? 
hydrog11 hydrog ? ? A DC 7  N3 ? ? ? 1_555 C DG 3 N1 ? ? B DC 13 D DG 38 1_555 ? ? ? ? ? ? WATSON-CRICK ? ? ? 
hydrog12 hydrog ? ? A DC 7  N4 ? ? ? 1_555 C DG 3 O6 ? ? B DC 13 D DG 38 1_555 ? ? ? ? ? ? WATSON-CRICK ? ? ? 
hydrog13 hydrog ? ? A DC 7  O2 ? ? ? 1_555 C DG 3 N2 ? ? B DC 13 D DG 38 1_555 ? ? ? ? ? ? WATSON-CRICK ? ? ? 
hydrog14 hydrog ? ? A DA 8  N1 ? ? ? 1_555 C DT 2 N3 ? ? B DA 14 D DT 37 1_555 ? ? ? ? ? ? WATSON-CRICK ? ? ? 
hydrog15 hydrog ? ? A DA 8  N6 ? ? ? 1_555 C DT 2 O4 ? ? B DA 14 D DT 37 1_555 ? ? ? ? ? ? WATSON-CRICK ? ? ? 
hydrog16 hydrog ? ? A DC 9  N3 ? ? ? 1_555 C DG 1 N1 ? ? B DC 15 D DG 36 1_555 ? ? ? ? ? ? WATSON-CRICK ? ? ? 
hydrog17 hydrog ? ? A DC 9  N4 ? ? ? 1_555 C DG 1 O6 ? ? B DC 15 D DG 36 1_555 ? ? ? ? ? ? WATSON-CRICK ? ? ? 
hydrog18 hydrog ? ? A DC 9  O2 ? ? ? 1_555 C DG 1 N2 ? ? B DC 15 D DG 36 1_555 ? ? ? ? ? ? WATSON-CRICK ? ? ? 
hydrog19 hydrog ? ? A DT 10 N3 ? ? ? 1_555 D DA 6 N1 ? ? B DT 16 A DA 6  1_555 ? ? ? ? ? ? WATSON-CRICK ? ? ? 
hydrog20 hydrog ? ? A DT 10 O4 ? ? ? 1_555 D DA 6 N6 ? ? B DT 16 A DA 6  1_555 ? ? ? ? ? ? WATSON-CRICK ? ? ? 
hydrog21 hydrog ? ? A DG 11 N1 ? ? ? 1_555 D DC 5 N3 ? ? B DG 17 A DC 5  1_555 ? ? ? ? ? ? WATSON-CRICK ? ? ? 
hydrog22 hydrog ? ? A DG 11 N2 ? ? ? 1_555 D DC 5 O2 ? ? B DG 17 A DC 5  1_555 ? ? ? ? ? ? WATSON-CRICK ? ? ? 
hydrog23 hydrog ? ? A DG 11 O6 ? ? ? 1_555 D DC 5 N4 ? ? B DG 17 A DC 5  1_555 ? ? ? ? ? ? WATSON-CRICK ? ? ? 
hydrog24 hydrog ? ? A DA 12 N1 ? ? ? 1_555 D DT 4 N3 ? ? B DA 18 A DT 4  1_555 ? ? ? ? ? ? WATSON-CRICK ? ? ? 
hydrog25 hydrog ? ? A DA 12 N6 ? ? ? 1_555 D DT 4 O4 ? ? B DA 18 A DT 4  1_555 ? ? ? ? ? ? WATSON-CRICK ? ? ? 
hydrog26 hydrog ? ? A DC 13 N3 ? ? ? 1_555 D DG 3 N1 ? ? B DC 19 A DG 3  1_555 ? ? ? ? ? ? WATSON-CRICK ? ? ? 
hydrog27 hydrog ? ? A DC 13 N4 ? ? ? 1_555 D DG 3 O6 ? ? B DC 19 A DG 3  1_555 ? ? ? ? ? ? WATSON-CRICK ? ? ? 
hydrog28 hydrog ? ? A DC 13 O2 ? ? ? 1_555 D DG 3 N2 ? ? B DC 19 A DG 3  1_555 ? ? ? ? ? ? WATSON-CRICK ? ? ? 
hydrog29 hydrog ? ? A DG 14 N1 ? ? ? 1_555 D DC 2 N3 ? ? B DG 20 A DC 2  1_555 ? ? ? ? ? ? WATSON-CRICK ? ? ? 
hydrog30 hydrog ? ? A DG 14 N2 ? ? ? 1_555 D DC 2 O2 ? ? B DG 20 A DC 2  1_555 ? ? ? ? ? ? WATSON-CRICK ? ? ? 
hydrog31 hydrog ? ? A DG 14 O6 ? ? ? 1_555 D DC 2 N4 ? ? B DG 20 A DC 2  1_555 ? ? ? ? ? ? WATSON-CRICK ? ? ? 
hydrog32 hydrog ? ? A DA 15 N1 ? ? ? 1_555 D DT 1 N3 ? ? B DA 21 A DT 1  1_555 ? ? ? ? ? ? WATSON-CRICK ? ? ? 
hydrog33 hydrog ? ? A DA 15 N6 ? ? ? 1_555 D DT 1 O4 ? ? B DA 21 A DT 1  1_555 ? ? ? ? ? ? WATSON-CRICK ? ? ? 
hydrog34 hydrog ? ? A DC 16 N3 ? ? ? 1_555 B DG 8 N1 ? ? B DC 22 C DG 35 1_555 ? ? ? ? ? ? WATSON-CRICK ? ? ? 
hydrog35 hydrog ? ? A DC 16 N4 ? ? ? 1_555 B DG 8 O6 ? ? B DC 22 C DG 35 1_555 ? ? ? ? ? ? WATSON-CRICK ? ? ? 
hydrog36 hydrog ? ? A DC 16 O2 ? ? ? 1_555 B DG 8 N2 ? ? B DC 22 C DG 35 1_555 ? ? ? ? ? ? WATSON-CRICK ? ? ? 
hydrog37 hydrog ? ? A DG 17 N1 ? ? ? 1_555 B DC 7 N3 ? ? B DG 23 C DC 34 1_555 ? ? ? ? ? ? WATSON-CRICK ? ? ? 
hydrog38 hydrog ? ? A DG 17 N2 ? ? ? 1_555 B DC 7 O2 ? ? B DG 23 C DC 34 1_555 ? ? ? ? ? ? WATSON-CRICK ? ? ? 
hydrog39 hydrog ? ? A DG 17 O6 ? ? ? 1_555 B DC 7 N4 ? ? B DG 23 C DC 34 1_555 ? ? ? ? ? ? WATSON-CRICK ? ? ? 
hydrog40 hydrog ? ? A DA 18 N1 ? ? ? 1_555 B DT 6 N3 ? ? B DA 24 C DT 33 1_555 ? ? ? ? ? ? WATSON-CRICK ? ? ? 
hydrog41 hydrog ? ? A DA 18 N6 ? ? ? 1_555 B DT 6 O4 ? ? B DA 24 C DT 33 1_555 ? ? ? ? ? ? WATSON-CRICK ? ? ? 
hydrog42 hydrog ? ? A DC 19 N3 ? ? ? 1_555 B DG 5 N1 ? ? B DC 25 C DG 32 1_555 ? ? ? ? ? ? WATSON-CRICK ? ? ? 
hydrog43 hydrog ? ? A DC 19 N4 ? ? ? 1_555 B DG 5 O6 ? ? B DC 25 C DG 32 1_555 ? ? ? ? ? ? WATSON-CRICK ? ? ? 
hydrog44 hydrog ? ? A DC 19 O2 ? ? ? 1_555 B DG 5 N2 ? ? B DC 25 C DG 32 1_555 ? ? ? ? ? ? WATSON-CRICK ? ? ? 
hydrog45 hydrog ? ? A DT 20 N3 ? ? ? 1_555 B DA 4 N1 ? ? B DT 26 C DA 31 1_555 ? ? ? ? ? ? WATSON-CRICK ? ? ? 
hydrog46 hydrog ? ? A DT 20 O4 ? ? ? 1_555 B DA 4 N6 ? ? B DT 26 C DA 31 1_555 ? ? ? ? ? ? WATSON-CRICK ? ? ? 
hydrog47 hydrog ? ? A DC 21 N3 ? ? ? 1_555 B DG 3 N1 ? ? B DC 27 C DG 30 1_555 ? ? ? ? ? ? WATSON-CRICK ? ? ? 
hydrog48 hydrog ? ? A DC 21 N4 ? ? ? 1_555 B DG 3 O6 ? ? B DC 27 C DG 30 1_555 ? ? ? ? ? ? WATSON-CRICK ? ? ? 
hydrog49 hydrog ? ? A DC 21 O2 ? ? ? 1_555 B DG 3 N2 ? ? B DC 27 C DG 30 1_555 ? ? ? ? ? ? WATSON-CRICK ? ? ? 
# 
_struct_conn_type.id          hydrog 
_struct_conn_type.criteria    ? 
_struct_conn_type.reference   ? 
# 
_atom_sites.entry_id                    7JLE 
_atom_sites.Cartn_transf_matrix[1][1]   ? 
_atom_sites.Cartn_transf_matrix[1][2]   ? 
_atom_sites.Cartn_transf_matrix[1][3]   ? 
_atom_sites.Cartn_transf_matrix[2][1]   ? 
_atom_sites.Cartn_transf_matrix[2][2]   ? 
_atom_sites.Cartn_transf_matrix[2][3]   ? 
_atom_sites.Cartn_transf_matrix[3][1]   ? 
_atom_sites.Cartn_transf_matrix[3][2]   ? 
_atom_sites.Cartn_transf_matrix[3][3]   ? 
_atom_sites.Cartn_transf_vector[1]      ? 
_atom_sites.Cartn_transf_vector[2]      ? 
_atom_sites.Cartn_transf_vector[3]      ? 
_atom_sites.fract_transf_matrix[1][1]   0.00189915 
_atom_sites.fract_transf_matrix[1][2]   0.00835276 
_atom_sites.fract_transf_matrix[1][3]   -0.00536237 
_atom_sites.fract_transf_matrix[2][1]   -0.00395120 
_atom_sites.fract_transf_matrix[2][2]   0.00885000 
_atom_sites.fract_transf_matrix[2][3]   0.00286299 
_atom_sites.fract_transf_matrix[3][1]   0.01567939 
_atom_sites.fract_transf_matrix[3][2]   0.00346023 
_atom_sites.fract_transf_matrix[3][3]   0.01094291 
_atom_sites.fract_transf_vector[1]      -0.266809 
_atom_sites.fract_transf_vector[2]      -0.249071 
_atom_sites.fract_transf_vector[3]      -0.494430 
_atom_sites.solution_primary            ? 
_atom_sites.solution_secondary          ? 
_atom_sites.solution_hydrogens          ? 
_atom_sites.special_details             ? 
# 
loop_
_atom_type.symbol 
C  
MG 
N  
O  
P  
# 
loop_
_atom_site.group_PDB 
_atom_site.id 
_atom_site.type_symbol 
_atom_site.label_atom_id 
_atom_site.label_alt_id 
_atom_site.label_comp_id 
_atom_site.label_asym_id 
_atom_site.label_entity_id 
_atom_site.label_seq_id 
_atom_site.pdbx_PDB_ins_code 
_atom_site.Cartn_x 
_atom_site.Cartn_y 
_atom_site.Cartn_z 
_atom_site.occupancy 
_atom_site.B_iso_or_equiv 
_atom_site.pdbx_formal_charge 
_atom_site.auth_seq_id 
_atom_site.auth_comp_id 
_atom_site.auth_asym_id 
_atom_site.auth_atom_id 
_atom_site.pdbx_PDB_model_num 
ATOM   1   O  "O5'" . DG A 1 1  ? -6.482  -2.475  32.832  1.00 159.56 ? 7   DG B "O5'" 1 
ATOM   2   C  "C5'" . DG A 1 1  ? -6.794  -3.603  33.648  1.00 145.85 ? 7   DG B "C5'" 1 
ATOM   3   C  "C4'" . DG A 1 1  ? -8.216  -3.504  34.180  1.00 139.55 ? 7   DG B "C4'" 1 
ATOM   4   O  "O4'" . DG A 1 1  ? -8.388  -2.237  34.839  1.00 126.37 ? 7   DG B "O4'" 1 
ATOM   5   C  "C3'" . DG A 1 1  ? -9.296  -3.540  33.112  1.00 136.81 ? 7   DG B "C3'" 1 
ATOM   6   O  "O3'" . DG A 1 1  ? -9.687  -4.878  32.873  1.00 141.83 ? 7   DG B "O3'" 1 
ATOM   7   C  "C2'" . DG A 1 1  ? -10.441 -2.734  33.727  1.00 123.56 ? 7   DG B "C2'" 1 
ATOM   8   C  "C1'" . DG A 1 1  ? -9.737  -1.833  34.746  1.00 117.64 ? 7   DG B "C1'" 1 
ATOM   9   N  N9    . DG A 1 1  ? -9.776  -0.404  34.436  1.00 104.24 ? 7   DG B N9    1 
ATOM   10  C  C8    . DG A 1 1  ? -8.719  0.481   34.486  1.00 104.40 ? 7   DG B C8    1 
ATOM   11  N  N7    . DG A 1 1  ? -9.051  1.707   34.189  1.00 99.99  ? 7   DG B N7    1 
ATOM   12  C  C5    . DG A 1 1  ? -10.422 1.637   33.934  1.00 100.86 ? 7   DG B C5    1 
ATOM   13  C  C6    . DG A 1 1  ? -11.340 2.662   33.563  1.00 96.77  ? 7   DG B C6    1 
ATOM   14  O  O6    . DG A 1 1  ? -11.115 3.870   33.383  1.00 89.88  ? 7   DG B O6    1 
ATOM   15  N  N1    . DG A 1 1  ? -12.636 2.160   33.401  1.00 93.18  ? 7   DG B N1    1 
ATOM   16  C  C2    . DG A 1 1  ? -12.998 0.844   33.580  1.00 101.86 ? 7   DG B C2    1 
ATOM   17  N  N2    . DG A 1 1  ? -14.295 0.549   33.386  1.00 100.34 ? 7   DG B N2    1 
ATOM   18  N  N3    . DG A 1 1  ? -12.150 -0.122  33.930  1.00 108.18 ? 7   DG B N3    1 
ATOM   19  C  C4    . DG A 1 1  ? -10.880 0.346   34.085  1.00 103.23 ? 7   DG B C4    1 
ATOM   20  P  P     . DA A 1 2  ? -9.472  -5.528  31.423  1.00 151.68 ? 8   DA B P     1 
ATOM   21  O  OP1   . DA A 1 2  ? -9.554  -6.997  31.581  1.00 156.06 ? 8   DA B OP1   1 
ATOM   22  O  OP2   . DA A 1 2  ? -8.263  -4.905  30.836  1.00 153.74 ? 8   DA B OP2   1 
ATOM   23  O  "O5'" . DA A 1 2  ? -10.743 -5.034  30.593  1.00 136.12 ? 8   DA B "O5'" 1 
ATOM   24  C  "C5'" . DA A 1 2  ? -12.035 -5.545  30.898  1.00 133.20 ? 8   DA B "C5'" 1 
ATOM   25  C  "C4'" . DA A 1 2  ? -13.102 -4.545  30.494  1.00 135.27 ? 8   DA B "C4'" 1 
ATOM   26  O  "O4'" . DA A 1 2  ? -12.780 -3.273  31.082  1.00 121.61 ? 8   DA B "O4'" 1 
ATOM   27  C  "C3'" . DA A 1 2  ? -13.214 -4.305  28.989  1.00 134.71 ? 8   DA B "C3'" 1 
ATOM   28  O  "O3'" . DA A 1 2  ? -14.327 -5.061  28.461  1.00 137.12 ? 8   DA B "O3'" 1 
ATOM   29  C  "C2'" . DA A 1 2  ? -13.415 -2.789  28.842  1.00 119.96 ? 8   DA B "C2'" 1 
ATOM   30  C  "C1'" . DA A 1 2  ? -13.192 -2.225  30.242  1.00 115.01 ? 8   DA B "C1'" 1 
ATOM   31  N  N9    . DA A 1 2  ? -12.165 -1.200  30.295  1.00 108.83 ? 8   DA B N9    1 
ATOM   32  C  C8    . DA A 1 2  ? -10.829 -1.389  30.513  1.00 112.52 ? 8   DA B C8    1 
ATOM   33  N  N7    . DA A 1 2  ? -10.135 -0.277  30.527  1.00 107.29 ? 8   DA B N7    1 
ATOM   34  C  C5    . DA A 1 2  ? -11.083 0.709   30.304  1.00 102.32 ? 8   DA B C5    1 
ATOM   35  C  C6    . DA A 1 2  ? -10.989 2.112   30.205  1.00 97.23  ? 8   DA B C6    1 
ATOM   36  N  N6    . DA A 1 2  ? -9.839  2.782   30.321  1.00 93.14  ? 8   DA B N6    1 
ATOM   37  N  N1    . DA A 1 2  ? -12.126 2.799   29.982  1.00 93.64  ? 8   DA B N1    1 
ATOM   38  C  C2    . DA A 1 2  ? -13.273 2.126   29.865  1.00 95.56  ? 8   DA B C2    1 
ATOM   39  N  N3    . DA A 1 2  ? -13.487 0.813   29.940  1.00 99.00  ? 8   DA B N3    1 
ATOM   40  C  C4    . DA A 1 2  ? -12.339 0.156   30.162  1.00 102.29 ? 8   DA B C4    1 
ATOM   41  P  P     . DA A 1 3  ? -15.138 -4.580  27.155  1.00 138.39 ? 9   DA B P     1 
ATOM   42  O  OP1   . DA A 1 3  ? -15.975 -5.727  26.733  1.00 155.33 ? 9   DA B OP1   1 
ATOM   43  O  OP2   . DA A 1 3  ? -14.209 -3.958  26.183  1.00 129.80 ? 9   DA B OP2   1 
ATOM   44  O  "O5'" . DA A 1 3  ? -16.112 -3.439  27.703  1.00 134.25 ? 9   DA B "O5'" 1 
ATOM   45  C  "C5'" . DA A 1 3  ? -17.275 -3.090  26.977  1.00 132.41 ? 9   DA B "C5'" 1 
ATOM   46  C  "C4'" . DA A 1 3  ? -17.060 -1.820  26.173  1.00 124.12 ? 9   DA B "C4'" 1 
ATOM   47  O  "O4'" . DA A 1 3  ? -16.068 -0.993  26.804  1.00 116.31 ? 9   DA B "O4'" 1 
ATOM   48  C  "C3'" . DA A 1 3  ? -16.518 -2.023  24.768  1.00 126.73 ? 9   DA B "C3'" 1 
ATOM   49  O  "O3'" . DA A 1 3  ? -17.587 -2.307  23.822  1.00 129.14 ? 9   DA B "O3'" 1 
ATOM   50  C  "C2'" . DA A 1 3  ? -15.794 -0.702  24.469  1.00 116.78 ? 9   DA B "C2'" 1 
ATOM   51  C  "C1'" . DA A 1 3  ? -15.620 -0.054  25.851  1.00 115.05 ? 9   DA B "C1'" 1 
ATOM   52  N  N9    . DA A 1 3  ? -14.240 0.318   26.159  1.00 105.91 ? 9   DA B N9    1 
ATOM   53  C  C8    . DA A 1 3  ? -13.190 -0.524  26.406  1.00 109.49 ? 9   DA B C8    1 
ATOM   54  N  N7    . DA A 1 3  ? -12.058 0.094   26.657  1.00 100.91 ? 9   DA B N7    1 
ATOM   55  C  C5    . DA A 1 3  ? -12.385 1.436   26.566  1.00 96.20  ? 9   DA B C5    1 
ATOM   56  C  C6    . DA A 1 3  ? -11.623 2.615   26.726  1.00 98.09  ? 9   DA B C6    1 
ATOM   57  N  N6    . DA A 1 3  ? -10.314 2.613   27.029  1.00 94.95  ? 9   DA B N6    1 
ATOM   58  N  N1    . DA A 1 3  ? -12.260 3.799   26.565  1.00 93.54  ? 9   DA B N1    1 
ATOM   59  C  C2    . DA A 1 3  ? -13.570 3.792   26.265  1.00 95.01  ? 9   DA B C2    1 
ATOM   60  N  N3    . DA A 1 3  ? -14.389 2.751   26.093  1.00 97.34  ? 9   DA B N3    1 
ATOM   61  C  C4    . DA A 1 3  ? -13.728 1.592   26.257  1.00 97.96  ? 9   DA B C4    1 
ATOM   62  P  P     . DC A 1 4  ? -18.742 -1.238  23.458  1.00 134.55 ? 10  DC B P     1 
ATOM   63  O  OP1   . DC A 1 4  ? -19.315 -0.612  24.667  1.00 131.54 ? 10  DC B OP1   1 
ATOM   64  O  OP2   . DC A 1 4  ? -19.650 -1.949  22.536  1.00 135.18 ? 10  DC B OP2   1 
ATOM   65  O  "O5'" . DC A 1 4  ? -18.013 -0.090  22.619  1.00 117.22 ? 10  DC B "O5'" 1 
ATOM   66  C  "C5'" . DC A 1 4  ? -18.792 0.940   22.058  1.00 111.56 ? 10  DC B "C5'" 1 
ATOM   67  C  "C4'" . DC A 1 4  ? -17.963 2.174   21.747  1.00 111.33 ? 10  DC B "C4'" 1 
ATOM   68  O  "O4'" . DC A 1 4  ? -16.909 2.353   22.716  1.00 109.75 ? 10  DC B "O4'" 1 
ATOM   69  C  "C3'" . DC A 1 4  ? -17.206 2.157   20.437  1.00 113.56 ? 10  DC B "C3'" 1 
ATOM   70  O  "O3'" . DC A 1 4  ? -18.091 2.338   19.298  1.00 122.33 ? 10  DC B "O3'" 1 
ATOM   71  C  "C2'" . DC A 1 4  ? -16.253 3.328   20.641  1.00 109.36 ? 10  DC B "C2'" 1 
ATOM   72  C  "C1'" . DC A 1 4  ? -15.961 3.256   22.151  1.00 108.40 ? 10  DC B "C1'" 1 
ATOM   73  N  N1    . DC A 1 4  ? -14.558 2.800   22.486  1.00 101.65 ? 10  DC B N1    1 
ATOM   74  C  C2    . DC A 1 4  ? -13.554 3.750   22.744  1.00 95.40  ? 10  DC B C2    1 
ATOM   75  O  O2    . DC A 1 4  ? -13.835 4.954   22.693  1.00 96.09  ? 10  DC B O2    1 
ATOM   76  N  N3    . DC A 1 4  ? -12.299 3.320   23.045  1.00 91.31  ? 10  DC B N3    1 
ATOM   77  C  C4    . DC A 1 4  ? -12.032 2.014   23.089  1.00 93.14  ? 10  DC B C4    1 
ATOM   78  N  N4    . DC A 1 4  ? -10.785 1.636   23.390  1.00 88.92  ? 10  DC B N4    1 
ATOM   79  C  C5    . DC A 1 4  ? -13.037 1.034   22.828  1.00 98.84  ? 10  DC B C5    1 
ATOM   80  C  C6    . DC A 1 4  ? -14.269 1.468   22.528  1.00 104.12 ? 10  DC B C6    1 
ATOM   81  P  P     . DG A 1 5  ? -18.823 3.742   18.980  1.00 132.46 ? 11  DG B P     1 
ATOM   82  O  OP1   . DG A 1 5  ? -19.348 4.354   20.219  1.00 145.53 ? 11  DG B OP1   1 
ATOM   83  O  OP2   . DG A 1 5  ? -19.763 3.479   17.867  1.00 126.75 ? 11  DG B OP2   1 
ATOM   84  O  "O5'" . DG A 1 5  ? -17.668 4.679   18.412  1.00 112.26 ? 11  DG B "O5'" 1 
ATOM   85  C  "C5'" . DG A 1 5  ? -17.813 6.074   18.504  1.00 111.98 ? 11  DG B "C5'" 1 
ATOM   86  C  "C4'" . DG A 1 5  ? -16.472 6.772   18.396  1.00 114.03 ? 11  DG B "C4'" 1 
ATOM   87  O  "O4'" . DG A 1 5  ? -15.446 5.994   19.053  1.00 107.54 ? 11  DG B "O4'" 1 
ATOM   88  C  "C3'" . DG A 1 5  ? -15.979 7.019   16.973  1.00 112.61 ? 11  DG B "C3'" 1 
ATOM   89  O  "O3'" . DG A 1 5  ? -15.678 8.388   16.835  1.00 115.64 ? 11  DG B "O3'" 1 
ATOM   90  C  "C2'" . DG A 1 5  ? -14.724 6.142   16.849  1.00 105.40 ? 11  DG B "C2'" 1 
ATOM   91  C  "C1'" . DG A 1 5  ? -14.264 6.050   18.294  1.00 103.28 ? 11  DG B "C1'" 1 
ATOM   92  N  N9    . DG A 1 5  ? -13.490 4.852   18.609  1.00 100.25 ? 11  DG B N9    1 
ATOM   93  C  C8    . DG A 1 5  ? -13.912 3.544   18.514  1.00 101.91 ? 11  DG B C8    1 
ATOM   94  N  N7    . DG A 1 5  ? -13.017 2.674   18.902  1.00 95.55  ? 11  DG B N7    1 
ATOM   95  C  C5    . DG A 1 5  ? -11.933 3.451   19.282  1.00 93.97  ? 11  DG B C5    1 
ATOM   96  C  C6    . DG A 1 5  ? -10.668 3.061   19.785  1.00 89.80  ? 11  DG B C6    1 
ATOM   97  O  O6    . DG A 1 5  ? -10.251 1.913   20.001  1.00 87.73  ? 11  DG B O6    1 
ATOM   98  N  N1    . DG A 1 5  ? -9.856  4.164   20.046  1.00 86.90  ? 11  DG B N1    1 
ATOM   99  C  C2    . DG A 1 5  ? -10.226 5.480   19.842  1.00 91.54  ? 11  DG B C2    1 
ATOM   100 N  N2    . DG A 1 5  ? -9.311  6.411   20.149  1.00 95.80  ? 11  DG B N2    1 
ATOM   101 N  N3    . DG A 1 5  ? -11.411 5.859   19.373  1.00 87.42  ? 11  DG B N3    1 
ATOM   102 C  C4    . DG A 1 5  ? -12.208 4.799   19.115  1.00 93.81  ? 11  DG B C4    1 
ATOM   103 P  P     . DA A 1 6  ? -15.613 9.061   15.383  1.00 125.78 ? 12  DA B P     1 
ATOM   104 O  OP1   . DA A 1 6  ? -16.401 10.316  15.424  1.00 122.80 ? 12  DA B OP1   1 
ATOM   105 O  OP2   . DA A 1 6  ? -15.951 8.006   14.396  1.00 117.74 ? 12  DA B OP2   1 
ATOM   106 O  "O5'" . DA A 1 6  ? -14.070 9.444   15.238  1.00 116.53 ? 12  DA B "O5'" 1 
ATOM   107 C  "C5'" . DA A 1 6  ? -13.391 10.021  16.338  1.00 113.48 ? 12  DA B "C5'" 1 
ATOM   108 C  "C4'" . DA A 1 6  ? -11.907 10.115  16.061  1.00 112.08 ? 12  DA B "C4'" 1 
ATOM   109 O  "O4'" . DA A 1 6  ? -11.247 8.920   16.549  1.00 105.53 ? 12  DA B "O4'" 1 
ATOM   110 C  "C3'" . DA A 1 6  ? -11.542 10.227  14.586  1.00 112.39 ? 12  DA B "C3'" 1 
ATOM   111 O  "O3'" . DA A 1 6  ? -10.418 11.087  14.425  1.00 119.10 ? 12  DA B "O3'" 1 
ATOM   112 C  "C2'" . DA A 1 6  ? -11.205 8.788   14.214  1.00 105.82 ? 12  DA B "C2'" 1 
ATOM   113 C  "C1'" . DA A 1 6  ? -10.554 8.292   15.495  1.00 101.34 ? 12  DA B "C1'" 1 
ATOM   114 N  N9    . DA A 1 6  ? -10.662 6.850   15.688  1.00 93.66  ? 12  DA B N9    1 
ATOM   115 C  C8    . DA A 1 6  ? -11.719 6.049   15.357  1.00 94.16  ? 12  DA B C8    1 
ATOM   116 N  N7    . DA A 1 6  ? -11.537 4.784   15.657  1.00 88.07  ? 12  DA B N7    1 
ATOM   117 C  C5    . DA A 1 6  ? -10.277 4.757   16.226  1.00 83.34  ? 12  DA B C5    1 
ATOM   118 C  C6    . DA A 1 6  ? -9.496  3.711   16.756  1.00 81.65  ? 12  DA B C6    1 
ATOM   119 N  N6    . DA A 1 6  ? -9.901  2.443   16.796  1.00 82.51  ? 12  DA B N6    1 
ATOM   120 N  N1    . DA A 1 6  ? -8.281  4.019   17.242  1.00 82.32  ? 12  DA B N1    1 
ATOM   121 C  C2    . DA A 1 6  ? -7.881  5.294   17.200  1.00 88.15  ? 12  DA B C2    1 
ATOM   122 N  N3    . DA A 1 6  ? -8.525  6.364   16.728  1.00 86.38  ? 12  DA B N3    1 
ATOM   123 C  C4    . DA A 1 6  ? -9.726  6.022   16.253  1.00 87.00  ? 12  DA B C4    1 
ATOM   124 P  P     . DC A 1 7  ? -10.415 12.195  13.262  1.00 131.23 ? 13  DC B P     1 
ATOM   125 O  OP1   . DC A 1 7  ? -10.142 13.514  13.873  1.00 131.07 ? 13  DC B OP1   1 
ATOM   126 O  OP2   . DC A 1 7  ? -11.639 11.985  12.452  1.00 121.31 ? 13  DC B OP2   1 
ATOM   127 O  "O5'" . DC A 1 7  ? -9.157  11.800  12.373  1.00 120.09 ? 13  DC B "O5'" 1 
ATOM   128 C  "C5'" . DC A 1 7  ? -8.781  10.441  12.273  1.00 114.65 ? 13  DC B "C5'" 1 
ATOM   129 C  "C4'" . DC A 1 7  ? -7.467  10.199  12.980  1.00 111.94 ? 13  DC B "C4'" 1 
ATOM   130 O  "O4'" . DC A 1 7  ? -7.567  8.989   13.781  1.00 110.77 ? 13  DC B "O4'" 1 
ATOM   131 C  "C3'" . DC A 1 7  ? -6.281  9.983   12.050  1.00 112.24 ? 13  DC B "C3'" 1 
ATOM   132 O  "O3'" . DC A 1 7  ? -5.095  10.451  12.665  1.00 124.85 ? 13  DC B "O3'" 1 
ATOM   133 C  "C2'" . DC A 1 7  ? -6.271  8.470   11.892  1.00 109.30 ? 13  DC B "C2'" 1 
ATOM   134 C  "C1'" . DC A 1 7  ? -6.670  8.008   13.286  1.00 103.22 ? 13  DC B "C1'" 1 
ATOM   135 N  N1    . DC A 1 7  ? -7.365  6.681   13.279  1.00 91.44  ? 13  DC B N1    1 
ATOM   136 C  C2    . DC A 1 7  ? -6.771  5.564   13.899  1.00 90.00  ? 13  DC B C2    1 
ATOM   137 O  O2    . DC A 1 7  ? -5.675  5.693   14.461  1.00 94.02  ? 13  DC B O2    1 
ATOM   138 N  N3    . DC A 1 7  ? -7.421  4.372   13.867  1.00 81.01  ? 13  DC B N3    1 
ATOM   139 C  C4    . DC A 1 7  ? -8.607  4.276   13.252  1.00 82.33  ? 13  DC B C4    1 
ATOM   140 N  N4    . DC A 1 7  ? -9.216  3.088   13.245  1.00 77.59  ? 13  DC B N4    1 
ATOM   141 C  C5    . DC A 1 7  ? -9.219  5.395   12.616  1.00 84.02  ? 13  DC B C5    1 
ATOM   142 C  C6    . DC A 1 7  ? -8.569  6.561   12.650  1.00 89.66  ? 13  DC B C6    1 
ATOM   143 P  P     . DA A 1 8  ? -3.673  10.313  11.926  1.00 130.06 ? 14  DA B P     1 
ATOM   144 O  OP1   . DA A 1 8  ? -2.939  11.575  12.174  1.00 147.51 ? 14  DA B OP1   1 
ATOM   145 O  OP2   . DA A 1 8  ? -3.877  9.831   10.541  1.00 110.15 ? 14  DA B OP2   1 
ATOM   146 O  "O5'" . DA A 1 8  ? -2.942  9.144   12.725  1.00 104.98 ? 14  DA B "O5'" 1 
ATOM   147 C  "C5'" . DA A 1 8  ? -3.000  7.841   12.229  1.00 100.83 ? 14  DA B "C5'" 1 
ATOM   148 C  "C4'" . DA A 1 8  ? -1.898  7.000   12.809  1.00 100.69 ? 14  DA B "C4'" 1 
ATOM   149 O  "O4'" . DA A 1 8  ? -2.453  5.728   13.198  1.00 97.37  ? 14  DA B "O4'" 1 
ATOM   150 C  "C3'" . DA A 1 8  ? -0.815  6.648   11.820  1.00 100.19 ? 14  DA B "C3'" 1 
ATOM   151 O  "O3'" . DA A 1 8  ? 0.335   6.200   12.494  1.00 108.83 ? 14  DA B "O3'" 1 
ATOM   152 C  "C2'" . DA A 1 8  ? -1.469  5.514   11.049  1.00 97.46  ? 14  DA B "C2'" 1 
ATOM   153 C  "C1'" . DA A 1 8  ? -2.290  4.805   12.135  1.00 94.22  ? 14  DA B "C1'" 1 
ATOM   154 N  N9    . DA A 1 8  ? -3.614  4.370   11.667  1.00 86.19  ? 14  DA B N9    1 
ATOM   155 C  C8    . DA A 1 8  ? -4.586  5.151   11.102  1.00 82.68  ? 14  DA B C8    1 
ATOM   156 N  N7    . DA A 1 8  ? -5.670  4.489   10.768  1.00 81.02  ? 14  DA B N7    1 
ATOM   157 C  C5    . DA A 1 8  ? -5.391  3.182   11.135  1.00 74.98  ? 14  DA B C5    1 
ATOM   158 C  C6    . DA A 1 8  ? -6.137  1.989   11.042  1.00 73.58  ? 14  DA B C6    1 
ATOM   159 N  N6    . DA A 1 8  ? -7.371  1.927   10.529  1.00 74.06  ? 14  DA B N6    1 
ATOM   160 N  N1    . DA A 1 8  ? -5.568  0.858   11.500  1.00 71.46  ? 14  DA B N1    1 
ATOM   161 C  C2    . DA A 1 8  ? -4.332  0.920   12.006  1.00 75.08  ? 14  DA B C2    1 
ATOM   162 N  N3    . DA A 1 8  ? -3.533  1.978   12.146  1.00 75.36  ? 14  DA B N3    1 
ATOM   163 C  C4    . DA A 1 8  ? -4.128  3.088   11.685  1.00 77.58  ? 14  DA B C4    1 
ATOM   164 P  P     . DC A 1 9  ? 1.683   5.926   11.670  1.00 120.01 ? 15  DC B P     1 
ATOM   165 O  OP1   . DC A 1 9  ? 2.812   5.990   12.628  1.00 123.97 ? 15  DC B OP1   1 
ATOM   166 O  OP2   . DC A 1 9  ? 1.657   6.827   10.495  1.00 114.53 ? 15  DC B OP2   1 
ATOM   167 O  "O5'" . DC A 1 9  ? 1.532   4.415   11.173  1.00 97.36  ? 15  DC B "O5'" 1 
ATOM   168 C  "C5'" . DC A 1 9  ? 2.010   3.376   11.993  1.00 96.72  ? 15  DC B "C5'" 1 
ATOM   169 C  "C4'" . DC A 1 9  ? 1.377   2.054   11.624  1.00 97.06  ? 15  DC B "C4'" 1 
ATOM   170 O  "O4'" . DC A 1 9  ? 0.023   2.258   11.188  1.00 97.30  ? 15  DC B "O4'" 1 
ATOM   171 C  "C3'" . DC A 1 9  ? 2.062   1.293   10.487  1.00 97.20  ? 15  DC B "C3'" 1 
ATOM   172 O  "O3'" . DC A 1 9  ? 2.713   0.158   11.014  1.00 102.35 ? 15  DC B "O3'" 1 
ATOM   173 C  "C2'" . DC A 1 9  ? 0.909   0.891   9.545   1.00 99.37  ? 15  DC B "C2'" 1 
ATOM   174 C  "C1'" . DC A 1 9  ? -0.324  1.153   10.398  1.00 95.10  ? 15  DC B "C1'" 1 
ATOM   175 N  N1    . DC A 1 9  ? -1.549  1.496   9.620   1.00 84.75  ? 15  DC B N1    1 
ATOM   176 C  C2    . DC A 1 9  ? -2.497  0.502   9.315   1.00 80.70  ? 15  DC B C2    1 
ATOM   177 O  O2    . DC A 1 9  ? -2.300  -0.665  9.688   1.00 77.85  ? 15  DC B O2    1 
ATOM   178 N  N3    . DC A 1 9  ? -3.608  0.858   8.619   1.00 77.39  ? 15  DC B N3    1 
ATOM   179 C  C4    . DC A 1 9  ? -3.783  2.133   8.241   1.00 77.11  ? 15  DC B C4    1 
ATOM   180 N  N4    . DC A 1 9  ? -4.886  2.441   7.557   1.00 76.46  ? 15  DC B N4    1 
ATOM   181 C  C5    . DC A 1 9  ? -2.831  3.144   8.546   1.00 74.18  ? 15  DC B C5    1 
ATOM   182 C  C6    . DC A 1 9  ? -1.745  2.782   9.228   1.00 79.72  ? 15  DC B C6    1 
ATOM   183 P  P     . DT A 1 10 ? 3.688   -0.719  10.089  1.00 115.86 ? 16  DT B P     1 
ATOM   184 O  OP1   . DT A 1 10 ? 4.556   -1.527  10.977  1.00 119.12 ? 16  DT B OP1   1 
ATOM   185 O  OP2   . DT A 1 10 ? 4.263   0.188   9.070   1.00 108.55 ? 16  DT B OP2   1 
ATOM   186 O  "O5'" . DT A 1 10 ? 2.704   -1.727  9.355   1.00 103.44 ? 16  DT B "O5'" 1 
ATOM   187 C  "C5'" . DT A 1 10 ? 1.764   -2.445  10.107  1.00 103.56 ? 16  DT B "C5'" 1 
ATOM   188 C  "C4'" . DT A 1 10 ? 1.167   -3.531  9.256   1.00 105.64 ? 16  DT B "C4'" 1 
ATOM   189 O  "O4'" . DT A 1 10 ? -0.101  -3.085  8.703   1.00 97.20  ? 16  DT B "O4'" 1 
ATOM   190 C  "C3'" . DT A 1 10 ? 2.034   -3.927  8.070   1.00 100.05 ? 16  DT B "C3'" 1 
ATOM   191 O  "O3'" . DT A 1 10 ? 2.019   -5.310  7.937   1.00 99.60  ? 16  DT B "O3'" 1 
ATOM   192 C  "C2'" . DT A 1 10 ? 1.347   -3.240  6.889   1.00 100.62 ? 16  DT B "C2'" 1 
ATOM   193 C  "C1'" . DT A 1 10 ? -0.110  -3.325  7.312   1.00 94.00  ? 16  DT B "C1'" 1 
ATOM   194 N  N1    . DT A 1 10 ? -1.018  -2.305  6.659   1.00 82.03  ? 16  DT B N1    1 
ATOM   195 C  C2    . DT A 1 10 ? -2.199  -2.718  6.073   1.00 78.16  ? 16  DT B C2    1 
ATOM   196 O  O2    . DT A 1 10 ? -2.558  -3.879  6.032   1.00 79.28  ? 16  DT B O2    1 
ATOM   197 N  N3    . DT A 1 10 ? -2.951  -1.712  5.530   1.00 75.69  ? 16  DT B N3    1 
ATOM   198 C  C4    . DT A 1 10 ? -2.649  -0.363  5.513   1.00 77.20  ? 16  DT B C4    1 
ATOM   199 O  O4    . DT A 1 10 ? -3.387  0.475   5.000   1.00 75.53  ? 16  DT B O4    1 
ATOM   200 C  C5    . DT A 1 10 ? -1.409  -0.004  6.140   1.00 74.49  ? 16  DT B C5    1 
ATOM   201 C  C7    . DT A 1 10 ? -0.989  1.425   6.176   1.00 74.03  ? 16  DT B C7    1 
ATOM   202 C  C6    . DT A 1 10 ? -0.662  -0.976  6.679   1.00 78.37  ? 16  DT B C6    1 
ATOM   203 P  P     . DG A 1 11 ? 3.380   -6.088  7.619   1.00 118.60 ? 17  DG B P     1 
ATOM   204 O  OP1   . DG A 1 11 ? 3.941   -6.618  8.883   1.00 127.84 ? 17  DG B OP1   1 
ATOM   205 O  OP2   . DG A 1 11 ? 4.182   -5.165  6.782   1.00 111.44 ? 17  DG B OP2   1 
ATOM   206 O  "O5'" . DG A 1 11 ? 2.887   -7.316  6.728   1.00 108.92 ? 17  DG B "O5'" 1 
ATOM   207 C  "C5'" . DG A 1 11 ? 1.496   -7.588  6.616   1.00 106.48 ? 17  DG B "C5'" 1 
ATOM   208 C  "C4'" . DG A 1 11 ? 1.164   -8.144  5.242   1.00 99.35  ? 17  DG B "C4'" 1 
ATOM   209 O  "O4'" . DG A 1 11 ? 0.261   -7.242  4.552   1.00 100.98 ? 17  DG B "O4'" 1 
ATOM   210 C  "C3'" . DG A 1 11 ? 2.346   -8.337  4.308   1.00 91.55  ? 17  DG B "C3'" 1 
ATOM   211 O  "O3'" . DG A 1 11 ? 2.101   -9.508  3.500   1.00 97.27  ? 17  DG B "O3'" 1 
ATOM   212 C  "C2'" . DG A 1 11 ? 2.344   -7.034  3.505   1.00 73.32  ? 17  DG B "C2'" 1 
ATOM   213 C  "C1'" . DG A 1 11 ? 0.861   -6.748  3.377   1.00 80.51  ? 17  DG B "C1'" 1 
ATOM   214 N  N9    . DG A 1 11 ? 0.556   -5.327  3.286   1.00 75.20  ? 17  DG B N9    1 
ATOM   215 C  C8    . DG A 1 11 ? 1.365   -4.288  3.666   1.00 82.61  ? 17  DG B C8    1 
ATOM   216 N  N7    . DG A 1 11 ? 0.829   -3.112  3.471   1.00 77.18  ? 17  DG B N7    1 
ATOM   217 C  C5    . DG A 1 11 ? -0.416  -3.388  2.931   1.00 70.81  ? 17  DG B C5    1 
ATOM   218 C  C6    . DG A 1 11 ? -1.445  -2.507  2.523   1.00 69.19  ? 17  DG B C6    1 
ATOM   219 O  O6    . DG A 1 11 ? -1.460  -1.269  2.561   1.00 68.88  ? 17  DG B O6    1 
ATOM   220 N  N1    . DG A 1 11 ? -2.540  -3.194  2.031   1.00 66.82  ? 17  DG B N1    1 
ATOM   221 C  C2    . DG A 1 11 ? -2.637  -4.557  1.946   1.00 69.90  ? 17  DG B C2    1 
ATOM   222 N  N2    . DG A 1 11 ? -3.778  -5.027  1.443   1.00 69.31  ? 17  DG B N2    1 
ATOM   223 N  N3    . DG A 1 11 ? -1.686  -5.403  2.327   1.00 70.71  ? 17  DG B N3    1 
ATOM   224 C  C4    . DG A 1 11 ? -0.605  -4.747  2.809   1.00 71.59  ? 17  DG B C4    1 
ATOM   225 P  P     . DA A 1 12 ? 2.933   -9.840  2.161   1.00 95.10  ? 18  DA B P     1 
ATOM   226 O  OP1   . DA A 1 12 ? 3.321   -11.262 2.250   1.00 87.20  ? 18  DA B OP1   1 
ATOM   227 O  OP2   . DA A 1 12 ? 3.995   -8.839  1.905   1.00 90.75  ? 18  DA B OP2   1 
ATOM   228 O  "O5'" . DA A 1 12 ? 1.814   -9.744  1.025   1.00 86.62  ? 18  DA B "O5'" 1 
ATOM   229 C  "C5'" . DA A 1 12 ? 0.632   -10.513 1.166   1.00 82.29  ? 18  DA B "C5'" 1 
ATOM   230 C  "C4'" . DA A 1 12 ? -0.377  -10.188 0.079   1.00 85.05  ? 18  DA B "C4'" 1 
ATOM   231 O  "O4'" . DA A 1 12 ? -0.749  -8.786  0.141   1.00 85.23  ? 18  DA B "O4'" 1 
ATOM   232 C  "C3'" . DA A 1 12 ? 0.103   -10.438 -1.341  1.00 79.93  ? 18  DA B "C3'" 1 
ATOM   233 O  "O3'" . DA A 1 12 ? -0.947  -10.992 -2.095  1.00 82.09  ? 18  DA B "O3'" 1 
ATOM   234 C  "C2'" . DA A 1 12 ? 0.483   -9.045  -1.831  1.00 77.55  ? 18  DA B "C2'" 1 
ATOM   235 C  "C1'" . DA A 1 12 ? -0.525  -8.170  -1.108  1.00 74.42  ? 18  DA B "C1'" 1 
ATOM   236 N  N9    . DA A 1 12 ? -0.041  -6.825  -0.838  1.00 66.08  ? 18  DA B N9    1 
ATOM   237 C  C8    . DA A 1 12 ? 1.138   -6.483  -0.252  1.00 73.29  ? 18  DA B C8    1 
ATOM   238 N  N7    . DA A 1 12 ? 1.299   -5.185  -0.109  1.00 74.89  ? 18  DA B N7    1 
ATOM   239 C  C5    . DA A 1 12 ? 0.141   -4.648  -0.626  1.00 64.43  ? 18  DA B C5    1 
ATOM   240 C  C6    . DA A 1 12 ? -0.312  -3.319  -0.763  1.00 66.92  ? 18  DA B C6    1 
ATOM   241 N  N6    . DA A 1 12 ? 0.390   -2.249  -0.378  1.00 67.39  ? 18  DA B N6    1 
ATOM   242 N  N1    . DA A 1 12 ? -1.517  -3.131  -1.318  1.00 65.33  ? 18  DA B N1    1 
ATOM   243 C  C2    . DA A 1 12 ? -2.213  -4.204  -1.707  1.00 70.29  ? 18  DA B C2    1 
ATOM   244 N  N3    . DA A 1 12 ? -1.890  -5.496  -1.628  1.00 66.71  ? 18  DA B N3    1 
ATOM   245 C  C4    . DA A 1 12 ? -0.695  -5.647  -1.075  1.00 59.98  ? 18  DA B C4    1 
ATOM   246 P  P     . DC A 1 13 ? -0.700  -11.434 -3.614  1.00 94.92  ? 19  DC B P     1 
ATOM   247 O  OP1   . DC A 1 13 ? -1.687  -12.499 -3.916  1.00 86.98  ? 19  DC B OP1   1 
ATOM   248 O  OP2   . DC A 1 13 ? 0.754   -11.664 -3.799  1.00 87.52  ? 19  DC B OP2   1 
ATOM   249 O  "O5'" . DC A 1 13 ? -1.101  -10.131 -4.432  1.00 84.19  ? 19  DC B "O5'" 1 
ATOM   250 C  "C5'" . DC A 1 13 ? -2.396  -9.609  -4.280  1.00 78.57  ? 19  DC B "C5'" 1 
ATOM   251 C  "C4'" . DC A 1 13 ? -2.538  -8.337  -5.070  1.00 73.35  ? 19  DC B "C4'" 1 
ATOM   252 O  "O4'" . DC A 1 13 ? -1.842  -7.287  -4.390  1.00 72.11  ? 19  DC B "O4'" 1 
ATOM   253 C  "C3'" . DC A 1 13 ? -1.935  -8.387  -6.473  1.00 73.47  ? 19  DC B "C3'" 1 
ATOM   254 O  "O3'" . DC A 1 13 ? -2.970  -8.308  -7.448  1.00 78.89  ? 19  DC B "O3'" 1 
ATOM   255 C  "C2'" . DC A 1 13 ? -1.000  -7.170  -6.528  1.00 74.33  ? 19  DC B "C2'" 1 
ATOM   256 C  "C1'" . DC A 1 13 ? -1.468  -6.349  -5.342  1.00 67.52  ? 19  DC B "C1'" 1 
ATOM   257 N  N1    . DC A 1 13 ? -0.434  -5.480  -4.738  1.00 62.71  ? 19  DC B N1    1 
ATOM   258 C  C2    . DC A 1 13 ? -0.647  -4.100  -4.695  1.00 63.90  ? 19  DC B C2    1 
ATOM   259 O  O2    . DC A 1 13 ? -1.685  -3.641  -5.181  1.00 65.64  ? 19  DC B O2    1 
ATOM   260 N  N3    . DC A 1 13 ? 0.285   -3.307  -4.128  1.00 63.20  ? 19  DC B N3    1 
ATOM   261 C  C4    . DC A 1 13 ? 1.385   -3.847  -3.609  1.00 65.24  ? 19  DC B C4    1 
ATOM   262 N  N4    . DC A 1 13 ? 2.278   -3.023  -3.058  1.00 63.08  ? 19  DC B N4    1 
ATOM   263 C  C5    . DC A 1 13 ? 1.616   -5.257  -3.634  1.00 61.24  ? 19  DC B C5    1 
ATOM   264 C  C6    . DC A 1 13 ? 0.685   -6.026  -4.200  1.00 59.00  ? 19  DC B C6    1 
ATOM   265 P  P     . DG A 1 14 ? -2.679  -8.713  -8.977  1.00 85.59  ? 20  DG B P     1 
ATOM   266 O  OP1   . DG A 1 14 ? -3.780  -9.589  -9.441  1.00 77.82  ? 20  DG B OP1   1 
ATOM   267 O  OP2   . DG A 1 14 ? -1.283  -9.218  -9.063  1.00 84.72  ? 20  DG B OP2   1 
ATOM   268 O  "O5'" . DG A 1 14 ? -2.767  -7.316  -9.741  1.00 71.04  ? 20  DG B "O5'" 1 
ATOM   269 C  "C5'" . DG A 1 14 ? -3.920  -6.512  -9.581  1.00 72.26  ? 20  DG B "C5'" 1 
ATOM   270 C  "C4'" . DG A 1 14 ? -3.586  -5.054  -9.802  1.00 77.12  ? 20  DG B "C4'" 1 
ATOM   271 O  "O4'" . DG A 1 14 ? -2.627  -4.633  -8.806  1.00 83.49  ? 20  DG B "O4'" 1 
ATOM   272 C  "C3'" . DG A 1 14 ? -2.953  -4.741  -11.163 1.00 74.88  ? 20  DG B "C3'" 1 
ATOM   273 O  "O3'" . DG A 1 14 ? -3.739  -3.803  -11.864 1.00 81.50  ? 20  DG B "O3'" 1 
ATOM   274 C  "C2'" . DG A 1 14 ? -1.577  -4.166  -10.822 1.00 75.57  ? 20  DG B "C2'" 1 
ATOM   275 C  "C1'" . DG A 1 14 ? -1.757  -3.700  -9.388  1.00 77.03  ? 20  DG B "C1'" 1 
ATOM   276 N  N9    . DG A 1 14 ? -0.506  -3.690  -8.635  1.00 69.36  ? 20  DG B N9    1 
ATOM   277 C  C8    . DG A 1 14 ? 0.284   -4.773  -8.331  1.00 67.94  ? 20  DG B C8    1 
ATOM   278 N  N7    . DG A 1 14 ? 1.351   -4.465  -7.642  1.00 65.55  ? 20  DG B N7    1 
ATOM   279 C  C5    . DG A 1 14 ? 1.269   -3.086  -7.494  1.00 65.01  ? 20  DG B C5    1 
ATOM   280 C  C6    . DG A 1 14 ? 2.147   -2.192  -6.843  1.00 64.83  ? 20  DG B C6    1 
ATOM   281 O  O6    . DG A 1 14 ? 3.206   -2.455  -6.255  1.00 62.12  ? 20  DG B O6    1 
ATOM   282 N  N1    . DG A 1 14 ? 1.691   -0.880  -6.915  1.00 61.70  ? 20  DG B N1    1 
ATOM   283 C  C2    . DG A 1 14 ? 0.533   -0.484  -7.538  1.00 65.91  ? 20  DG B C2    1 
ATOM   284 N  N2    . DG A 1 14 ? 0.260   0.825   -7.500  1.00 69.48  ? 20  DG B N2    1 
ATOM   285 N  N3    . DG A 1 14 ? -0.301  -1.312  -8.158  1.00 64.29  ? 20  DG B N3    1 
ATOM   286 C  C4    . DG A 1 14 ? 0.132   -2.592  -8.096  1.00 63.95  ? 20  DG B C4    1 
ATOM   287 P  P     . DA A 1 15 ? -3.535  -3.614  -13.446 1.00 93.69  ? 21  DA B P     1 
ATOM   288 O  OP1   . DA A 1 15 ? -4.874  -3.368  -14.041 1.00 79.72  ? 21  DA B OP1   1 
ATOM   289 O  OP2   . DA A 1 15 ? -2.661  -4.719  -13.919 1.00 79.62  ? 21  DA B OP2   1 
ATOM   290 O  "O5'" . DA A 1 15 ? -2.713  -2.253  -13.564 1.00 80.10  ? 21  DA B "O5'" 1 
ATOM   291 C  "C5'" . DA A 1 15 ? -3.317  -1.058  -13.143 1.00 83.17  ? 21  DA B "C5'" 1 
ATOM   292 C  "C4'" . DA A 1 15 ? -2.276  -0.060  -12.684 1.00 84.86  ? 21  DA B "C4'" 1 
ATOM   293 O  "O4'" . DA A 1 15 ? -1.399  -0.673  -11.730 1.00 80.56  ? 21  DA B "O4'" 1 
ATOM   294 C  "C3'" . DA A 1 15 ? -1.363  0.452   -13.780 1.00 80.90  ? 21  DA B "C3'" 1 
ATOM   295 O  "O3'" . DA A 1 15 ? -1.856  1.683   -14.267 1.00 89.84  ? 21  DA B "O3'" 1 
ATOM   296 C  "C2'" . DA A 1 15 ? -0.003  0.630   -13.087 1.00 80.97  ? 21  DA B "C2'" 1 
ATOM   297 C  "C1'" . DA A 1 15 ? -0.232  0.095   -11.672 1.00 77.36  ? 21  DA B "C1'" 1 
ATOM   298 N  N9    . DA A 1 15 ? 0.854   -0.748  -11.177 1.00 72.15  ? 21  DA B N9    1 
ATOM   299 C  C8    . DA A 1 15 ? 0.949   -2.107  -11.263 1.00 70.72  ? 21  DA B C8    1 
ATOM   300 N  N7    . DA A 1 15 ? 2.037   -2.601  -10.723 1.00 67.23  ? 21  DA B N7    1 
ATOM   301 C  C5    . DA A 1 15 ? 2.703   -1.491  -10.258 1.00 63.00  ? 21  DA B C5    1 
ATOM   302 C  C6    . DA A 1 15 ? 3.921   -1.348  -9.584  1.00 62.41  ? 21  DA B C6    1 
ATOM   303 N  N6    . DA A 1 15 ? 4.702   -2.380  -9.263  1.00 59.61  ? 21  DA B N6    1 
ATOM   304 N  N1    . DA A 1 15 ? 4.305   -0.096  -9.252  1.00 65.67  ? 21  DA B N1    1 
ATOM   305 C  C2    . DA A 1 15 ? 3.507   0.936   -9.585  1.00 68.56  ? 21  DA B C2    1 
ATOM   306 N  N3    . DA A 1 15 ? 2.332   0.918   -10.218 1.00 64.11  ? 21  DA B N3    1 
ATOM   307 C  C4    . DA A 1 15 ? 1.986   -0.337  -10.526 1.00 64.96  ? 21  DA B C4    1 
ATOM   308 P  P     . DC A 1 16 ? -1.320  2.254   -15.666 1.00 111.28 ? 22  DC B P     1 
ATOM   309 O  OP1   . DC A 1 16 ? -2.322  3.239   -16.146 1.00 100.63 ? 22  DC B OP1   1 
ATOM   310 O  OP2   . DC A 1 16 ? -0.931  1.088   -16.497 1.00 93.23  ? 22  DC B OP2   1 
ATOM   311 O  "O5'" . DC A 1 16 ? 0.032   3.011   -15.275 1.00 95.01  ? 22  DC B "O5'" 1 
ATOM   312 C  "C5'" . DC A 1 16 ? -0.007  4.113   -14.385 1.00 89.55  ? 22  DC B "C5'" 1 
ATOM   313 C  "C4'" . DC A 1 16 ? 1.399   4.522   -13.993 1.00 91.40  ? 22  DC B "C4'" 1 
ATOM   314 O  "O4'" . DC A 1 16 ? 1.990   3.485   -13.198 1.00 86.78  ? 22  DC B "O4'" 1 
ATOM   315 C  "C3'" . DC A 1 16 ? 2.350   4.686   -15.160 1.00 92.08  ? 22  DC B "C3'" 1 
ATOM   316 O  "O3'" . DC A 1 16 ? 2.363   6.034   -15.590 1.00 101.31 ? 22  DC B "O3'" 1 
ATOM   317 C  "C2'" . DC A 1 16 ? 3.714   4.270   -14.589 1.00 84.77  ? 22  DC B "C2'" 1 
ATOM   318 C  "C1'" . DC A 1 16 ? 3.384   3.617   -13.253 1.00 75.64  ? 22  DC B "C1'" 1 
ATOM   319 N  N1    . DC A 1 16 ? 3.980   2.270   -13.066 1.00 65.17  ? 22  DC B N1    1 
ATOM   320 C  C2    . DC A 1 16 ? 5.214   2.143   -12.445 1.00 66.95  ? 22  DC B C2    1 
ATOM   321 O  O2    . DC A 1 16 ? 5.804   3.162   -12.092 1.00 72.50  ? 22  DC B O2    1 
ATOM   322 N  N3    . DC A 1 16 ? 5.736   0.906   -12.259 1.00 67.28  ? 22  DC B N3    1 
ATOM   323 C  C4    . DC A 1 16 ? 5.055   -0.171  -12.657 1.00 70.52  ? 22  DC B C4    1 
ATOM   324 N  N4    . DC A 1 16 ? 5.602   -1.381  -12.459 1.00 68.24  ? 22  DC B N4    1 
ATOM   325 C  C5    . DC A 1 16 ? 3.783   -0.056  -13.282 1.00 68.20  ? 22  DC B C5    1 
ATOM   326 C  C6    . DC A 1 16 ? 3.293   1.171   -13.462 1.00 69.36  ? 22  DC B C6    1 
ATOM   327 P  P     . DG A 1 17 ? 3.039   6.403   -16.996 1.00 104.48 ? 23  DG B P     1 
ATOM   328 O  OP1   . DG A 1 17 ? 2.405   7.653   -17.485 1.00 100.99 ? 23  DG B OP1   1 
ATOM   329 O  OP2   . DG A 1 17 ? 3.019   5.162   -17.808 1.00 92.19  ? 23  DG B OP2   1 
ATOM   330 O  "O5'" . DG A 1 17 ? 4.565   6.684   -16.624 1.00 87.09  ? 23  DG B "O5'" 1 
ATOM   331 C  "C5'" . DG A 1 17 ? 4.899   7.784   -15.807 1.00 85.60  ? 23  DG B "C5'" 1 
ATOM   332 C  "C4'" . DG A 1 17 ? 6.385   7.785   -15.520 1.00 94.30  ? 23  DG B "C4'" 1 
ATOM   333 O  "O4'" . DG A 1 17 ? 6.764   6.516   -14.926 1.00 98.14  ? 23  DG B "O4'" 1 
ATOM   334 C  "C3'" . DG A 1 17 ? 7.280   7.943   -16.740 1.00 91.68  ? 23  DG B "C3'" 1 
ATOM   335 O  "O3'" . DG A 1 17 ? 8.434   8.670   -16.379 1.00 97.32  ? 23  DG B "O3'" 1 
ATOM   336 C  "C2'" . DG A 1 17 ? 7.620   6.499   -17.109 1.00 84.83  ? 23  DG B "C2'" 1 
ATOM   337 C  "C1'" . DG A 1 17 ? 7.712   5.851   -15.740 1.00 83.52  ? 23  DG B "C1'" 1 
ATOM   338 N  N9    . DG A 1 17 ? 7.372   4.435   -15.746 1.00 73.41  ? 23  DG B N9    1 
ATOM   339 C  C8    . DG A 1 17 ? 6.264   3.866   -16.310 1.00 74.95  ? 23  DG B C8    1 
ATOM   340 N  N7    . DG A 1 17 ? 6.200   2.573   -16.144 1.00 74.18  ? 23  DG B N7    1 
ATOM   341 C  C5    . DG A 1 17 ? 7.350   2.262   -15.429 1.00 69.39  ? 23  DG B C5    1 
ATOM   342 C  C6    . DG A 1 17 ? 7.829   1.008   -14.961 1.00 71.50  ? 23  DG B C6    1 
ATOM   343 O  O6    . DG A 1 17 ? 7.317   -0.111  -15.087 1.00 73.18  ? 23  DG B O6    1 
ATOM   344 N  N1    . DG A 1 17 ? 9.027   1.137   -14.283 1.00 71.24  ? 23  DG B N1    1 
ATOM   345 C  C2    . DG A 1 17 ? 9.682   2.318   -14.073 1.00 74.71  ? 23  DG B C2    1 
ATOM   346 N  N2    . DG A 1 17 ? 10.825  2.232   -13.386 1.00 75.16  ? 23  DG B N2    1 
ATOM   347 N  N3    . DG A 1 17 ? 9.251   3.502   -14.501 1.00 74.15  ? 23  DG B N3    1 
ATOM   348 C  C4    . DG A 1 17 ? 8.081   3.398   -15.171 1.00 70.20  ? 23  DG B C4    1 
ATOM   349 P  P     . DA A 1 18 ? 9.519   9.055   -17.493 1.00 106.30 ? 24  DA B P     1 
ATOM   350 O  OP1   . DA A 1 18 ? 10.089  10.377  -17.112 1.00 89.16  ? 24  DA B OP1   1 
ATOM   351 O  OP2   . DA A 1 18 ? 8.879   8.848   -18.815 1.00 98.14  ? 24  DA B OP2   1 
ATOM   352 O  "O5'" . DA A 1 18 ? 10.649  7.939   -17.320 1.00 98.92  ? 24  DA B "O5'" 1 
ATOM   353 C  "C5'" . DA A 1 18 ? 11.485  7.970   -16.191 1.00 91.68  ? 24  DA B "C5'" 1 
ATOM   354 C  "C4'" . DA A 1 18 ? 12.475  6.831   -16.239 1.00 93.17  ? 24  DA B "C4'" 1 
ATOM   355 O  "O4'" . DA A 1 18 ? 11.781  5.561   -16.163 1.00 94.68  ? 24  DA B "O4'" 1 
ATOM   356 C  "C3'" . DA A 1 18 ? 13.318  6.774   -17.503 1.00 95.70  ? 24  DA B "C3'" 1 
ATOM   357 O  "O3'" . DA A 1 18 ? 14.661  6.655   -17.141 1.00 100.92 ? 24  DA B "O3'" 1 
ATOM   358 C  "C2'" . DA A 1 18 ? 12.815  5.519   -18.232 1.00 89.34  ? 24  DA B "C2'" 1 
ATOM   359 C  "C1'" . DA A 1 18 ? 12.364  4.659   -17.076 1.00 85.21  ? 24  DA B "C1'" 1 
ATOM   360 N  N9    . DA A 1 18 ? 11.348  3.672   -17.421 1.00 81.65  ? 24  DA B N9    1 
ATOM   361 C  C8    . DA A 1 18 ? 10.138  3.907   -18.010 1.00 82.78  ? 24  DA B C8    1 
ATOM   362 N  N7    . DA A 1 18 ? 9.404   2.826   -18.167 1.00 77.91  ? 24  DA B N7    1 
ATOM   363 C  C5    . DA A 1 18 ? 10.180  1.819   -17.627 1.00 75.27  ? 24  DA B C5    1 
ATOM   364 C  C6    . DA A 1 18 ? 9.968   0.433   -17.484 1.00 78.19  ? 24  DA B C6    1 
ATOM   365 N  N6    . DA A 1 18 ? 8.862   -0.192  -17.900 1.00 78.92  ? 24  DA B N6    1 
ATOM   366 N  N1    . DA A 1 18 ? 10.943  -0.287  -16.900 1.00 76.53  ? 24  DA B N1    1 
ATOM   367 C  C2    . DA A 1 18 ? 12.051  0.345   -16.495 1.00 77.79  ? 24  DA B C2    1 
ATOM   368 N  N3    . DA A 1 18 ? 12.362  1.639   -16.577 1.00 74.62  ? 24  DA B N3    1 
ATOM   369 C  C4    . DA A 1 18 ? 11.378  2.324   -17.156 1.00 75.62  ? 24  DA B C4    1 
ATOM   370 P  P     . DC A 1 19 ? 15.808  7.006   -18.198 1.00 110.92 ? 25  DC B P     1 
ATOM   371 O  OP1   . DC A 1 19 ? 16.899  7.625   -17.408 1.00 106.08 ? 25  DC B OP1   1 
ATOM   372 O  OP2   . DC A 1 19 ? 15.187  7.735   -19.331 1.00 113.81 ? 25  DC B OP2   1 
ATOM   373 O  "O5'" . DC A 1 19 ? 16.284  5.574   -18.711 1.00 96.42  ? 25  DC B "O5'" 1 
ATOM   374 C  "C5'" . DC A 1 19 ? 16.763  4.654   -17.773 1.00 96.57  ? 25  DC B "C5'" 1 
ATOM   375 C  "C4'" . DC A 1 19 ? 16.563  3.227   -18.240 1.00 100.84 ? 25  DC B "C4'" 1 
ATOM   376 O  "O4'" . DC A 1 19 ? 15.173  2.927   -18.440 1.00 96.53  ? 25  DC B "O4'" 1 
ATOM   377 C  "C3'" . DC A 1 19 ? 17.213  2.863   -19.568 1.00 98.97  ? 25  DC B "C3'" 1 
ATOM   378 O  "O3'" . DC A 1 19 ? 18.496  2.352   -19.330 1.00 103.61 ? 25  DC B "O3'" 1 
ATOM   379 C  "C2'" . DC A 1 19 ? 16.277  1.779   -20.147 1.00 94.80  ? 25  DC B "C2'" 1 
ATOM   380 C  "C1'" . DC A 1 19 ? 15.174  1.685   -19.090 1.00 93.52  ? 25  DC B "C1'" 1 
ATOM   381 N  N1    . DC A 1 19 ? 13.823  1.381   -19.631 1.00 85.18  ? 25  DC B N1    1 
ATOM   382 C  C2    . DC A 1 19 ? 13.372  0.054   -19.626 1.00 86.95  ? 25  DC B C2    1 
ATOM   383 O  O2    . DC A 1 19 ? 14.116  -0.832  -19.173 1.00 90.45  ? 25  DC B O2    1 
ATOM   384 N  N3    . DC A 1 19 ? 12.139  -0.226  -20.112 1.00 81.83  ? 25  DC B N3    1 
ATOM   385 C  C4    . DC A 1 19 ? 11.378  0.752   -20.592 1.00 81.18  ? 25  DC B C4    1 
ATOM   386 N  N4    . DC A 1 19 ? 10.173  0.424   -21.061 1.00 80.44  ? 25  DC B N4    1 
ATOM   387 C  C5    . DC A 1 19 ? 11.821  2.113   -20.608 1.00 85.40  ? 25  DC B C5    1 
ATOM   388 C  C6    . DC A 1 19 ? 13.041  2.378   -20.123 1.00 83.69  ? 25  DC B C6    1 
ATOM   389 P  P     . DT A 1 20 ? 19.463  2.007   -20.557 1.00 115.47 ? 26  DT B P     1 
ATOM   390 O  OP1   . DT A 1 20 ? 20.844  2.082   -20.025 1.00 109.00 ? 26  DT B OP1   1 
ATOM   391 O  OP2   . DT A 1 20 ? 19.050  2.844   -21.711 1.00 115.81 ? 26  DT B OP2   1 
ATOM   392 O  "O5'" . DT A 1 20 ? 19.105  0.493   -20.898 1.00 100.35 ? 26  DT B "O5'" 1 
ATOM   393 C  "C5'" . DT A 1 20 ? 19.071  -0.439  -19.861 1.00 98.69  ? 26  DT B "C5'" 1 
ATOM   394 C  "C4'" . DT A 1 20 ? 18.785  -1.826  -20.388 1.00 107.51 ? 26  DT B "C4'" 1 
ATOM   395 O  "O4'" . DT A 1 20 ? 17.362  -1.995  -20.613 1.00 106.76 ? 26  DT B "O4'" 1 
ATOM   396 C  "C3'" . DT A 1 20 ? 19.477  -2.184  -21.693 1.00 107.30 ? 26  DT B "C3'" 1 
ATOM   397 O  "O3'" . DT A 1 20 ? 20.027  -3.484  -21.550 1.00 116.61 ? 26  DT B "O3'" 1 
ATOM   398 C  "C2'" . DT A 1 20 ? 18.339  -2.126  -22.732 1.00 106.66 ? 26  DT B "C2'" 1 
ATOM   399 C  "C1'" . DT A 1 20 ? 17.131  -2.532  -21.901 1.00 107.94 ? 26  DT B "C1'" 1 
ATOM   400 N  N1    . DT A 1 20 ? 15.803  -1.979  -22.367 1.00 97.54  ? 26  DT B N1    1 
ATOM   401 C  C2    . DT A 1 20 ? 14.692  -2.800  -22.379 1.00 96.43  ? 26  DT B C2    1 
ATOM   402 O  O2    . DT A 1 20 ? 14.726  -3.984  -22.083 1.00 100.55 ? 26  DT B O2    1 
ATOM   403 N  N3    . DT A 1 20 ? 13.530  -2.186  -22.769 1.00 90.14  ? 26  DT B N3    1 
ATOM   404 C  C4    . DT A 1 20 ? 13.363  -0.856  -23.123 1.00 89.16  ? 26  DT B C4    1 
ATOM   405 O  O4    . DT A 1 20 ? 12.270  -0.389  -23.457 1.00 86.23  ? 26  DT B O4    1 
ATOM   406 C  C5    . DT A 1 20 ? 14.557  -0.054  -23.072 1.00 84.60  ? 26  DT B C5    1 
ATOM   407 C  C7    . DT A 1 20 ? 14.494  1.399   -23.434 1.00 79.18  ? 26  DT B C7    1 
ATOM   408 C  C6    . DT A 1 20 ? 15.703  -0.642  -22.691 1.00 91.09  ? 26  DT B C6    1 
ATOM   409 P  P     . DC A 1 21 ? 20.561  -4.308  -22.815 1.00 134.56 ? 27  DC B P     1 
ATOM   410 O  OP1   . DC A 1 21 ? 21.547  -5.285  -22.294 1.00 125.61 ? 27  DC B OP1   1 
ATOM   411 O  OP2   . DC A 1 21 ? 20.938  -3.344  -23.876 1.00 128.80 ? 27  DC B OP2   1 
ATOM   412 O  "O5'" . DC A 1 21 ? 19.275  -5.122  -23.308 1.00 126.22 ? 27  DC B "O5'" 1 
ATOM   413 C  "C5'" . DC A 1 21 ? 18.987  -6.401  -22.758 1.00 122.75 ? 27  DC B "C5'" 1 
ATOM   414 C  "C4'" . DC A 1 21 ? 18.239  -7.258  -23.765 1.00 124.14 ? 27  DC B "C4'" 1 
ATOM   415 O  "O4'" . DC A 1 21 ? 16.980  -6.618  -24.104 1.00 119.82 ? 27  DC B "O4'" 1 
ATOM   416 C  "C3'" . DC A 1 21 ? 18.961  -7.474  -25.092 1.00 125.05 ? 27  DC B "C3'" 1 
ATOM   417 O  "O3'" . DC A 1 21 ? 18.656  -8.768  -25.603 1.00 130.22 ? 27  DC B "O3'" 1 
ATOM   418 C  "C2'" . DC A 1 21 ? 18.375  -6.376  -25.974 1.00 116.80 ? 27  DC B "C2'" 1 
ATOM   419 C  "C1'" . DC A 1 21 ? 16.934  -6.356  -25.492 1.00 115.09 ? 27  DC B "C1'" 1 
ATOM   420 N  N1    . DC A 1 21 ? 16.242  -5.054  -25.709 1.00 107.79 ? 27  DC B N1    1 
ATOM   421 C  C2    . DC A 1 21 ? 14.846  -5.008  -25.664 1.00 104.05 ? 27  DC B C2    1 
ATOM   422 O  O2    . DC A 1 21 ? 14.219  -6.054  -25.440 1.00 102.25 ? 27  DC B O2    1 
ATOM   423 N  N3    . DC A 1 21 ? 14.217  -3.817  -25.868 1.00 96.95  ? 27  DC B N3    1 
ATOM   424 C  C4    . DC A 1 21 ? 14.935  -2.718  -26.107 1.00 98.64  ? 27  DC B C4    1 
ATOM   425 N  N4    . DC A 1 21 ? 14.278  -1.572  -26.303 1.00 95.97  ? 27  DC B N4    1 
ATOM   426 C  C5    . DC A 1 21 ? 16.361  -2.747  -26.158 1.00 103.02 ? 27  DC B C5    1 
ATOM   427 C  C6    . DC A 1 21 ? 16.967  -3.925  -25.956 1.00 109.81 ? 27  DC B C6    1 
ATOM   428 O  "O5'" . DT B 2 1  ? 9.998   6.417   -34.576 1.00 144.61 ? 28  DT C "O5'" 1 
ATOM   429 C  "C5'" . DT B 2 1  ? 9.486   5.577   -33.550 1.00 124.85 ? 28  DT C "C5'" 1 
ATOM   430 C  "C4'" . DT B 2 1  ? 8.872   4.322   -34.138 1.00 118.54 ? 28  DT C "C4'" 1 
ATOM   431 O  "O4'" . DT B 2 1  ? 9.917   3.436   -34.569 1.00 108.52 ? 28  DT C "O4'" 1 
ATOM   432 C  "C3'" . DT B 2 1  ? 8.062   3.502   -33.156 1.00 117.42 ? 28  DT C "C3'" 1 
ATOM   433 O  "O3'" . DT B 2 1  ? 6.729   3.944   -33.154 1.00 120.87 ? 28  DT C "O3'" 1 
ATOM   434 C  "C2'" . DT B 2 1  ? 8.165   2.079   -33.706 1.00 110.30 ? 28  DT C "C2'" 1 
ATOM   435 C  "C1'" . DT B 2 1  ? 9.435   2.114   -34.561 1.00 102.74 ? 28  DT C "C1'" 1 
ATOM   436 N  N1    . DT B 2 1  ? 10.528  1.218   -34.089 1.00 97.24  ? 28  DT C N1    1 
ATOM   437 C  C2    . DT B 2 1  ? 10.334  -0.146  -34.090 1.00 99.47  ? 28  DT C C2    1 
ATOM   438 O  O2    . DT B 2 1  ? 9.293   -0.671  -34.430 1.00 105.21 ? 28  DT C O2    1 
ATOM   439 N  N3    . DT B 2 1  ? 11.406  -0.880  -33.667 1.00 94.93  ? 28  DT C N3    1 
ATOM   440 C  C4    . DT B 2 1  ? 12.630  -0.399  -33.257 1.00 98.46  ? 28  DT C C4    1 
ATOM   441 O  O4    . DT B 2 1  ? 13.535  -1.141  -32.892 1.00 98.84  ? 28  DT C O4    1 
ATOM   442 C  C5    . DT B 2 1  ? 12.774  1.041   -33.288 1.00 99.52  ? 28  DT C C5    1 
ATOM   443 C  C7    . DT B 2 1  ? 14.061  1.679   -32.862 1.00 102.57 ? 28  DT C C7    1 
ATOM   444 C  C6    . DT B 2 1  ? 11.728  1.770   -33.701 1.00 99.50  ? 28  DT C C6    1 
ATOM   445 P  P     . DC B 2 2  ? 5.726   3.424   -32.017 1.00 133.45 ? 29  DC C P     1 
ATOM   446 O  OP1   . DC B 2 2  ? 4.687   4.465   -31.848 1.00 136.66 ? 29  DC C OP1   1 
ATOM   447 O  OP2   . DC B 2 2  ? 6.538   2.965   -30.866 1.00 123.57 ? 29  DC C OP2   1 
ATOM   448 O  "O5'" . DC B 2 2  ? 5.061   2.118   -32.647 1.00 120.03 ? 29  DC C "O5'" 1 
ATOM   449 C  "C5'" . DC B 2 2  ? 4.192   1.326   -31.858 1.00 118.61 ? 29  DC C "C5'" 1 
ATOM   450 C  "C4'" . DC B 2 2  ? 4.653   -0.113  -31.849 1.00 119.91 ? 29  DC C "C4'" 1 
ATOM   451 O  "O4'" . DC B 2 2  ? 6.093   -0.157  -32.009 1.00 113.01 ? 29  DC C "O4'" 1 
ATOM   452 C  "C3'" . DC B 2 2  ? 4.337   -0.876  -30.560 1.00 120.90 ? 29  DC C "C3'" 1 
ATOM   453 O  "O3'" . DC B 2 2  ? 3.512   -1.998  -30.835 1.00 121.51 ? 29  DC C "O3'" 1 
ATOM   454 C  "C2'" . DC B 2 2  ? 5.709   -1.303  -30.029 1.00 119.69 ? 29  DC C "C2'" 1 
ATOM   455 C  "C1'" . DC B 2 2  ? 6.589   -1.233  -31.264 1.00 113.66 ? 29  DC C "C1'" 1 
ATOM   456 N  N1    . DC B 2 2  ? 8.036   -0.985  -30.954 1.00 101.46 ? 29  DC C N1    1 
ATOM   457 C  C2    . DC B 2 2  ? 8.895   -2.073  -30.741 1.00 97.87  ? 29  DC C C2    1 
ATOM   458 O  O2    . DC B 2 2  ? 8.447   -3.224  -30.816 1.00 98.91  ? 29  DC C O2    1 
ATOM   459 N  N3    . DC B 2 2  ? 10.199  -1.835  -30.462 1.00 95.50  ? 29  DC C N3    1 
ATOM   460 C  C4    . DC B 2 2  ? 10.646  -0.583  -30.391 1.00 94.51  ? 29  DC C C4    1 
ATOM   461 N  N4    . DC B 2 2  ? 11.939  -0.402  -30.116 1.00 92.35  ? 29  DC C N4    1 
ATOM   462 C  C5    . DC B 2 2  ? 9.788   0.539   -30.603 1.00 97.38  ? 29  DC C C5    1 
ATOM   463 C  C6    . DC B 2 2  ? 8.503   0.294   -30.873 1.00 100.44 ? 29  DC C C6    1 
ATOM   464 P  P     . DG B 2 3  ? 2.731   -2.730  -29.638 1.00 136.71 ? 30  DG C P     1 
ATOM   465 O  OP1   . DG B 2 3  ? 1.285   -2.563  -29.892 1.00 149.78 ? 30  DG C OP1   1 
ATOM   466 O  OP2   . DG B 2 3  ? 3.305   -2.259  -28.358 1.00 130.77 ? 30  DG C OP2   1 
ATOM   467 O  "O5'" . DG B 2 3  ? 3.110   -4.277  -29.820 1.00 134.73 ? 30  DG C "O5'" 1 
ATOM   468 C  "C5'" . DG B 2 3  ? 4.467   -4.659  -30.066 1.00 131.76 ? 30  DG C "C5'" 1 
ATOM   469 C  "C4'" . DG B 2 3  ? 4.951   -5.660  -29.030 1.00 129.37 ? 30  DG C "C4'" 1 
ATOM   470 O  "O4'" . DG B 2 3  ? 6.353   -5.405  -28.730 1.00 122.27 ? 30  DG C "O4'" 1 
ATOM   471 C  "C3'" . DG B 2 3  ? 4.227   -5.591  -27.692 1.00 128.22 ? 30  DG C "C3'" 1 
ATOM   472 O  "O3'" . DG B 2 3  ? 4.192   -6.876  -27.084 1.00 131.45 ? 30  DG C "O3'" 1 
ATOM   473 C  "C2'" . DG B 2 3  ? 5.096   -4.621  -26.903 1.00 121.23 ? 30  DG C "C2'" 1 
ATOM   474 C  "C1'" . DG B 2 3  ? 6.494   -4.995  -27.381 1.00 114.90 ? 30  DG C "C1'" 1 
ATOM   475 N  N9    . DG B 2 3  ? 7.441   -3.876  -27.316 1.00 102.91 ? 30  DG C N9    1 
ATOM   476 C  C8    . DG B 2 3  ? 7.152   -2.542  -27.467 1.00 105.03 ? 30  DG C C8    1 
ATOM   477 N  N7    . DG B 2 3  ? 8.191   -1.761  -27.350 1.00 94.58  ? 30  DG C N7    1 
ATOM   478 C  C5    . DG B 2 3  ? 9.237   -2.629  -27.091 1.00 90.45  ? 30  DG C C5    1 
ATOM   479 C  C6    . DG B 2 3  ? 10.602  -2.355  -26.870 1.00 90.58  ? 30  DG C C6    1 
ATOM   480 O  O6    . DG B 2 3  ? 11.163  -1.251  -26.859 1.00 89.41  ? 30  DG C O6    1 
ATOM   481 N  N1    . DG B 2 3  ? 11.332  -3.519  -26.639 1.00 87.32  ? 30  DG C N1    1 
ATOM   482 C  C2    . DG B 2 3  ? 10.797  -4.791  -26.626 1.00 94.31  ? 30  DG C C2    1 
ATOM   483 N  N2    . DG B 2 3  ? 11.651  -5.794  -26.389 1.00 96.92  ? 30  DG C N2    1 
ATOM   484 N  N3    . DG B 2 3  ? 9.514   -5.063  -26.836 1.00 97.25  ? 30  DG C N3    1 
ATOM   485 C  C4    . DG B 2 3  ? 8.796   -3.938  -27.059 1.00 96.74  ? 30  DG C C4    1 
ATOM   486 P  P     . DA B 2 4  ? 3.124   -7.190  -25.923 1.00 141.53 ? 31  DA C P     1 
ATOM   487 O  OP1   . DA B 2 4  ? 1.898   -7.740  -26.542 1.00 135.24 ? 31  DA C OP1   1 
ATOM   488 O  OP2   . DA B 2 4  ? 3.032   -5.993  -25.054 1.00 128.71 ? 31  DA C OP2   1 
ATOM   489 O  "O5'" . DA B 2 4  ? 3.822   -8.352  -25.082 1.00 137.35 ? 31  DA C "O5'" 1 
ATOM   490 C  "C5'" . DA B 2 4  ? 4.959   -9.022  -25.611 1.00 134.42 ? 31  DA C "C5'" 1 
ATOM   491 C  "C4'" . DA B 2 4  ? 6.098   -9.033  -24.602 1.00 134.38 ? 31  DA C "C4'" 1 
ATOM   492 O  "O4'" . DA B 2 4  ? 6.920   -7.842  -24.755 1.00 127.05 ? 31  DA C "O4'" 1 
ATOM   493 C  "C3'" . DA B 2 4  ? 5.677   -9.064  -23.127 1.00 129.22 ? 31  DA C "C3'" 1 
ATOM   494 O  "O3'" . DA B 2 4  ? 6.477   -10.016 -22.441 1.00 134.51 ? 31  DA C "O3'" 1 
ATOM   495 C  "C2'" . DA B 2 4  ? 5.977   -7.638  -22.657 1.00 116.25 ? 31  DA C "C2'" 1 
ATOM   496 C  "C1'" . DA B 2 4  ? 7.210   -7.329  -23.477 1.00 113.99 ? 31  DA C "C1'" 1 
ATOM   497 N  N9    . DA B 2 4  ? 7.504   -5.906  -23.604 1.00 99.67  ? 31  DA C N9    1 
ATOM   498 C  C8    . DA B 2 4  ? 6.630   -4.911  -23.927 1.00 103.23 ? 31  DA C C8    1 
ATOM   499 N  N7    . DA B 2 4  ? 7.182   -3.718  -23.978 1.00 97.85  ? 31  DA C N7    1 
ATOM   500 C  C5    . DA B 2 4  ? 8.508   -3.950  -23.666 1.00 88.77  ? 31  DA C C5    1 
ATOM   501 C  C6    . DA B 2 4  ? 9.620   -3.093  -23.549 1.00 84.44  ? 31  DA C C6    1 
ATOM   502 N  N6    . DA B 2 4  ? 9.554   -1.772  -23.747 1.00 81.77  ? 31  DA C N6    1 
ATOM   503 N  N1    . DA B 2 4  ? 10.807  -3.647  -23.224 1.00 81.09  ? 31  DA C N1    1 
ATOM   504 C  C2    . DA B 2 4  ? 10.867  -4.966  -23.029 1.00 84.70  ? 31  DA C C2    1 
ATOM   505 N  N3    . DA B 2 4  ? 9.892   -5.873  -23.109 1.00 91.81  ? 31  DA C N3    1 
ATOM   506 C  C4    . DA B 2 4  ? 8.726   -5.293  -23.434 1.00 92.88  ? 31  DA C C4    1 
ATOM   507 P  P     . DG B 2 5  ? 6.147   -10.468 -20.933 1.00 140.76 ? 32  DG C P     1 
ATOM   508 O  OP1   . DG B 2 5  ? 5.529   -11.811 -20.998 1.00 135.32 ? 32  DG C OP1   1 
ATOM   509 O  OP2   . DG B 2 5  ? 5.448   -9.375  -20.217 1.00 130.97 ? 32  DG C OP2   1 
ATOM   510 O  "O5'" . DG B 2 5  ? 7.601   -10.619 -20.289 1.00 139.71 ? 32  DG C "O5'" 1 
ATOM   511 C  "C5'" . DG B 2 5  ? 8.719   -10.024 -20.945 1.00 140.90 ? 32  DG C "C5'" 1 
ATOM   512 C  "C4'" . DG B 2 5  ? 9.819   -9.689  -19.957 1.00 116.49 ? 32  DG C "C4'" 1 
ATOM   513 O  "O4'" . DG B 2 5  ? 10.248  -8.319  -20.169 1.00 106.96 ? 32  DG C "O4'" 1 
ATOM   514 C  "C3'" . DG B 2 5  ? 9.425   -9.782  -18.490 1.00 108.06 ? 32  DG C "C3'" 1 
ATOM   515 O  "O3'" . DG B 2 5  ? 10.555  -10.188 -17.719 1.00 111.72 ? 32  DG C "O3'" 1 
ATOM   516 C  "C2'" . DG B 2 5  ? 9.003   -8.354  -18.177 1.00 94.73  ? 32  DG C "C2'" 1 
ATOM   517 C  "C1'" . DG B 2 5  ? 9.970   -7.543  -19.033 1.00 93.60  ? 32  DG C "C1'" 1 
ATOM   518 N  N9    . DG B 2 5  ? 9.413   -6.263  -19.463 1.00 84.93  ? 32  DG C N9    1 
ATOM   519 C  C8    . DG B 2 5  ? 8.119   -6.012  -19.855 1.00 92.21  ? 32  DG C C8    1 
ATOM   520 N  N7    . DG B 2 5  ? 7.901   -4.762  -20.163 1.00 84.85  ? 32  DG C N7    1 
ATOM   521 C  C5    . DG B 2 5  ? 9.124   -4.145  -19.955 1.00 76.49  ? 32  DG C C5    1 
ATOM   522 C  C6    . DG B 2 5  ? 9.496   -2.791  -20.123 1.00 77.32  ? 32  DG C C6    1 
ATOM   523 O  O6    . DG B 2 5  ? 8.795   -1.844  -20.500 1.00 76.77  ? 32  DG C O6    1 
ATOM   524 N  N1    . DG B 2 5  ? 10.833  -2.582  -19.802 1.00 74.69  ? 32  DG C N1    1 
ATOM   525 C  C2    . DG B 2 5  ? 11.698  -3.565  -19.373 1.00 81.62  ? 32  DG C C2    1 
ATOM   526 N  N2    . DG B 2 5  ? 12.957  -3.179  -19.108 1.00 80.08  ? 32  DG C N2    1 
ATOM   527 N  N3    . DG B 2 5  ? 11.357  -4.841  -19.212 1.00 80.75  ? 32  DG C N3    1 
ATOM   528 C  C4    . DG B 2 5  ? 10.062  -5.055  -19.521 1.00 77.11  ? 32  DG C C4    1 
ATOM   529 P  P     . DT B 2 6  ? 10.419  -10.570 -16.160 1.00 119.09 ? 33  DT C P     1 
ATOM   530 O  OP1   . DT B 2 6  ? 10.809  -11.995 -16.036 1.00 105.23 ? 33  DT C OP1   1 
ATOM   531 O  OP2   . DT B 2 6  ? 9.118   -10.097 -15.617 1.00 105.96 ? 33  DT C OP2   1 
ATOM   532 O  "O5'" . DT B 2 6  ? 11.563  -9.683  -15.486 1.00 108.35 ? 33  DT C "O5'" 1 
ATOM   533 C  "C5'" . DT B 2 6  ? 11.813  -8.393  -16.004 1.00 95.16  ? 33  DT C "C5'" 1 
ATOM   534 C  "C4'" . DT B 2 6  ? 13.059  -7.776  -15.409 1.00 86.70  ? 33  DT C "C4'" 1 
ATOM   535 O  "O4'" . DT B 2 6  ? 13.127  -6.412  -15.870 1.00 89.66  ? 33  DT C "O4'" 1 
ATOM   536 C  "C3'" . DT B 2 6  ? 13.056  -7.665  -13.889 1.00 82.45  ? 33  DT C "C3'" 1 
ATOM   537 O  "O3'" . DT B 2 6  ? 14.399  -7.475  -13.376 1.00 80.01  ? 33  DT C "O3'" 1 
ATOM   538 C  "C2'" . DT B 2 6  ? 12.204  -6.428  -13.688 1.00 77.69  ? 33  DT C "C2'" 1 
ATOM   539 C  "C1'" . DT B 2 6  ? 12.633  -5.552  -14.865 1.00 76.75  ? 33  DT C "C1'" 1 
ATOM   540 N  N1    . DT B 2 6  ? 11.526  -4.752  -15.418 1.00 69.89  ? 33  DT C N1    1 
ATOM   541 C  C2    . DT B 2 6  ? 11.718  -3.408  -15.614 1.00 72.70  ? 33  DT C C2    1 
ATOM   542 O  O2    . DT B 2 6  ? 12.774  -2.848  -15.388 1.00 72.54  ? 33  DT C O2    1 
ATOM   543 N  N3    . DT B 2 6  ? 10.631  -2.738  -16.099 1.00 72.56  ? 33  DT C N3    1 
ATOM   544 C  C4    . DT B 2 6  ? 9.391   -3.272  -16.391 1.00 76.08  ? 33  DT C C4    1 
ATOM   545 O  O4    . DT B 2 6  ? 8.469   -2.593  -16.829 1.00 78.14  ? 33  DT C O4    1 
ATOM   546 C  C5    . DT B 2 6  ? 9.253   -4.682  -16.147 1.00 71.87  ? 33  DT C C5    1 
ATOM   547 C  C7    . DT B 2 6  ? 7.950   -5.358  -16.430 1.00 69.82  ? 33  DT C C7    1 
ATOM   548 C  C6    . DT B 2 6  ? 10.315  -5.350  -15.671 1.00 70.01  ? 33  DT C C6    1 
ATOM   549 P  P     . DC B 2 7  ? 14.664  -7.325  -11.789 1.00 78.65  ? 34  DC C P     1 
ATOM   550 O  OP1   . DC B 2 7  ? 16.044  -7.783  -11.518 1.00 64.82  ? 34  DC C OP1   1 
ATOM   551 O  OP2   . DC B 2 7  ? 13.535  -7.915  -11.035 1.00 83.83  ? 34  DC C OP2   1 
ATOM   552 O  "O5'" . DC B 2 7  ? 14.628  -5.750  -11.548 1.00 76.77  ? 34  DC C "O5'" 1 
ATOM   553 C  "C5'" . DC B 2 7  ? 15.667  -4.966  -12.077 1.00 72.72  ? 34  DC C "C5'" 1 
ATOM   554 C  "C4'" . DC B 2 7  ? 15.524  -3.521  -11.660 1.00 70.90  ? 34  DC C "C4'" 1 
ATOM   555 O  "O4'" . DC B 2 7  ? 14.389  -2.917  -12.333 1.00 76.19  ? 34  DC C "O4'" 1 
ATOM   556 C  "C3'" . DC B 2 7  ? 15.308  -3.286  -10.174 1.00 70.83  ? 34  DC C "C3'" 1 
ATOM   557 O  "O3'" . DC B 2 7  ? 16.114  -2.215  -9.781  1.00 71.97  ? 34  DC C "O3'" 1 
ATOM   558 C  "C2'" . DC B 2 7  ? 13.817  -2.929  -10.085 1.00 75.13  ? 34  DC C "C2'" 1 
ATOM   559 C  "C1'" . DC B 2 7  ? 13.601  -2.212  -11.401 1.00 71.55  ? 34  DC C "C1'" 1 
ATOM   560 N  N1    . DC B 2 7  ? 12.186  -2.228  -11.904 1.00 67.64  ? 34  DC C N1    1 
ATOM   561 C  C2    . DC B 2 7  ? 11.584  -1.033  -12.330 1.00 69.97  ? 34  DC C C2    1 
ATOM   562 O  O2    . DC B 2 7  ? 12.216  0.024   -12.241 1.00 76.84  ? 34  DC C O2    1 
ATOM   563 N  N3    . DC B 2 7  ? 10.322  -1.063  -12.812 1.00 69.96  ? 34  DC C N3    1 
ATOM   564 C  C4    . DC B 2 7  ? 9.670   -2.222  -12.898 1.00 71.32  ? 34  DC C C4    1 
ATOM   565 N  N4    . DC B 2 7  ? 8.421   -2.198  -13.382 1.00 73.56  ? 34  DC C N4    1 
ATOM   566 C  C5    . DC B 2 7  ? 10.269  -3.454  -12.490 1.00 62.89  ? 34  DC C C5    1 
ATOM   567 C  C6    . DC B 2 7  ? 11.519  -3.410  -12.009 1.00 65.20  ? 34  DC C C6    1 
ATOM   568 P  P     . DG B 2 8  ? 16.561  -2.055  -8.252  1.00 82.83  ? 35  DG C P     1 
ATOM   569 O  OP1   . DG B 2 8  ? 18.030  -1.858  -8.224  1.00 86.81  ? 35  DG C OP1   1 
ATOM   570 O  OP2   . DG B 2 8  ? 15.953  -3.190  -7.514  1.00 79.71  ? 35  DG C OP2   1 
ATOM   571 O  "O5'" . DG B 2 8  ? 15.854  -0.699  -7.808  1.00 65.18  ? 35  DG C "O5'" 1 
ATOM   572 C  "C5'" . DG B 2 8  ? 15.595  0.280   -8.766  1.00 66.13  ? 35  DG C "C5'" 1 
ATOM   573 C  "C4'" . DG B 2 8  ? 14.487  1.190   -8.299  1.00 71.01  ? 35  DG C "C4'" 1 
ATOM   574 O  "O4'" . DG B 2 8  ? 13.248  0.879   -8.999  1.00 74.40  ? 35  DG C "O4'" 1 
ATOM   575 C  "C3'" . DG B 2 8  ? 14.139  1.067   -6.814  1.00 69.14  ? 35  DG C "C3'" 1 
ATOM   576 O  "O3'" . DG B 2 8  ? 13.759  2.304   -6.348  1.00 66.13  ? 35  DG C "O3'" 1 
ATOM   577 C  "C2'" . DG B 2 8  ? 12.923  0.167   -6.854  1.00 74.33  ? 35  DG C "C2'" 1 
ATOM   578 C  "C1'" . DG B 2 8  ? 12.229  0.795   -8.028  1.00 66.89  ? 35  DG C "C1'" 1 
ATOM   579 N  N9    . DG B 2 8  ? 11.131  0.018   -8.548  1.00 64.28  ? 35  DG C N9    1 
ATOM   580 C  C8    . DG B 2 8  ? 10.961  -1.341  -8.474  1.00 66.46  ? 35  DG C C8    1 
ATOM   581 N  N7    . DG B 2 8  ? 9.870   -1.751  -9.046  1.00 64.52  ? 35  DG C N7    1 
ATOM   582 C  C5    . DG B 2 8  ? 9.293   -0.590  -9.522  1.00 59.00  ? 35  DG C C5    1 
ATOM   583 C  C6    . DG B 2 8  ? 8.108   -0.412  -10.233 1.00 63.95  ? 35  DG C C6    1 
ATOM   584 O  O6    . DG B 2 8  ? 7.302   -1.275  -10.588 1.00 72.04  ? 35  DG C O6    1 
ATOM   585 N  N1    . DG B 2 8  ? 7.887   0.926   -10.536 1.00 66.36  ? 35  DG C N1    1 
ATOM   586 C  C2    . DG B 2 8  ? 8.721   1.957   -10.186 1.00 69.40  ? 35  DG C C2    1 
ATOM   587 N  N2    . DG B 2 8  ? 8.347   3.188   -10.561 1.00 70.77  ? 35  DG C N2    1 
ATOM   588 N  N3    . DG B 2 8  ? 9.841   1.796   -9.514  1.00 71.07  ? 35  DG C N3    1 
ATOM   589 C  C4    . DG B 2 8  ? 10.055  0.499   -9.219  1.00 62.55  ? 35  DG C C4    1 
ATOM   590 P  P     . DG C 3 1  ? -13.465 -4.680  8.248   1.00 71.02  ? 36  DG D P     1 
ATOM   591 O  OP1   . DG C 3 1  ? -13.891 -3.333  7.821   1.00 66.18  ? 36  DG D OP1   1 
ATOM   592 O  OP2   . DG C 3 1  ? -14.383 -5.844  8.156   1.00 65.06  ? 36  DG D OP2   1 
ATOM   593 O  "O5'" . DG C 3 1  ? -12.196 -5.029  7.348   1.00 71.10  ? 36  DG D "O5'" 1 
ATOM   594 C  "C5'" . DG C 3 1  ? -11.823 -6.386  7.151   1.00 71.10  ? 36  DG D "C5'" 1 
ATOM   595 C  "C4'" . DG C 3 1  ? -10.320 -6.517  7.215   1.00 70.70  ? 36  DG D "C4'" 1 
ATOM   596 O  "O4'" . DG C 3 1  ? -9.731  -5.436  6.468   1.00 67.86  ? 36  DG D "O4'" 1 
ATOM   597 C  "C3'" . DG C 3 1  ? -9.741  -6.364  8.601   1.00 71.72  ? 36  DG D "C3'" 1 
ATOM   598 O  "O3'" . DG C 3 1  ? -9.755  -7.614  9.274   1.00 77.06  ? 36  DG D "O3'" 1 
ATOM   599 C  "C2'" . DG C 3 1  ? -8.318  -5.885  8.322   1.00 68.62  ? 36  DG D "C2'" 1 
ATOM   600 C  "C1'" . DG C 3 1  ? -8.460  -5.140  6.993   1.00 64.42  ? 36  DG D "C1'" 1 
ATOM   601 N  N9    . DG C 3 1  ? -8.355  -3.696  7.087   1.00 62.77  ? 36  DG D N9    1 
ATOM   602 C  C8    . DG C 3 1  ? -9.321  -2.791  6.746   1.00 66.69  ? 36  DG D C8    1 
ATOM   603 N  N7    . DG C 3 1  ? -8.952  -1.554  6.901   1.00 67.18  ? 36  DG D N7    1 
ATOM   604 C  C5    . DG C 3 1  ? -7.657  -1.645  7.371   1.00 65.26  ? 36  DG D C5    1 
ATOM   605 C  C6    . DG C 3 1  ? -6.756  -0.620  7.721   1.00 67.51  ? 36  DG D C6    1 
ATOM   606 O  O6    . DG C 3 1  ? -6.942  0.601   7.683   1.00 65.47  ? 36  DG D O6    1 
ATOM   607 N  N1    . DG C 3 1  ? -5.535  -1.131  8.150   1.00 69.26  ? 36  DG D N1    1 
ATOM   608 C  C2    . DG C 3 1  ? -5.235  -2.475  8.236   1.00 75.55  ? 36  DG D C2    1 
ATOM   609 N  N2    . DG C 3 1  ? -4.007  -2.780  8.675   1.00 77.81  ? 36  DG D N2    1 
ATOM   610 N  N3    . DG C 3 1  ? -6.082  -3.452  7.910   1.00 68.53  ? 36  DG D N3    1 
ATOM   611 C  C4    . DG C 3 1  ? -7.270  -2.960  7.489   1.00 63.93  ? 36  DG D C4    1 
ATOM   612 P  P     . DT C 3 2  ? -9.804  -7.649  10.879  1.00 82.92  ? 37  DT D P     1 
ATOM   613 O  OP1   . DT C 3 2  ? -9.933  -9.085  11.263  1.00 61.73  ? 37  DT D OP1   1 
ATOM   614 O  OP2   . DT C 3 2  ? -10.787 -6.633  11.327  1.00 79.36  ? 37  DT D OP2   1 
ATOM   615 O  "O5'" . DT C 3 2  ? -8.364  -7.116  11.310  1.00 61.26  ? 37  DT D "O5'" 1 
ATOM   616 C  "C5'" . DT C 3 2  ? -7.271  -7.986  11.210  1.00 68.31  ? 37  DT D "C5'" 1 
ATOM   617 C  "C4'" . DT C 3 2  ? -6.015  -7.320  11.690  1.00 73.75  ? 37  DT D "C4'" 1 
ATOM   618 O  "O4'" . DT C 3 2  ? -5.945  -5.985  11.134  1.00 72.67  ? 37  DT D "O4'" 1 
ATOM   619 C  "C3'" . DT C 3 2  ? -5.923  -7.143  13.193  1.00 80.62  ? 37  DT D "C3'" 1 
ATOM   620 O  "O3'" . DT C 3 2  ? -4.578  -7.250  13.581  1.00 88.64  ? 37  DT D "O3'" 1 
ATOM   621 C  "C2'" . DT C 3 2  ? -6.452  -5.725  13.391  1.00 81.60  ? 37  DT D "C2'" 1 
ATOM   622 C  "C1'" . DT C 3 2  ? -5.897  -5.033  12.162  1.00 69.23  ? 37  DT D "C1'" 1 
ATOM   623 N  N1    . DT C 3 2  ? -6.689  -3.885  11.725  1.00 65.30  ? 37  DT D N1    1 
ATOM   624 C  C2    . DT C 3 2  ? -6.107  -2.646  11.700  1.00 71.64  ? 37  DT D C2    1 
ATOM   625 O  O2    . DT C 3 2  ? -4.961  -2.450  12.039  1.00 81.32  ? 37  DT D O2    1 
ATOM   626 N  N3    . DT C 3 2  ? -6.915  -1.636  11.270  1.00 65.73  ? 37  DT D N3    1 
ATOM   627 C  C4    . DT C 3 2  ? -8.221  -1.744  10.863  1.00 65.76  ? 37  DT D C4    1 
ATOM   628 O  O4    . DT C 3 2  ? -8.871  -0.775  10.495  1.00 66.54  ? 37  DT D O4    1 
ATOM   629 C  C5    . DT C 3 2  ? -8.774  -3.081  10.908  1.00 68.39  ? 37  DT D C5    1 
ATOM   630 C  C7    . DT C 3 2  ? -10.191 -3.320  10.499  1.00 67.60  ? 37  DT D C7    1 
ATOM   631 C  C6    . DT C 3 2  ? -7.988  -4.078  11.328  1.00 68.67  ? 37  DT D C6    1 
ATOM   632 P  P     . DG C 3 3  ? -4.192  -7.435  15.124  1.00 101.96 ? 38  DG D P     1 
ATOM   633 O  OP1   . DG C 3 3  ? -3.412  -8.694  15.239  1.00 89.50  ? 38  DG D OP1   1 
ATOM   634 O  OP2   . DG C 3 3  ? -5.450  -7.267  15.901  1.00 88.20  ? 38  DG D OP2   1 
ATOM   635 O  "O5'" . DG C 3 3  ? -3.208  -6.202  15.406  1.00 78.98  ? 38  DG D "O5'" 1 
ATOM   636 C  "C5'" . DG C 3 3  ? -3.565  -4.908  14.987  1.00 76.18  ? 38  DG D "C5'" 1 
ATOM   637 C  "C4'" . DG C 3 3  ? -2.456  -3.937  15.299  1.00 85.33  ? 38  DG D "C4'" 1 
ATOM   638 O  "O4'" . DG C 3 3  ? -2.789  -2.631  14.769  1.00 84.83  ? 38  DG D "O4'" 1 
ATOM   639 C  "C3'" . DG C 3 3  ? -2.215  -3.717  16.776  1.00 99.70  ? 38  DG D "C3'" 1 
ATOM   640 O  "O3'" . DG C 3 3  ? -0.843  -3.344  16.994  1.00 109.38 ? 38  DG D "O3'" 1 
ATOM   641 C  "C2'" . DG C 3 3  ? -3.202  -2.587  17.105  1.00 98.34  ? 38  DG D "C2'" 1 
ATOM   642 C  "C1'" . DG C 3 3  ? -3.265  -1.786  15.800  1.00 87.63  ? 38  DG D "C1'" 1 
ATOM   643 N  N9    . DG C 3 3  ? -4.614  -1.360  15.434  1.00 79.24  ? 38  DG D N9    1 
ATOM   644 C  C8    . DG C 3 3  ? -5.711  -2.167  15.256  1.00 82.55  ? 38  DG D C8    1 
ATOM   645 N  N7    . DG C 3 3  ? -6.785  -1.516  14.904  1.00 79.15  ? 38  DG D N7    1 
ATOM   646 C  C5    . DG C 3 3  ? -6.375  -0.195  14.838  1.00 71.32  ? 38  DG D C5    1 
ATOM   647 C  C6    . DG C 3 3  ? -7.110  0.961   14.506  1.00 74.58  ? 38  DG D C6    1 
ATOM   648 O  O6    . DG C 3 3  ? -8.303  1.043   14.196  1.00 77.53  ? 38  DG D O6    1 
ATOM   649 N  N1    . DG C 3 3  ? -6.328  2.106   14.555  1.00 82.52  ? 38  DG D N1    1 
ATOM   650 C  C2    . DG C 3 3  ? -5.001  2.127   14.885  1.00 81.61  ? 38  DG D C2    1 
ATOM   651 N  N2    . DG C 3 3  ? -4.414  3.331   14.873  1.00 84.01  ? 38  DG D N2    1 
ATOM   652 N  N3    . DG C 3 3  ? -4.288  1.041   15.194  1.00 79.38  ? 38  DG D N3    1 
ATOM   653 C  C4    . DG C 3 3  ? -5.042  -0.079  15.153  1.00 74.12  ? 38  DG D C4    1 
ATOM   654 P  P     . DT C 3 4  ? -0.355  -2.751  18.408  1.00 110.46 ? 39  DT D P     1 
ATOM   655 O  OP1   . DT C 3 4  ? 1.122   -2.858  18.462  1.00 104.84 ? 39  DT D OP1   1 
ATOM   656 O  OP2   . DT C 3 4  ? -1.175  -3.385  19.463  1.00 98.98  ? 39  DT D OP2   1 
ATOM   657 O  "O5'" . DT C 3 4  ? -0.728  -1.200  18.317  1.00 92.28  ? 39  DT D "O5'" 1 
ATOM   658 C  "C5'" . DT C 3 4  ? -0.091  -0.286  19.156  1.00 104.39 ? 39  DT D "C5'" 1 
ATOM   659 C  "C4'" . DT C 3 4  ? -0.769  1.062   19.089  1.00 110.01 ? 39  DT D "C4'" 1 
ATOM   660 O  "O4'" . DT C 3 4  ? -2.043  0.949   18.407  1.00 104.27 ? 39  DT D "O4'" 1 
ATOM   661 C  "C3'" . DT C 3 4  ? -1.082  1.682   20.459  1.00 122.00 ? 39  DT D "C3'" 1 
ATOM   662 O  "O3'" . DT C 3 4  ? -0.456  2.949   20.587  1.00 127.84 ? 39  DT D "O3'" 1 
ATOM   663 C  "C2'" . DT C 3 4  ? -2.600  1.813   20.456  1.00 121.93 ? 39  DT D "C2'" 1 
ATOM   664 C  "C1'" . DT C 3 4  ? -2.893  1.907   18.977  1.00 106.78 ? 39  DT D "C1'" 1 
ATOM   665 N  N1    . DT C 3 4  ? -4.328  1.620   18.630  1.00 95.45  ? 39  DT D N1    1 
ATOM   666 C  C2    . DT C 3 4  ? -5.115  2.651   18.151  1.00 94.27  ? 39  DT D C2    1 
ATOM   667 O  O2    . DT C 3 4  ? -4.693  3.785   17.967  1.00 97.43  ? 39  DT D O2    1 
ATOM   668 N  N3    . DT C 3 4  ? -6.413  2.305   17.881  1.00 83.86  ? 39  DT D N3    1 
ATOM   669 C  C4    . DT C 3 4  ? -6.992  1.065   18.044  1.00 83.78  ? 39  DT D C4    1 
ATOM   670 O  O4    . DT C 3 4  ? -8.166  0.856   17.770  1.00 80.94  ? 39  DT D O4    1 
ATOM   671 C  C5    . DT C 3 4  ? -6.115  0.031   18.561  1.00 83.03  ? 39  DT D C5    1 
ATOM   672 C  C7    . DT C 3 4  ? -6.634  -1.357  18.786  1.00 77.72  ? 39  DT D C7    1 
ATOM   673 C  C6    . DT C 3 4  ? -4.844  0.357   18.834  1.00 85.04  ? 39  DT D C6    1 
ATOM   674 P  P     . DC C 3 5  ? 0.695   3.153   21.685  1.00 137.27 ? 40  DC D P     1 
ATOM   675 O  OP1   . DC C 3 5  ? 1.909   3.614   20.971  1.00 145.85 ? 40  DC D OP1   1 
ATOM   676 O  OP2   . DC C 3 5  ? 0.742   1.909   22.496  1.00 129.34 ? 40  DC D OP2   1 
ATOM   677 O  "O5'" . DC C 3 5  ? 0.160   4.365   22.585  1.00 149.15 ? 40  DC D "O5'" 1 
ATOM   678 C  "C5'" . DC C 3 5  ? -1.171  4.365   23.071  1.00 134.45 ? 40  DC D "C5'" 1 
ATOM   679 C  "C4'" . DC C 3 5  ? -1.892  5.617   22.627  1.00 127.94 ? 40  DC D "C4'" 1 
ATOM   680 O  "O4'" . DC C 3 5  ? -2.659  5.318   21.435  1.00 121.08 ? 40  DC D "O4'" 1 
ATOM   681 C  "C3'" . DC C 3 5  ? -2.906  6.166   23.626  1.00 131.36 ? 40  DC D "C3'" 1 
ATOM   682 O  "O3'" . DC C 3 5  ? -2.277  7.072   24.581  1.00 136.14 ? 40  DC D "O3'" 1 
ATOM   683 C  "C2'" . DC C 3 5  ? -3.905  6.865   22.715  1.00 125.52 ? 40  DC D "C2'" 1 
ATOM   684 C  "C1'" . DC C 3 5  ? -3.942  5.924   21.522  1.00 119.54 ? 40  DC D "C1'" 1 
ATOM   685 N  N1    . DC C 3 5  ? -4.992  4.839   21.601  1.00 111.94 ? 40  DC D N1    1 
ATOM   686 C  C2    . DC C 3 5  ? -6.294  5.093   21.136  1.00 106.42 ? 40  DC D C2    1 
ATOM   687 O  O2    . DC C 3 5  ? -6.566  6.221   20.691  1.00 99.96  ? 40  DC D O2    1 
ATOM   688 N  N3    . DC C 3 5  ? -7.221  4.093   21.190  1.00 97.78  ? 40  DC D N3    1 
ATOM   689 C  C4    . DC C 3 5  ? -6.881  2.889   21.673  1.00 99.43  ? 40  DC D C4    1 
ATOM   690 N  N4    . DC C 3 5  ? -7.820  1.936   21.704  1.00 96.51  ? 40  DC D N4    1 
ATOM   691 C  C5    . DC C 3 5  ? -5.563  2.614   22.146  1.00 99.45  ? 40  DC D C5    1 
ATOM   692 C  C6    . DC C 3 5  ? -4.666  3.607   22.097  1.00 107.04 ? 40  DC D C6    1 
ATOM   693 P  P     . DG C 3 6  ? -2.045  8.637   24.262  1.00 138.14 ? 41  DG D P     1 
ATOM   694 O  OP1   . DG C 3 6  ? -1.509  8.799   22.892  1.00 140.21 ? 41  DG D OP1   1 
ATOM   695 O  OP2   . DG C 3 6  ? -1.284  9.182   25.407  1.00 157.36 ? 41  DG D OP2   1 
ATOM   696 O  "O5'" . DG C 3 6  ? -3.498  9.294   24.332  1.00 123.73 ? 41  DG D "O5'" 1 
ATOM   697 C  "C5'" . DG C 3 6  ? -3.773  10.468  23.585  1.00 122.38 ? 41  DG D "C5'" 1 
ATOM   698 C  "C4'" . DG C 3 6  ? -5.268  10.726  23.527  1.00 124.14 ? 41  DG D "C4'" 1 
ATOM   699 O  "O4'" . DG C 3 6  ? -5.959  9.487   23.206  1.00 118.85 ? 41  DG D "O4'" 1 
ATOM   700 C  "C3'" . DG C 3 6  ? -5.885  11.230  24.833  1.00 128.28 ? 41  DG D "C3'" 1 
ATOM   701 O  "O3'" . DG C 3 6  ? -6.868  12.228  24.559  1.00 135.94 ? 41  DG D "O3'" 1 
ATOM   702 C  "C2'" . DG C 3 6  ? -6.515  9.973   25.426  1.00 121.56 ? 41  DG D "C2'" 1 
ATOM   703 C  "C1'" . DG C 3 6  ? -6.956  9.233   24.172  1.00 118.03 ? 41  DG D "C1'" 1 
ATOM   704 N  N9    . DG C 3 6  ? -7.066  7.788   24.365  1.00 112.22 ? 41  DG D N9    1 
ATOM   705 C  C8    . DG C 3 6  ? -6.114  6.951   24.900  1.00 114.61 ? 41  DG D C8    1 
ATOM   706 N  N7    . DG C 3 6  ? -6.481  5.701   24.954  1.00 109.04 ? 41  DG D N7    1 
ATOM   707 C  C5    . DG C 3 6  ? -7.767  5.705   24.434  1.00 104.20 ? 41  DG D C5    1 
ATOM   708 C  C6    . DG C 3 6  ? -8.669  4.635   24.248  1.00 98.10  ? 41  DG D C6    1 
ATOM   709 O  O6    . DG C 3 6  ? -8.498  3.436   24.516  1.00 95.13  ? 41  DG D O6    1 
ATOM   710 N  N1    . DG C 3 6  ? -9.874  5.066   23.692  1.00 95.07  ? 41  DG D N1    1 
ATOM   711 C  C2    . DG C 3 6  ? -10.165 6.375   23.360  1.00 95.09  ? 41  DG D C2    1 
ATOM   712 N  N2    . DG C 3 6  ? -11.381 6.598   22.837  1.00 87.08  ? 41  DG D N2    1 
ATOM   713 N  N3    . DG C 3 6  ? -9.322  7.393   23.527  1.00 95.17  ? 41  DG D N3    1 
ATOM   714 C  C4    . DG C 3 6  ? -8.147  6.985   24.069  1.00 103.55 ? 41  DG D C4    1 
ATOM   715 P  P     . DT C 3 7  ? -7.392  13.190  25.736  1.00 139.94 ? 42  DT D P     1 
ATOM   716 O  OP1   . DT C 3 7  ? -7.601  14.540  25.160  1.00 126.83 ? 42  DT D OP1   1 
ATOM   717 O  OP2   . DT C 3 7  ? -6.476  13.004  26.886  1.00 140.77 ? 42  DT D OP2   1 
ATOM   718 O  "O5'" . DT C 3 7  ? -8.817  12.576  26.132  1.00 126.35 ? 42  DT D "O5'" 1 
ATOM   719 C  "C5'" . DT C 3 7  ? -9.950  12.841  25.315  1.00 121.83 ? 42  DT D "C5'" 1 
ATOM   720 C  "C4'" . DT C 3 7  ? -10.995 11.743  25.449  1.00 122.39 ? 42  DT D "C4'" 1 
ATOM   721 O  "O4'" . DT C 3 7  ? -10.357 10.447  25.572  1.00 116.36 ? 42  DT D "O4'" 1 
ATOM   722 C  "C3'" . DT C 3 7  ? -11.926 11.862  26.666  1.00 118.96 ? 42  DT D "C3'" 1 
ATOM   723 O  "O3'" . DT C 3 7  ? -13.270 12.012  26.232  1.00 123.37 ? 42  DT D "O3'" 1 
ATOM   724 C  "C2'" . DT C 3 7  ? -11.726 10.538  27.420  1.00 111.42 ? 42  DT D "C2'" 1 
ATOM   725 C  "C1'" . DT C 3 7  ? -11.222 9.635   26.315  1.00 108.00 ? 42  DT D "C1'" 1 
ATOM   726 N  N1    . DT C 3 7  ? -10.488 8.427   26.791  1.00 102.73 ? 42  DT D N1    1 
ATOM   727 C  C2    . DT C 3 7  ? -11.138 7.209   26.788  1.00 100.61 ? 42  DT D C2    1 
ATOM   728 O  O2    . DT C 3 7  ? -12.292 7.067   26.421  1.00 97.86  ? 42  DT D O2    1 
ATOM   729 N  N3    . DT C 3 7  ? -10.387 6.155   27.232  1.00 98.78  ? 42  DT D N3    1 
ATOM   730 C  C4    . DT C 3 7  ? -9.076  6.191   27.670  1.00 103.97 ? 42  DT D C4    1 
ATOM   731 O  O4    . DT C 3 7  ? -8.483  5.184   28.049  1.00 101.80 ? 42  DT D O4    1 
ATOM   732 C  C5    . DT C 3 7  ? -8.451  7.497   27.647  1.00 108.93 ? 42  DT D C5    1 
ATOM   733 C  C7    . DT C 3 7  ? -7.031  7.659   28.103  1.00 115.23 ? 42  DT D C7    1 
ATOM   734 C  C6    . DT C 3 7  ? -9.181  8.541   27.211  1.00 105.16 ? 42  DT D C6    1 
ATOM   735 P  P     . DT D 4 1  ? 10.219  1.618   -1.959  1.00 80.58  ? 1   DT A P     1 
ATOM   736 O  OP1   . DT D 4 1  ? 11.277  2.344   -1.218  1.00 72.93  ? 1   DT A OP1   1 
ATOM   737 O  OP2   . DT D 4 1  ? 10.079  0.164   -1.769  1.00 66.89  ? 1   DT A OP2   1 
ATOM   738 O  "O5'" . DT D 4 1  ? 10.492  1.799   -3.525  1.00 71.99  ? 1   DT A "O5'" 1 
ATOM   739 C  "C5'" . DT D 4 1  ? 11.064  3.010   -4.010  1.00 73.02  ? 1   DT A "C5'" 1 
ATOM   740 C  "C4'" . DT D 4 1  ? 10.126  3.723   -4.977  1.00 65.10  ? 1   DT A "C4'" 1 
ATOM   741 O  "O4'" . DT D 4 1  ? 9.992   2.933   -6.172  1.00 68.54  ? 1   DT A "O4'" 1 
ATOM   742 C  "C3'" . DT D 4 1  ? 8.710   3.934   -4.479  1.00 68.22  ? 1   DT A "C3'" 1 
ATOM   743 O  "O3'" . DT D 4 1  ? 8.618   5.166   -3.775  1.00 75.59  ? 1   DT A "O3'" 1 
ATOM   744 C  "C2'" . DT D 4 1  ? 7.907   3.986   -5.773  1.00 61.16  ? 1   DT A "C2'" 1 
ATOM   745 C  "C1'" . DT D 4 1  ? 8.685   3.045   -6.684  1.00 62.70  ? 1   DT A "C1'" 1 
ATOM   746 N  N1    . DT D 4 1  ? 8.123   1.702   -6.761  1.00 61.30  ? 1   DT A N1    1 
ATOM   747 C  C2    . DT D 4 1  ? 6.950   1.521   -7.406  1.00 67.10  ? 1   DT A C2    1 
ATOM   748 O  O2    . DT D 4 1  ? 6.332   2.435   -7.907  1.00 74.56  ? 1   DT A O2    1 
ATOM   749 N  N3    . DT D 4 1  ? 6.510   0.227   -7.444  1.00 62.90  ? 1   DT A N3    1 
ATOM   750 C  C4    . DT D 4 1  ? 7.133   -0.870  -6.910  1.00 58.65  ? 1   DT A C4    1 
ATOM   751 O  O4    . DT D 4 1  ? 6.669   -1.997  -6.991  1.00 63.72  ? 1   DT A O4    1 
ATOM   752 C  C5    . DT D 4 1  ? 8.368   -0.605  -6.251  1.00 57.05  ? 1   DT A C5    1 
ATOM   753 C  C7    . DT D 4 1  ? 9.130   -1.729  -5.627  1.00 63.21  ? 1   DT A C7    1 
ATOM   754 C  C6    . DT D 4 1  ? 8.806   0.653   -6.210  1.00 62.18  ? 1   DT A C6    1 
ATOM   755 P  P     . DC D 4 2  ? 7.469   5.376   -2.668  1.00 83.97  ? 2   DC A P     1 
ATOM   756 O  OP1   . DC D 4 2  ? 7.662   6.708   -2.047  1.00 79.24  ? 2   DC A OP1   1 
ATOM   757 O  OP2   . DC D 4 2  ? 7.451   4.134   -1.855  1.00 76.87  ? 2   DC A OP2   1 
ATOM   758 O  "O5'" . DC D 4 2  ? 6.110   5.466   -3.513  1.00 73.65  ? 2   DC A "O5'" 1 
ATOM   759 C  "C5'" . DC D 4 2  ? 5.882   6.589   -4.361  1.00 79.50  ? 2   DC A "C5'" 1 
ATOM   760 C  "C4'" . DC D 4 2  ? 4.541   6.466   -5.056  1.00 78.10  ? 2   DC A "C4'" 1 
ATOM   761 O  "O4'" . DC D 4 2  ? 4.549   5.293   -5.893  1.00 76.06  ? 2   DC A "O4'" 1 
ATOM   762 C  "C3'" . DC D 4 2  ? 3.367   6.331   -4.112  1.00 76.32  ? 2   DC A "C3'" 1 
ATOM   763 O  "O3'" . DC D 4 2  ? 2.675   7.562   -4.066  1.00 83.88  ? 2   DC A "O3'" 1 
ATOM   764 C  "C2'" . DC D 4 2  ? 2.487   5.227   -4.712  1.00 74.67  ? 2   DC A "C2'" 1 
ATOM   765 C  "C1'" . DC D 4 2  ? 3.344   4.567   -5.780  1.00 71.72  ? 2   DC A "C1'" 1 
ATOM   766 N  N1    . DC D 4 2  ? 3.691   3.146   -5.480  1.00 68.39  ? 2   DC A N1    1 
ATOM   767 C  C2    . DC D 4 2  ? 2.857   2.111   -5.916  1.00 66.76  ? 2   DC A C2    1 
ATOM   768 O  O2    . DC D 4 2  ? 1.820   2.390   -6.531  1.00 68.53  ? 2   DC A O2    1 
ATOM   769 N  N3    . DC D 4 2  ? 3.206   0.831   -5.642  1.00 63.94  ? 2   DC A N3    1 
ATOM   770 C  C4    . DC D 4 2  ? 4.330   0.577   -4.970  1.00 66.19  ? 2   DC A C4    1 
ATOM   771 N  N4    . DC D 4 2  ? 4.639   -0.697  -4.718  1.00 63.72  ? 2   DC A N4    1 
ATOM   772 C  C5    . DC D 4 2  ? 5.190   1.618   -4.527  1.00 68.97  ? 2   DC A C5    1 
ATOM   773 C  C6    . DC D 4 2  ? 4.835   2.872   -4.802  1.00 70.20  ? 2   DC A C6    1 
ATOM   774 P  P     . DG D 4 3  ? 1.541   7.803   -2.959  1.00 103.46 ? 3   DG A P     1 
ATOM   775 O  OP1   . DG D 4 3  ? 1.198   9.244   -3.018  1.00 104.17 ? 3   DG A OP1   1 
ATOM   776 O  OP2   . DG D 4 3  ? 2.013   7.187   -1.691  1.00 91.49  ? 3   DG A OP2   1 
ATOM   777 O  "O5'" . DG D 4 3  ? 0.288   6.953   -3.487  1.00 83.55  ? 3   DG A "O5'" 1 
ATOM   778 C  "C5'" . DG D 4 3  ? -0.344  7.309   -4.697  1.00 85.79  ? 3   DG A "C5'" 1 
ATOM   779 C  "C4'" . DG D 4 3  ? -1.540  6.411   -4.964  1.00 92.67  ? 3   DG A "C4'" 1 
ATOM   780 O  "O4'" . DG D 4 3  ? -1.097  5.039   -5.107  1.00 88.52  ? 3   DG A "O4'" 1 
ATOM   781 C  "C3'" . DG D 4 3  ? -2.607  6.408   -3.878  1.00 92.55  ? 3   DG A "C3'" 1 
ATOM   782 O  "O3'" . DG D 4 3  ? -3.911  6.426   -4.480  1.00 100.58 ? 3   DG A "O3'" 1 
ATOM   783 C  "C2'" . DG D 4 3  ? -2.335  5.111   -3.107  1.00 82.85  ? 3   DG A "C2'" 1 
ATOM   784 C  "C1'" . DG D 4 3  ? -1.739  4.201   -4.168  1.00 76.71  ? 3   DG A "C1'" 1 
ATOM   785 N  N9    . DG D 4 3  ? -0.732  3.280   -3.640  1.00 71.86  ? 3   DG A N9    1 
ATOM   786 C  C8    . DG D 4 3  ? 0.343   3.607   -2.864  1.00 76.19  ? 3   DG A C8    1 
ATOM   787 N  N7    . DG D 4 3  ? 1.095   2.587   -2.557  1.00 71.37  ? 3   DG A N7    1 
ATOM   788 C  C5    . DG D 4 3  ? 0.483   1.517   -3.169  1.00 63.51  ? 3   DG A C5    1 
ATOM   789 C  C6    . DG D 4 3  ? 0.850   0.158   -3.182  1.00 68.64  ? 3   DG A C6    1 
ATOM   790 O  O6    . DG D 4 3  ? 1.822   -0.380  -2.626  1.00 70.31  ? 3   DG A O6    1 
ATOM   791 N  N1    . DG D 4 3  ? -0.037  -0.605  -3.928  1.00 68.05  ? 3   DG A N1    1 
ATOM   792 C  C2    . DG D 4 3  ? -1.137  -0.108  -4.577  1.00 68.53  ? 3   DG A C2    1 
ATOM   793 N  N2    . DG D 4 3  ? -1.872  -0.995  -5.249  1.00 69.66  ? 3   DG A N2    1 
ATOM   794 N  N3    . DG D 4 3  ? -1.494  1.167   -4.570  1.00 70.02  ? 3   DG A N3    1 
ATOM   795 C  C4    . DG D 4 3  ? -0.642  1.920   -3.846  1.00 66.46  ? 3   DG A C4    1 
ATOM   796 P  P     . DT D 4 4  ? -5.240  6.360   -3.576  1.00 112.15 ? 4   DT A P     1 
ATOM   797 O  OP1   . DT D 4 4  ? -6.305  7.111   -4.289  1.00 98.39  ? 4   DT A OP1   1 
ATOM   798 O  OP2   . DT D 4 4  ? -4.871  6.722   -2.183  1.00 103.98 ? 4   DT A OP2   1 
ATOM   799 O  "O5'" . DT D 4 4  ? -5.630  4.811   -3.614  1.00 97.15  ? 4   DT A "O5'" 1 
ATOM   800 C  "C5'" . DT D 4 4  ? -5.817  4.180   -4.867  1.00 89.40  ? 4   DT A "C5'" 1 
ATOM   801 C  "C4'" . DT D 4 4  ? -6.229  2.738   -4.686  1.00 82.41  ? 4   DT A "C4'" 1 
ATOM   802 O  "O4'" . DT D 4 4  ? -5.092  1.950   -4.246  1.00 80.05  ? 4   DT A "O4'" 1 
ATOM   803 C  "C3'" . DT D 4 4  ? -7.326  2.511   -3.645  1.00 87.36  ? 4   DT A "C3'" 1 
ATOM   804 O  "O3'" . DT D 4 4  ? -8.235  1.543   -4.134  1.00 96.40  ? 4   DT A "O3'" 1 
ATOM   805 C  "C2'" . DT D 4 4  ? -6.545  1.985   -2.443  1.00 85.36  ? 4   DT A "C2'" 1 
ATOM   806 C  "C1'" . DT D 4 4  ? -5.489  1.160   -3.150  1.00 82.41  ? 4   DT A "C1'" 1 
ATOM   807 N  N1    . DT D 4 4  ? -4.295  0.853   -2.323  1.00 77.44  ? 4   DT A N1    1 
ATOM   808 C  C2    . DT D 4 4  ? -3.883  -0.458  -2.207  1.00 77.32  ? 4   DT A C2    1 
ATOM   809 O  O2    . DT D 4 4  ? -4.456  -1.389  -2.748  1.00 82.21  ? 4   DT A O2    1 
ATOM   810 N  N3    . DT D 4 4  ? -2.769  -0.642  -1.437  1.00 72.05  ? 4   DT A N3    1 
ATOM   811 C  C4    . DT D 4 4  ? -2.038  0.328   -0.784  1.00 75.61  ? 4   DT A C4    1 
ATOM   812 O  O4    . DT D 4 4  ? -1.049  0.060   -0.110  1.00 76.47  ? 4   DT A O4    1 
ATOM   813 C  C5    . DT D 4 4  ? -2.521  1.681   -0.951  1.00 74.51  ? 4   DT A C5    1 
ATOM   814 C  C7    . DT D 4 4  ? -1.806  2.819   -0.285  1.00 65.19  ? 4   DT A C7    1 
ATOM   815 C  C6    . DT D 4 4  ? -3.616  1.876   -1.703  1.00 74.54  ? 4   DT A C6    1 
ATOM   816 P  P     . DC D 4 5  ? -9.765  1.548   -3.649  1.00 99.61  ? 5   DC A P     1 
ATOM   817 O  OP1   . DC D 4 5  ? -10.591 1.349   -4.866  1.00 89.25  ? 5   DC A OP1   1 
ATOM   818 O  OP2   . DC D 4 5  ? -9.975  2.730   -2.778  1.00 91.68  ? 5   DC A OP2   1 
ATOM   819 O  "O5'" . DC D 4 5  ? -9.877  0.221   -2.783  1.00 80.66  ? 5   DC A "O5'" 1 
ATOM   820 C  "C5'" . DC D 4 5  ? -10.035 -0.998  -3.449  1.00 81.14  ? 5   DC A "C5'" 1 
ATOM   821 C  "C4'" . DC D 4 5  ? -9.370  -2.110  -2.681  1.00 73.97  ? 5   DC A "C4'" 1 
ATOM   822 O  "O4'" . DC D 4 5  ? -8.207  -1.613  -1.997  1.00 76.39  ? 5   DC A "O4'" 1 
ATOM   823 C  "C3'" . DC D 4 5  ? -10.230 -2.753  -1.601  1.00 68.95  ? 5   DC A "C3'" 1 
ATOM   824 O  "O3'" . DC D 4 5  ? -10.497 -4.056  -1.980  1.00 64.54  ? 5   DC A "O3'" 1 
ATOM   825 C  "C2'" . DC D 4 5  ? -9.356  -2.695  -0.315  1.00 78.03  ? 5   DC A "C2'" 1 
ATOM   826 C  "C1'" . DC D 4 5  ? -7.981  -2.463  -0.904  1.00 76.25  ? 5   DC A "C1'" 1 
ATOM   827 N  N1    . DC D 4 5  ? -6.941  -1.827  -0.026  1.00 74.39  ? 5   DC A N1    1 
ATOM   828 C  C2    . DC D 4 5  ? -5.939  -2.625  0.547   1.00 75.56  ? 5   DC A C2    1 
ATOM   829 O  O2    . DC D 4 5  ? -5.979  -3.859  0.385   1.00 72.27  ? 5   DC A O2    1 
ATOM   830 N  N3    . DC D 4 5  ? -4.961  -2.025  1.276   1.00 76.63  ? 5   DC A N3    1 
ATOM   831 C  C4    . DC D 4 5  ? -4.942  -0.693  1.413   1.00 76.69  ? 5   DC A C4    1 
ATOM   832 N  N4    . DC D 4 5  ? -3.951  -0.148  2.135   1.00 72.08  ? 5   DC A N4    1 
ATOM   833 C  C5    . DC D 4 5  ? -5.940  0.134   0.816   1.00 74.49  ? 5   DC A C5    1 
ATOM   834 C  C6    . DC D 4 5  ? -6.900  -0.468  0.103   1.00 75.02  ? 5   DC A C6    1 
ATOM   835 P  P     . DA D 4 6  ? -11.897 -4.717  -1.576  1.00 64.43  ? 6   DA A P     1 
ATOM   836 O  OP1   . DA D 4 6  ? -12.210 -5.857  -2.466  1.00 58.66  ? 6   DA A OP1   1 
ATOM   837 O  OP2   . DA D 4 6  ? -12.827 -3.565  -1.487  1.00 74.46  ? 6   DA A OP2   1 
ATOM   838 O  "O5'" . DA D 4 6  ? -11.596 -5.332  -0.140  1.00 64.16  ? 6   DA A "O5'" 1 
ATOM   839 C  "C5'" . DA D 4 6  ? -10.432 -6.104  0.026   1.00 71.22  ? 6   DA A "C5'" 1 
ATOM   840 C  "C4'" . DA D 4 6  ? -10.120 -6.310  1.489   1.00 73.15  ? 6   DA A "C4'" 1 
ATOM   841 O  "O4'" . DA D 4 6  ? -9.130  -5.337  1.929   1.00 76.84  ? 6   DA A "O4'" 1 
ATOM   842 C  "C3'" . DA D 4 6  ? -11.309 -6.132  2.431   1.00 68.25  ? 6   DA A "C3'" 1 
ATOM   843 O  "O3'" . DA D 4 6  ? -11.171 -7.019  3.483   1.00 54.51  ? 6   DA A "O3'" 1 
ATOM   844 C  "C2'" . DA D 4 6  ? -11.103 -4.715  2.926   1.00 71.42  ? 6   DA A "C2'" 1 
ATOM   845 C  "C1'" . DA D 4 6  ? -9.608  -4.760  3.119   1.00 73.02  ? 6   DA A "C1'" 1 
ATOM   846 N  N9    . DA D 4 6  ? -9.006  -3.457  3.324   1.00 71.43  ? 6   DA A N9    1 
ATOM   847 C  C8    . DA D 4 6  ? -9.574  -2.241  3.088   1.00 71.80  ? 6   DA A C8    1 
ATOM   848 N  N7    . DA D 4 6  ? -8.795  -1.231  3.381   1.00 74.08  ? 6   DA A N7    1 
ATOM   849 C  C5    . DA D 4 6  ? -7.646  -1.830  3.857   1.00 69.63  ? 6   DA A C5    1 
ATOM   850 C  C6    . DA D 4 6  ? -6.444  -1.302  4.337   1.00 71.51  ? 6   DA A C6    1 
ATOM   851 N  N6    . DA D 4 6  ? -6.201  0.009   4.414   1.00 71.26  ? 6   DA A N6    1 
ATOM   852 N  N1    . DA D 4 6  ? -5.493  -2.175  4.736   1.00 73.35  ? 6   DA A N1    1 
ATOM   853 C  C2    . DA D 4 6  ? -5.747  -3.488  4.649   1.00 73.90  ? 6   DA A C2    1 
ATOM   854 N  N3    . DA D 4 6  ? -6.848  -4.099  4.213   1.00 73.75  ? 6   DA A N3    1 
ATOM   855 C  C4    . DA D 4 6  ? -7.764  -3.202  3.833   1.00 71.23  ? 6   DA A C4    1 
HETATM 856 MG MG    . MG E 5 .  ? -3.153  -8.678  3.990   1.00 98.41  ? 101 MG B MG    1 
HETATM 857 MG MG    . MG F 5 .  ? 8.068   -5.700  -8.522  1.00 72.43  ? 101 MG C MG    1 
HETATM 858 MG MG    . MG G 5 .  ? 4.646   1.148   0.272   1.00 102.19 ? 101 MG A MG    1 
# 
loop_
_pdbx_poly_seq_scheme.asym_id 
_pdbx_poly_seq_scheme.entity_id 
_pdbx_poly_seq_scheme.seq_id 
_pdbx_poly_seq_scheme.mon_id 
_pdbx_poly_seq_scheme.ndb_seq_num 
_pdbx_poly_seq_scheme.pdb_seq_num 
_pdbx_poly_seq_scheme.auth_seq_num 
_pdbx_poly_seq_scheme.pdb_mon_id 
_pdbx_poly_seq_scheme.auth_mon_id 
_pdbx_poly_seq_scheme.pdb_strand_id 
_pdbx_poly_seq_scheme.pdb_ins_code 
_pdbx_poly_seq_scheme.hetero 
A 1 1  DG 1  7  7  DG DG B . n 
A 1 2  DA 2  8  8  DA DA B . n 
A 1 3  DA 3  9  9  DA DA B . n 
A 1 4  DC 4  10 10 DC DC B . n 
A 1 5  DG 5  11 11 DG DG B . n 
A 1 6  DA 6  12 12 DA DA B . n 
A 1 7  DC 7  13 13 DC DC B . n 
A 1 8  DA 8  14 14 DA DA B . n 
A 1 9  DC 9  15 15 DC DC B . n 
A 1 10 DT 10 16 16 DT DT B . n 
A 1 11 DG 11 17 17 DG DG B . n 
A 1 12 DA 12 18 18 DA DA B . n 
A 1 13 DC 13 19 19 DC DC B . n 
A 1 14 DG 14 20 20 DG DG B . n 
A 1 15 DA 15 21 21 DA DA B . n 
A 1 16 DC 16 22 22 DC DC B . n 
A 1 17 DG 17 23 23 DG DG B . n 
A 1 18 DA 18 24 24 DA DA B . n 
A 1 19 DC 19 25 25 DC DC B . n 
A 1 20 DT 20 26 26 DT DT B . n 
A 1 21 DC 21 27 27 DC DC B . n 
B 2 1  DT 1  28 28 DT DT C . n 
B 2 2  DC 2  29 29 DC DC C . n 
B 2 3  DG 3  30 30 DG DG C . n 
B 2 4  DA 4  31 31 DA DA C . n 
B 2 5  DG 5  32 32 DG DG C . n 
B 2 6  DT 6  33 33 DT DT C . n 
B 2 7  DC 7  34 34 DC DC C . n 
B 2 8  DG 8  35 35 DG DG C . n 
C 3 1  DG 1  36 36 DG DG D . n 
C 3 2  DT 2  37 37 DT DT D . n 
C 3 3  DG 3  38 38 DG DG D . n 
C 3 4  DT 4  39 39 DT DT D . n 
C 3 5  DC 5  40 40 DC DC D . n 
C 3 6  DG 6  41 41 DG DG D . n 
C 3 7  DT 7  42 42 DT DT D . n 
D 4 1  DT 1  1  1  DT DT A . n 
D 4 2  DC 2  2  2  DC DC A . n 
D 4 3  DG 3  3  3  DG DG A . n 
D 4 4  DT 4  4  4  DT DT A . n 
D 4 5  DC 5  5  5  DC DC A . n 
D 4 6  DA 6  6  6  DA DA A . n 
# 
loop_
_pdbx_nonpoly_scheme.asym_id 
_pdbx_nonpoly_scheme.entity_id 
_pdbx_nonpoly_scheme.mon_id 
_pdbx_nonpoly_scheme.ndb_seq_num 
_pdbx_nonpoly_scheme.pdb_seq_num 
_pdbx_nonpoly_scheme.auth_seq_num 
_pdbx_nonpoly_scheme.pdb_mon_id 
_pdbx_nonpoly_scheme.auth_mon_id 
_pdbx_nonpoly_scheme.pdb_strand_id 
_pdbx_nonpoly_scheme.pdb_ins_code 
E 5 MG 1 101 3 MG MG B . 
F 5 MG 1 101 1 MG MG C . 
G 5 MG 1 101 2 MG MG A . 
# 
_pdbx_struct_assembly.id                   1 
_pdbx_struct_assembly.details              author_and_software_defined_assembly 
_pdbx_struct_assembly.method_details       PISA 
_pdbx_struct_assembly.oligomeric_details   tetrameric 
_pdbx_struct_assembly.oligomeric_count     4 
# 
_pdbx_struct_assembly_gen.assembly_id       1 
_pdbx_struct_assembly_gen.oper_expression   1 
_pdbx_struct_assembly_gen.asym_id_list      A,B,C,D,E,F,G 
# 
loop_
_pdbx_struct_assembly_prop.biol_id 
_pdbx_struct_assembly_prop.type 
_pdbx_struct_assembly_prop.value 
_pdbx_struct_assembly_prop.details 
1 'ABSA (A^2)' 2500 ? 
1 MORE         -19  ? 
1 'SSA (A^2)'  7860 ? 
# 
_pdbx_struct_oper_list.id                   1 
_pdbx_struct_oper_list.type                 'identity operation' 
_pdbx_struct_oper_list.name                 1_555 
_pdbx_struct_oper_list.symmetry_operation   x,y,z 
_pdbx_struct_oper_list.matrix[1][1]         1.0000000000 
_pdbx_struct_oper_list.matrix[1][2]         0.0000000000 
_pdbx_struct_oper_list.matrix[1][3]         0.0000000000 
_pdbx_struct_oper_list.vector[1]            0.0000000000 
_pdbx_struct_oper_list.matrix[2][1]         0.0000000000 
_pdbx_struct_oper_list.matrix[2][2]         1.0000000000 
_pdbx_struct_oper_list.matrix[2][3]         0.0000000000 
_pdbx_struct_oper_list.vector[2]            0.0000000000 
_pdbx_struct_oper_list.matrix[3][1]         0.0000000000 
_pdbx_struct_oper_list.matrix[3][2]         0.0000000000 
_pdbx_struct_oper_list.matrix[3][3]         1.0000000000 
_pdbx_struct_oper_list.vector[3]            0.0000000000 
# 
loop_
_pdbx_audit_revision_history.ordinal 
_pdbx_audit_revision_history.data_content_type 
_pdbx_audit_revision_history.major_revision 
_pdbx_audit_revision_history.minor_revision 
_pdbx_audit_revision_history.revision_date 
1 'Structure model' 1 0 2021-07-14 
2 'Structure model' 1 1 2022-07-06 
3 'Structure model' 1 2 2023-10-18 
# 
_pdbx_audit_revision_details.ordinal             1 
_pdbx_audit_revision_details.revision_ordinal    1 
_pdbx_audit_revision_details.data_content_type   'Structure model' 
_pdbx_audit_revision_details.provider            repository 
_pdbx_audit_revision_details.type                'Initial release' 
_pdbx_audit_revision_details.description         ? 
_pdbx_audit_revision_details.details             ? 
# 
loop_
_pdbx_audit_revision_group.ordinal 
_pdbx_audit_revision_group.revision_ordinal 
_pdbx_audit_revision_group.data_content_type 
_pdbx_audit_revision_group.group 
1 2 'Structure model' 'Database references'    
2 3 'Structure model' 'Data collection'        
3 3 'Structure model' 'Refinement description' 
# 
loop_
_pdbx_audit_revision_category.ordinal 
_pdbx_audit_revision_category.revision_ordinal 
_pdbx_audit_revision_category.data_content_type 
_pdbx_audit_revision_category.category 
1 2 'Structure model' citation                      
2 2 'Structure model' citation_author               
3 2 'Structure model' database_2                    
4 3 'Structure model' chem_comp_atom                
5 3 'Structure model' chem_comp_bond                
6 3 'Structure model' pdbx_initial_refinement_model 
# 
loop_
_pdbx_audit_revision_item.ordinal 
_pdbx_audit_revision_item.revision_ordinal 
_pdbx_audit_revision_item.data_content_type 
_pdbx_audit_revision_item.item 
1  2 'Structure model' '_citation.country'                   
2  2 'Structure model' '_citation.journal_abbrev'            
3  2 'Structure model' '_citation.journal_id_CSD'            
4  2 'Structure model' '_citation.journal_id_ISSN'           
5  2 'Structure model' '_citation.journal_volume'            
6  2 'Structure model' '_citation.page_first'                
7  2 'Structure model' '_citation.page_last'                 
8  2 'Structure model' '_citation.pdbx_database_id_DOI'      
9  2 'Structure model' '_citation.pdbx_database_id_PubMed'   
10 2 'Structure model' '_citation.title'                     
11 2 'Structure model' '_citation.year'                      
12 2 'Structure model' '_database_2.pdbx_DOI'                
13 2 'Structure model' '_database_2.pdbx_database_accession' 
# 
loop_
_software.citation_id 
_software.classification 
_software.compiler_name 
_software.compiler_version 
_software.contact_author 
_software.contact_author_email 
_software.date 
_software.description 
_software.dependencies 
_software.hardware 
_software.language 
_software.location 
_software.mods 
_software.name 
_software.os 
_software.os_version 
_software.type 
_software.version 
_software.pdbx_ordinal 
? 'data reduction'  ? ? ? ? ? ? ? ? ? ? ? HKL-2000    ? ? ? .           1 
? 'data scaling'    ? ? ? ? ? ? ? ? ? ? ? HKL-2000    ? ? ? .           2 
? refinement        ? ? ? ? ? ? ? ? ? ? ? PHENIX      ? ? ? 1.11.1_2575 3 
? 'data extraction' ? ? ? ? ? ? ? ? ? ? ? PDB_EXTRACT ? ? ? 3.25        4 
? phasing           ? ? ? ? ? ? ? ? ? ? ? PHASER      ? ? ? .           5 
# 
_pdbx_entry_details.entry_id                 7JLE 
_pdbx_entry_details.has_ligand_of_interest   N 
_pdbx_entry_details.compound_details         ? 
_pdbx_entry_details.source_details           ? 
_pdbx_entry_details.nonpolymer_details       ? 
_pdbx_entry_details.sequence_details         ? 
# 
_pdbx_validate_rmsd_bond.id                        1 
_pdbx_validate_rmsd_bond.PDB_model_num             1 
_pdbx_validate_rmsd_bond.auth_atom_id_1            "O3'" 
_pdbx_validate_rmsd_bond.auth_asym_id_1            C 
_pdbx_validate_rmsd_bond.auth_comp_id_1            DG 
_pdbx_validate_rmsd_bond.auth_seq_id_1             35 
_pdbx_validate_rmsd_bond.PDB_ins_code_1            ? 
_pdbx_validate_rmsd_bond.label_alt_id_1            ? 
_pdbx_validate_rmsd_bond.auth_atom_id_2            "C3'" 
_pdbx_validate_rmsd_bond.auth_asym_id_2            C 
_pdbx_validate_rmsd_bond.auth_comp_id_2            DG 
_pdbx_validate_rmsd_bond.auth_seq_id_2             35 
_pdbx_validate_rmsd_bond.PDB_ins_code_2            ? 
_pdbx_validate_rmsd_bond.label_alt_id_2            ? 
_pdbx_validate_rmsd_bond.bond_value                1.376 
_pdbx_validate_rmsd_bond.bond_target_value         1.419 
_pdbx_validate_rmsd_bond.bond_deviation            -0.043 
_pdbx_validate_rmsd_bond.bond_standard_deviation   0.006 
_pdbx_validate_rmsd_bond.linker_flag               N 
# 
loop_
_pdbx_validate_rmsd_angle.id 
_pdbx_validate_rmsd_angle.PDB_model_num 
_pdbx_validate_rmsd_angle.auth_atom_id_1 
_pdbx_validate_rmsd_angle.auth_asym_id_1 
_pdbx_validate_rmsd_angle.auth_comp_id_1 
_pdbx_validate_rmsd_angle.auth_seq_id_1 
_pdbx_validate_rmsd_angle.PDB_ins_code_1 
_pdbx_validate_rmsd_angle.label_alt_id_1 
_pdbx_validate_rmsd_angle.auth_atom_id_2 
_pdbx_validate_rmsd_angle.auth_asym_id_2 
_pdbx_validate_rmsd_angle.auth_comp_id_2 
_pdbx_validate_rmsd_angle.auth_seq_id_2 
_pdbx_validate_rmsd_angle.PDB_ins_code_2 
_pdbx_validate_rmsd_angle.label_alt_id_2 
_pdbx_validate_rmsd_angle.auth_atom_id_3 
_pdbx_validate_rmsd_angle.auth_asym_id_3 
_pdbx_validate_rmsd_angle.auth_comp_id_3 
_pdbx_validate_rmsd_angle.auth_seq_id_3 
_pdbx_validate_rmsd_angle.PDB_ins_code_3 
_pdbx_validate_rmsd_angle.label_alt_id_3 
_pdbx_validate_rmsd_angle.angle_value 
_pdbx_validate_rmsd_angle.angle_target_value 
_pdbx_validate_rmsd_angle.angle_deviation 
_pdbx_validate_rmsd_angle.angle_standard_deviation 
_pdbx_validate_rmsd_angle.linker_flag 
1 1 "O4'" B DC 25 ? ? "C1'" B DC 25 ? ? N1 B DC 25 ? ? 110.45 108.30 2.15 0.30 N 
2 1 "O4'" D DT 39 ? ? "C1'" D DT 39 ? ? N1 D DT 39 ? ? 110.77 108.30 2.47 0.30 N 
3 1 "O4'" A DA 6  ? ? "C1'" A DA 6  ? ? N9 A DA 6  ? ? 110.33 108.30 2.03 0.30 N 
# 
loop_
_chem_comp_atom.comp_id 
_chem_comp_atom.atom_id 
_chem_comp_atom.type_symbol 
_chem_comp_atom.pdbx_aromatic_flag 
_chem_comp_atom.pdbx_stereo_config 
_chem_comp_atom.pdbx_ordinal 
DA OP3    O  N N 1   
DA P      P  N N 2   
DA OP1    O  N N 3   
DA OP2    O  N N 4   
DA "O5'"  O  N N 5   
DA "C5'"  C  N N 6   
DA "C4'"  C  N R 7   
DA "O4'"  O  N N 8   
DA "C3'"  C  N S 9   
DA "O3'"  O  N N 10  
DA "C2'"  C  N N 11  
DA "C1'"  C  N R 12  
DA N9     N  Y N 13  
DA C8     C  Y N 14  
DA N7     N  Y N 15  
DA C5     C  Y N 16  
DA C6     C  Y N 17  
DA N6     N  N N 18  
DA N1     N  Y N 19  
DA C2     C  Y N 20  
DA N3     N  Y N 21  
DA C4     C  Y N 22  
DA HOP3   H  N N 23  
DA HOP2   H  N N 24  
DA "H5'"  H  N N 25  
DA "H5''" H  N N 26  
DA "H4'"  H  N N 27  
DA "H3'"  H  N N 28  
DA "HO3'" H  N N 29  
DA "H2'"  H  N N 30  
DA "H2''" H  N N 31  
DA "H1'"  H  N N 32  
DA H8     H  N N 33  
DA H61    H  N N 34  
DA H62    H  N N 35  
DA H2     H  N N 36  
DC OP3    O  N N 37  
DC P      P  N N 38  
DC OP1    O  N N 39  
DC OP2    O  N N 40  
DC "O5'"  O  N N 41  
DC "C5'"  C  N N 42  
DC "C4'"  C  N R 43  
DC "O4'"  O  N N 44  
DC "C3'"  C  N S 45  
DC "O3'"  O  N N 46  
DC "C2'"  C  N N 47  
DC "C1'"  C  N R 48  
DC N1     N  N N 49  
DC C2     C  N N 50  
DC O2     O  N N 51  
DC N3     N  N N 52  
DC C4     C  N N 53  
DC N4     N  N N 54  
DC C5     C  N N 55  
DC C6     C  N N 56  
DC HOP3   H  N N 57  
DC HOP2   H  N N 58  
DC "H5'"  H  N N 59  
DC "H5''" H  N N 60  
DC "H4'"  H  N N 61  
DC "H3'"  H  N N 62  
DC "HO3'" H  N N 63  
DC "H2'"  H  N N 64  
DC "H2''" H  N N 65  
DC "H1'"  H  N N 66  
DC H41    H  N N 67  
DC H42    H  N N 68  
DC H5     H  N N 69  
DC H6     H  N N 70  
DG OP3    O  N N 71  
DG P      P  N N 72  
DG OP1    O  N N 73  
DG OP2    O  N N 74  
DG "O5'"  O  N N 75  
DG "C5'"  C  N N 76  
DG "C4'"  C  N R 77  
DG "O4'"  O  N N 78  
DG "C3'"  C  N S 79  
DG "O3'"  O  N N 80  
DG "C2'"  C  N N 81  
DG "C1'"  C  N R 82  
DG N9     N  Y N 83  
DG C8     C  Y N 84  
DG N7     N  Y N 85  
DG C5     C  Y N 86  
DG C6     C  N N 87  
DG O6     O  N N 88  
DG N1     N  N N 89  
DG C2     C  N N 90  
DG N2     N  N N 91  
DG N3     N  N N 92  
DG C4     C  Y N 93  
DG HOP3   H  N N 94  
DG HOP2   H  N N 95  
DG "H5'"  H  N N 96  
DG "H5''" H  N N 97  
DG "H4'"  H  N N 98  
DG "H3'"  H  N N 99  
DG "HO3'" H  N N 100 
DG "H2'"  H  N N 101 
DG "H2''" H  N N 102 
DG "H1'"  H  N N 103 
DG H8     H  N N 104 
DG H1     H  N N 105 
DG H21    H  N N 106 
DG H22    H  N N 107 
DT OP3    O  N N 108 
DT P      P  N N 109 
DT OP1    O  N N 110 
DT OP2    O  N N 111 
DT "O5'"  O  N N 112 
DT "C5'"  C  N N 113 
DT "C4'"  C  N R 114 
DT "O4'"  O  N N 115 
DT "C3'"  C  N S 116 
DT "O3'"  O  N N 117 
DT "C2'"  C  N N 118 
DT "C1'"  C  N R 119 
DT N1     N  N N 120 
DT C2     C  N N 121 
DT O2     O  N N 122 
DT N3     N  N N 123 
DT C4     C  N N 124 
DT O4     O  N N 125 
DT C5     C  N N 126 
DT C7     C  N N 127 
DT C6     C  N N 128 
DT HOP3   H  N N 129 
DT HOP2   H  N N 130 
DT "H5'"  H  N N 131 
DT "H5''" H  N N 132 
DT "H4'"  H  N N 133 
DT "H3'"  H  N N 134 
DT "HO3'" H  N N 135 
DT "H2'"  H  N N 136 
DT "H2''" H  N N 137 
DT "H1'"  H  N N 138 
DT H3     H  N N 139 
DT H71    H  N N 140 
DT H72    H  N N 141 
DT H73    H  N N 142 
DT H6     H  N N 143 
MG MG     MG N N 144 
# 
loop_
_chem_comp_bond.comp_id 
_chem_comp_bond.atom_id_1 
_chem_comp_bond.atom_id_2 
_chem_comp_bond.value_order 
_chem_comp_bond.pdbx_aromatic_flag 
_chem_comp_bond.pdbx_stereo_config 
_chem_comp_bond.pdbx_ordinal 
DA OP3   P      sing N N 1   
DA OP3   HOP3   sing N N 2   
DA P     OP1    doub N N 3   
DA P     OP2    sing N N 4   
DA P     "O5'"  sing N N 5   
DA OP2   HOP2   sing N N 6   
DA "O5'" "C5'"  sing N N 7   
DA "C5'" "C4'"  sing N N 8   
DA "C5'" "H5'"  sing N N 9   
DA "C5'" "H5''" sing N N 10  
DA "C4'" "O4'"  sing N N 11  
DA "C4'" "C3'"  sing N N 12  
DA "C4'" "H4'"  sing N N 13  
DA "O4'" "C1'"  sing N N 14  
DA "C3'" "O3'"  sing N N 15  
DA "C3'" "C2'"  sing N N 16  
DA "C3'" "H3'"  sing N N 17  
DA "O3'" "HO3'" sing N N 18  
DA "C2'" "C1'"  sing N N 19  
DA "C2'" "H2'"  sing N N 20  
DA "C2'" "H2''" sing N N 21  
DA "C1'" N9     sing N N 22  
DA "C1'" "H1'"  sing N N 23  
DA N9    C8     sing Y N 24  
DA N9    C4     sing Y N 25  
DA C8    N7     doub Y N 26  
DA C8    H8     sing N N 27  
DA N7    C5     sing Y N 28  
DA C5    C6     sing Y N 29  
DA C5    C4     doub Y N 30  
DA C6    N6     sing N N 31  
DA C6    N1     doub Y N 32  
DA N6    H61    sing N N 33  
DA N6    H62    sing N N 34  
DA N1    C2     sing Y N 35  
DA C2    N3     doub Y N 36  
DA C2    H2     sing N N 37  
DA N3    C4     sing Y N 38  
DC OP3   P      sing N N 39  
DC OP3   HOP3   sing N N 40  
DC P     OP1    doub N N 41  
DC P     OP2    sing N N 42  
DC P     "O5'"  sing N N 43  
DC OP2   HOP2   sing N N 44  
DC "O5'" "C5'"  sing N N 45  
DC "C5'" "C4'"  sing N N 46  
DC "C5'" "H5'"  sing N N 47  
DC "C5'" "H5''" sing N N 48  
DC "C4'" "O4'"  sing N N 49  
DC "C4'" "C3'"  sing N N 50  
DC "C4'" "H4'"  sing N N 51  
DC "O4'" "C1'"  sing N N 52  
DC "C3'" "O3'"  sing N N 53  
DC "C3'" "C2'"  sing N N 54  
DC "C3'" "H3'"  sing N N 55  
DC "O3'" "HO3'" sing N N 56  
DC "C2'" "C1'"  sing N N 57  
DC "C2'" "H2'"  sing N N 58  
DC "C2'" "H2''" sing N N 59  
DC "C1'" N1     sing N N 60  
DC "C1'" "H1'"  sing N N 61  
DC N1    C2     sing N N 62  
DC N1    C6     sing N N 63  
DC C2    O2     doub N N 64  
DC C2    N3     sing N N 65  
DC N3    C4     doub N N 66  
DC C4    N4     sing N N 67  
DC C4    C5     sing N N 68  
DC N4    H41    sing N N 69  
DC N4    H42    sing N N 70  
DC C5    C6     doub N N 71  
DC C5    H5     sing N N 72  
DC C6    H6     sing N N 73  
DG OP3   P      sing N N 74  
DG OP3   HOP3   sing N N 75  
DG P     OP1    doub N N 76  
DG P     OP2    sing N N 77  
DG P     "O5'"  sing N N 78  
DG OP2   HOP2   sing N N 79  
DG "O5'" "C5'"  sing N N 80  
DG "C5'" "C4'"  sing N N 81  
DG "C5'" "H5'"  sing N N 82  
DG "C5'" "H5''" sing N N 83  
DG "C4'" "O4'"  sing N N 84  
DG "C4'" "C3'"  sing N N 85  
DG "C4'" "H4'"  sing N N 86  
DG "O4'" "C1'"  sing N N 87  
DG "C3'" "O3'"  sing N N 88  
DG "C3'" "C2'"  sing N N 89  
DG "C3'" "H3'"  sing N N 90  
DG "O3'" "HO3'" sing N N 91  
DG "C2'" "C1'"  sing N N 92  
DG "C2'" "H2'"  sing N N 93  
DG "C2'" "H2''" sing N N 94  
DG "C1'" N9     sing N N 95  
DG "C1'" "H1'"  sing N N 96  
DG N9    C8     sing Y N 97  
DG N9    C4     sing Y N 98  
DG C8    N7     doub Y N 99  
DG C8    H8     sing N N 100 
DG N7    C5     sing Y N 101 
DG C5    C6     sing N N 102 
DG C5    C4     doub Y N 103 
DG C6    O6     doub N N 104 
DG C6    N1     sing N N 105 
DG N1    C2     sing N N 106 
DG N1    H1     sing N N 107 
DG C2    N2     sing N N 108 
DG C2    N3     doub N N 109 
DG N2    H21    sing N N 110 
DG N2    H22    sing N N 111 
DG N3    C4     sing N N 112 
DT OP3   P      sing N N 113 
DT OP3   HOP3   sing N N 114 
DT P     OP1    doub N N 115 
DT P     OP2    sing N N 116 
DT P     "O5'"  sing N N 117 
DT OP2   HOP2   sing N N 118 
DT "O5'" "C5'"  sing N N 119 
DT "C5'" "C4'"  sing N N 120 
DT "C5'" "H5'"  sing N N 121 
DT "C5'" "H5''" sing N N 122 
DT "C4'" "O4'"  sing N N 123 
DT "C4'" "C3'"  sing N N 124 
DT "C4'" "H4'"  sing N N 125 
DT "O4'" "C1'"  sing N N 126 
DT "C3'" "O3'"  sing N N 127 
DT "C3'" "C2'"  sing N N 128 
DT "C3'" "H3'"  sing N N 129 
DT "O3'" "HO3'" sing N N 130 
DT "C2'" "C1'"  sing N N 131 
DT "C2'" "H2'"  sing N N 132 
DT "C2'" "H2''" sing N N 133 
DT "C1'" N1     sing N N 134 
DT "C1'" "H1'"  sing N N 135 
DT N1    C2     sing N N 136 
DT N1    C6     sing N N 137 
DT C2    O2     doub N N 138 
DT C2    N3     sing N N 139 
DT N3    C4     sing N N 140 
DT N3    H3     sing N N 141 
DT C4    O4     doub N N 142 
DT C4    C5     sing N N 143 
DT C5    C7     sing N N 144 
DT C5    C6     doub N N 145 
DT C7    H71    sing N N 146 
DT C7    H72    sing N N 147 
DT C7    H73    sing N N 148 
DT C6    H6     sing N N 149 
# 
loop_
_ndb_struct_conf_na.entry_id 
_ndb_struct_conf_na.feature 
7JLE 'double helix'        
7JLE 'a-form double helix' 
7JLE 'b-form double helix' 
# 
loop_
_ndb_struct_na_base_pair.model_number 
_ndb_struct_na_base_pair.i_label_asym_id 
_ndb_struct_na_base_pair.i_label_comp_id 
_ndb_struct_na_base_pair.i_label_seq_id 
_ndb_struct_na_base_pair.i_symmetry 
_ndb_struct_na_base_pair.j_label_asym_id 
_ndb_struct_na_base_pair.j_label_comp_id 
_ndb_struct_na_base_pair.j_label_seq_id 
_ndb_struct_na_base_pair.j_symmetry 
_ndb_struct_na_base_pair.shear 
_ndb_struct_na_base_pair.stretch 
_ndb_struct_na_base_pair.stagger 
_ndb_struct_na_base_pair.buckle 
_ndb_struct_na_base_pair.propeller 
_ndb_struct_na_base_pair.opening 
_ndb_struct_na_base_pair.pair_number 
_ndb_struct_na_base_pair.pair_name 
_ndb_struct_na_base_pair.i_auth_asym_id 
_ndb_struct_na_base_pair.i_auth_seq_id 
_ndb_struct_na_base_pair.i_PDB_ins_code 
_ndb_struct_na_base_pair.j_auth_asym_id 
_ndb_struct_na_base_pair.j_auth_seq_id 
_ndb_struct_na_base_pair.j_PDB_ins_code 
_ndb_struct_na_base_pair.hbond_type_28 
_ndb_struct_na_base_pair.hbond_type_12 
1 A DA 3  1_555 C DT 7 1_555 -0.699 -0.036 0.525  6.373  -8.564  1.434  1  B_DA9:DT42_D  B 9  ? D 42 ? 20 1 
1 A DC 4  1_555 C DG 6 1_555 -0.300 0.079  0.128  -1.124 -12.634 -0.007 2  B_DC10:DG41_D B 10 ? D 41 ? 19 1 
1 A DG 5  1_555 C DC 5 1_555 0.310  -0.117 0.412  4.102  -14.775 -0.910 3  B_DG11:DC40_D B 11 ? D 40 ? 19 1 
1 A DA 6  1_555 C DT 4 1_555 0.413  -0.382 -0.260 3.107  -9.391  -4.409 4  B_DA12:DT39_D B 12 ? D 39 ? 20 1 
1 A DC 7  1_555 C DG 3 1_555 -0.104 -0.420 -0.246 11.390 -10.613 -5.339 5  B_DC13:DG38_D B 13 ? D 38 ? 19 1 
1 A DA 8  1_555 C DT 2 1_555 -0.215 -0.119 -0.123 -0.748 -4.857  3.302  6  B_DA14:DT37_D B 14 ? D 37 ? 20 1 
1 A DC 9  1_555 C DG 1 1_555 0.181  -0.283 0.328  -0.658 -14.887 -5.239 7  B_DC15:DG36_D B 15 ? D 36 ? 19 1 
1 A DT 10 1_555 D DA 6 1_555 -0.348 -0.262 0.483  -5.355 -6.978  -0.014 8  B_DT16:DA6_A  B 16 ? A 6  ? 20 1 
1 A DG 11 1_555 D DC 5 1_555 0.332  -0.242 0.617  8.589  -7.139  -2.408 9  B_DG17:DC5_A  B 17 ? A 5  ? 19 1 
1 A DA 12 1_555 D DT 4 1_555 0.291  -0.228 0.434  1.901  -10.558 -6.472 10 B_DA18:DT4_A  B 18 ? A 4  ? 20 1 
1 A DC 13 1_555 D DG 3 1_555 -0.060 -0.280 0.108  -3.970 -6.094  -0.865 11 B_DC19:DG3_A  B 19 ? A 3  ? 19 1 
1 A DG 14 1_555 D DC 2 1_555 -0.324 -0.435 0.437  8.396  -5.388  1.476  12 B_DG20:DC2_A  B 20 ? A 2  ? 19 1 
1 A DA 15 1_555 D DT 1 1_555 -0.092 -0.208 0.661  2.492  -12.804 -3.302 13 B_DA21:DT1_A  B 21 ? A 1  ? 20 1 
1 A DC 16 1_555 B DG 8 1_555 0.386  -0.501 0.644  -6.029 -7.611  -9.124 14 B_DC22:DG35_C B 22 ? C 35 ? 19 1 
1 A DG 17 1_555 B DC 7 1_555 0.260  -0.088 0.602  5.472  -6.948  -2.129 15 B_DG23:DC34_C B 23 ? C 34 ? 19 1 
1 A DA 18 1_555 B DT 6 1_555 0.214  -0.413 0.457  -1.169 -7.318  -3.389 16 B_DA24:DT33_C B 24 ? C 33 ? 20 1 
1 A DC 19 1_555 B DG 5 1_555 -0.263 -0.298 0.476  -6.105 -6.040  -1.312 17 B_DC25:DG32_C B 25 ? C 32 ? 19 1 
1 A DT 20 1_555 B DA 4 1_555 -0.464 0.144  -0.178 2.950  -4.638  -4.885 18 B_DT26:DA31_C B 26 ? C 31 ? 20 1 
1 A DC 21 1_555 B DG 3 1_555 -0.261 0.037  -0.615 11.557 -7.573  4.662  19 B_DC27:DG30_C B 27 ? C 30 ? 19 1 
# 
loop_
_ndb_struct_na_base_pair_step.model_number 
_ndb_struct_na_base_pair_step.i_label_asym_id_1 
_ndb_struct_na_base_pair_step.i_label_comp_id_1 
_ndb_struct_na_base_pair_step.i_label_seq_id_1 
_ndb_struct_na_base_pair_step.i_symmetry_1 
_ndb_struct_na_base_pair_step.j_label_asym_id_1 
_ndb_struct_na_base_pair_step.j_label_comp_id_1 
_ndb_struct_na_base_pair_step.j_label_seq_id_1 
_ndb_struct_na_base_pair_step.j_symmetry_1 
_ndb_struct_na_base_pair_step.i_label_asym_id_2 
_ndb_struct_na_base_pair_step.i_label_comp_id_2 
_ndb_struct_na_base_pair_step.i_label_seq_id_2 
_ndb_struct_na_base_pair_step.i_symmetry_2 
_ndb_struct_na_base_pair_step.j_label_asym_id_2 
_ndb_struct_na_base_pair_step.j_label_comp_id_2 
_ndb_struct_na_base_pair_step.j_label_seq_id_2 
_ndb_struct_na_base_pair_step.j_symmetry_2 
_ndb_struct_na_base_pair_step.shift 
_ndb_struct_na_base_pair_step.slide 
_ndb_struct_na_base_pair_step.rise 
_ndb_struct_na_base_pair_step.tilt 
_ndb_struct_na_base_pair_step.roll 
_ndb_struct_na_base_pair_step.twist 
_ndb_struct_na_base_pair_step.x_displacement 
_ndb_struct_na_base_pair_step.y_displacement 
_ndb_struct_na_base_pair_step.helical_rise 
_ndb_struct_na_base_pair_step.inclination 
_ndb_struct_na_base_pair_step.tip 
_ndb_struct_na_base_pair_step.helical_twist 
_ndb_struct_na_base_pair_step.step_number 
_ndb_struct_na_base_pair_step.step_name 
_ndb_struct_na_base_pair_step.i_auth_asym_id_1 
_ndb_struct_na_base_pair_step.i_auth_seq_id_1 
_ndb_struct_na_base_pair_step.i_PDB_ins_code_1 
_ndb_struct_na_base_pair_step.j_auth_asym_id_1 
_ndb_struct_na_base_pair_step.j_auth_seq_id_1 
_ndb_struct_na_base_pair_step.j_PDB_ins_code_1 
_ndb_struct_na_base_pair_step.i_auth_asym_id_2 
_ndb_struct_na_base_pair_step.i_auth_seq_id_2 
_ndb_struct_na_base_pair_step.i_PDB_ins_code_2 
_ndb_struct_na_base_pair_step.j_auth_asym_id_2 
_ndb_struct_na_base_pair_step.j_auth_seq_id_2 
_ndb_struct_na_base_pair_step.j_PDB_ins_code_2 
1 A DA 3  1_555 C DT 7 1_555 A DC 4  1_555 C DG 6 1_555 -0.308 -0.508 3.555 2.257  0.898  34.981 -0.989 0.878  3.515 1.491  -3.749 
35.063 1  BB_DA9DC10:DG41DT42_DD  B 9  ? D 42 ? B 10 ? D 41 ? 
1 A DC 4  1_555 C DG 6 1_555 A DG 5  1_555 C DC 5 1_555 0.096  0.358  3.341 -0.779 5.887  36.929 -0.241 -0.255 3.354 9.220  1.221 
37.387 2  BB_DC10DG11:DC40DG41_DD B 10 ? D 41 ? B 11 ? D 40 ? 
1 A DG 5  1_555 C DC 5 1_555 A DA 6  1_555 C DT 4 1_555 -0.395 0.153  3.424 1.605  1.380  37.834 0.051  0.823  3.408 2.127  -2.473 
37.891 3  BB_DG11DA12:DT39DC40_DD B 11 ? D 40 ? B 12 ? D 39 ? 
1 A DA 6  1_555 C DT 4 1_555 A DC 7  1_555 C DG 3 1_555 0.193  -0.501 3.105 -0.264 -1.907 27.275 -0.609 -0.472 3.130 -4.038 0.559 
27.342 4  BB_DA12DC13:DG38DT39_DD B 12 ? D 39 ? B 13 ? D 38 ? 
1 A DC 7  1_555 C DG 3 1_555 A DA 8  1_555 C DT 2 1_555 0.582  -1.039 3.630 -0.884 0.643  40.717 -1.572 -0.943 3.601 0.924  1.270 
40.731 5  BB_DC13DA14:DT37DG38_DD B 13 ? D 38 ? B 14 ? D 37 ? 
1 A DA 8  1_555 C DT 2 1_555 A DC 9  1_555 C DG 1 1_555 -0.002 -0.574 3.320 -5.916 -0.490 38.485 -0.801 -0.726 3.291 -0.738 8.910 
38.923 6  BB_DA14DC15:DG36DT37_DD B 14 ? D 37 ? B 15 ? D 36 ? 
1 A DC 9  1_555 C DG 1 1_555 A DT 10 1_555 D DA 6 1_555 -0.661 -1.450 3.312 -1.278 0.864  24.682 -3.650 1.151  3.290 2.018  2.985 
24.729 7  BB_DC15DT16:DA6DG36_AD  B 15 ? D 36 ? B 16 ? A 6  ? 
1 A DT 10 1_555 D DA 6 1_555 A DG 11 1_555 D DC 5 1_555 -0.746 0.932  3.137 -2.296 7.137  35.304 0.499  0.881  3.298 11.606 3.734 
36.066 8  BB_DT16DG17:DC5DA6_AA   B 16 ? A 6  ? B 17 ? A 5  ? 
1 A DG 11 1_555 D DC 5 1_555 A DA 12 1_555 D DT 4 1_555 -0.367 -0.046 3.548 -0.247 2.383  36.486 -0.429 0.548  3.540 3.800  0.393 
36.562 9  BB_DG17DA18:DT4DC5_AA   B 17 ? A 5  ? B 18 ? A 4  ? 
1 A DA 12 1_555 D DT 4 1_555 A DC 13 1_555 D DG 3 1_555 0.602  -0.925 3.447 2.451  1.006  29.715 -2.018 -0.631 3.452 1.957  -4.768 
29.830 10 BB_DA18DC19:DG3DT4_AA   B 18 ? A 4  ? B 19 ? A 3  ? 
1 A DC 13 1_555 D DG 3 1_555 A DG 14 1_555 D DC 2 1_555 0.314  0.084  3.118 -4.744 1.229  33.230 -0.045 -1.280 3.046 2.135  8.240 
33.580 11 BB_DC19DG20:DC2DG3_AA   B 19 ? A 3  ? B 20 ? A 2  ? 
1 A DG 14 1_555 D DC 2 1_555 A DA 15 1_555 D DT 1 1_555 0.142  -0.889 3.292 -3.452 2.272  38.301 -1.629 -0.641 3.211 3.450  5.242 
38.515 12 BB_DG20DA21:DT1DC2_AA   B 20 ? A 2  ? B 21 ? A 1  ? 
1 A DA 15 1_555 D DT 1 1_555 A DC 16 1_555 B DG 8 1_555 -0.987 -1.193 3.392 -0.732 0.246  34.504 -2.050 1.546  3.403 0.415  1.234 
34.513 13 BB_DA21DC22:DG35DT1_CA  B 21 ? A 1  ? B 22 ? C 35 ? 
1 A DC 16 1_555 B DG 8 1_555 A DG 17 1_555 B DC 7 1_555 -0.280 0.220  3.129 1.249  6.118  32.057 -0.630 0.706  3.104 10.948 -2.236 
32.644 14 BB_DC22DG23:DC34DG35_CC B 22 ? C 35 ? B 23 ? C 34 ? 
1 A DG 17 1_555 B DC 7 1_555 A DA 18 1_555 B DT 6 1_555 -0.054 -0.545 3.410 0.558  5.083  34.721 -1.689 0.175  3.299 8.460  -0.929 
35.084 15 BB_DG23DA24:DT33DC34_CC B 23 ? C 34 ? B 24 ? C 33 ? 
1 A DA 18 1_555 B DT 6 1_555 A DC 19 1_555 B DG 5 1_555 0.724  -0.884 3.434 -0.196 2.133  30.460 -2.119 -1.415 3.361 4.054  0.372 
30.534 16 BB_DA24DC25:DG32DT33_CC B 24 ? C 33 ? B 25 ? C 32 ? 
1 A DC 19 1_555 B DG 5 1_555 A DT 20 1_555 B DA 4 1_555 -0.123 -0.590 3.080 5.955  4.625  34.338 -1.620 1.029  2.917 7.719  -9.938 
35.132 17 BB_DC25DT26:DA31DG32_CC B 25 ? C 32 ? B 26 ? C 31 ? 
1 A DT 20 1_555 B DA 4 1_555 A DC 21 1_555 B DG 3 1_555 0.438  0.493  3.145 6.924  4.009  33.425 0.217  0.326  3.206 6.848  
-11.828 34.343 18 BB_DT26DC27:DG30DA31_CC B 26 ? C 31 ? B 27 ? C 30 ? 
# 
loop_
_pdbx_audit_support.funding_organization 
_pdbx_audit_support.country 
_pdbx_audit_support.grant_number 
_pdbx_audit_support.ordinal 
'National Science Foundation (NSF, United States)'                                         'United States' 1360635     1 
'National Institutes of Health/National Institute of General Medical Sciences (NIH/NIGMS)' 'United States' R01GM104960 2 
'National Science Foundation (NSF, United States)'                                         'United States' NSF2004250  3 
# 
_pdbx_entity_nonpoly.entity_id   5 
_pdbx_entity_nonpoly.name        'MAGNESIUM ION' 
_pdbx_entity_nonpoly.comp_id     MG 
# 
_pdbx_initial_refinement_model.id               1 
_pdbx_initial_refinement_model.entity_id_list   ? 
_pdbx_initial_refinement_model.type             'experimental model' 
_pdbx_initial_refinement_model.source_name      PDB 
_pdbx_initial_refinement_model.accession_code   5VY6 
_pdbx_initial_refinement_model.details          ? 
# 
_pdbx_struct_assembly_auth_evidence.id                     1 
_pdbx_struct_assembly_auth_evidence.assembly_id            1 
_pdbx_struct_assembly_auth_evidence.experimental_support   none 
_pdbx_struct_assembly_auth_evidence.details                ? 
# 
